data_6I2T
#
_entry.id   6I2T
#
_cell.length_a   1.0
_cell.length_b   1.0
_cell.length_c   1.0
_cell.angle_alpha   90.00
_cell.angle_beta   90.00
_cell.angle_gamma   90.00
#
_symmetry.space_group_name_H-M   'P 1'
#
loop_
_entity.id
_entity.type
_entity.pdbx_description
1 polymer Cholinesterase
2 polymer 'lamellipodin-derived polyproline peptide'
3 non-polymer 2-acetamido-2-deoxy-beta-D-glucopyranose
#
loop_
_entity_poly.entity_id
_entity_poly.type
_entity_poly.pdbx_seq_one_letter_code
_entity_poly.pdbx_strand_id
1 'polypeptide(L)'
;EDDIIIATKNGKVRGMNLTVFGGTVTAFLGIPYAQPPLGRLRFKKPQSLTKWSDIWNATKYANSCCQNIDQSFPGFHGSE
MWNPNTDLSEDCLYLNVWIPAPKPKNATVLIWIYGGGFQTGTSSLHVYDGKFLARVERVIVVSMNYRVGALGFLALPGNP
EAPGNMGLFDQQLALQWVQKNIAAFGGNPKSVTLFGESAGAASVSLHLLSPGSHSLFTRAILQSGSFNAPWAVTSLYEAR
NRTLNLAKLTGCSRENETEIIKCLRNKDPQEILLNEAFVVPYGTPLSVNFGPTVDGDFLTDMPDILLELGQFKKTQILVG
VNKDEGTAFLVYGAPGFSKDNNSIITRKEFQEGLKIFFPGVSEFGKESILFHYTDWVDDQRPENYREALGDVVGDYNFIC
PALEFTKKFSEWGNNAFFYYFEHRSSKLPWPEWMGVMHGYEIEFVFGLPLERRDNYTKAEEILSRSIVKRWANFAKYGNP
NETQNNSTSWPVFKSTEQKYLTLNTESTRIMTKLRAQQCRFWTSFFPKVLEMTGNIDEAEWEWKAGFHRWNNYMMDWKNQ
FNDYTSKKESCVGL
;
B,A,C,D
2 'polypeptide(L)' PPPPPPPPPPPP J
#
loop_
_chem_comp.id
_chem_comp.type
_chem_comp.name
_chem_comp.formula
NAG D-saccharide, beta linking 2-acetamido-2-deoxy-beta-D-glucopyranose 'C8 H15 N O6'
#
# COMPACT_ATOMS: atom_id res chain seq x y z
N ILE A 4 35.18 4.04 -79.22
CA ILE A 4 35.36 4.92 -78.07
C ILE A 4 36.06 4.14 -76.96
N ILE A 5 37.36 4.37 -76.83
CA ILE A 5 38.26 3.57 -76.01
C ILE A 5 39.20 4.53 -75.30
N ILE A 6 39.30 4.42 -73.98
CA ILE A 6 40.18 5.30 -73.22
C ILE A 6 41.22 4.46 -72.50
N ALA A 7 42.48 4.80 -72.73
CA ALA A 7 43.62 4.18 -72.07
C ALA A 7 43.82 4.71 -70.67
N THR A 8 43.79 3.81 -69.69
CA THR A 8 44.03 4.10 -68.29
C THR A 8 45.32 3.43 -67.88
N LYS A 9 45.77 3.72 -66.65
CA LYS A 9 46.97 3.10 -66.09
C LYS A 9 46.86 1.59 -66.05
N ASN A 10 45.66 1.05 -65.85
CA ASN A 10 45.50 -0.39 -65.75
C ASN A 10 45.21 -1.01 -67.12
N GLY A 11 44.92 -0.17 -68.12
CA GLY A 11 44.59 -0.64 -69.44
C GLY A 11 43.50 0.16 -70.13
N LYS A 12 43.23 -0.17 -71.39
CA LYS A 12 42.17 0.47 -72.16
C LYS A 12 40.80 -0.06 -71.76
N VAL A 13 39.81 0.83 -71.78
CA VAL A 13 38.43 0.47 -71.47
C VAL A 13 37.49 1.02 -72.53
N ARG A 14 36.53 0.20 -72.96
CA ARG A 14 35.55 0.56 -73.97
C ARG A 14 34.22 0.88 -73.28
N GLY A 15 33.57 1.96 -73.72
CA GLY A 15 32.27 2.38 -73.21
C GLY A 15 31.18 2.41 -74.26
N MET A 16 30.04 3.04 -73.98
CA MET A 16 28.96 3.10 -74.96
C MET A 16 28.33 4.48 -74.94
N ASN A 17 27.82 4.91 -76.09
CA ASN A 17 27.07 6.14 -76.17
C ASN A 17 25.58 5.94 -75.88
N LEU A 18 25.02 6.85 -75.10
CA LEU A 18 23.57 6.94 -74.86
C LEU A 18 23.08 8.28 -75.38
N THR A 19 21.88 8.27 -75.97
CA THR A 19 21.23 9.49 -76.45
C THR A 19 20.28 10.07 -75.41
N VAL A 20 20.64 11.23 -74.88
CA VAL A 20 19.92 11.92 -73.82
C VAL A 20 19.64 13.34 -74.31
N PHE A 21 18.35 13.70 -74.43
CA PHE A 21 17.90 15.07 -74.80
C PHE A 21 18.54 15.54 -76.10
N GLY A 22 18.67 14.63 -77.04
CA GLY A 22 19.25 14.96 -78.32
C GLY A 22 20.77 15.06 -78.31
N GLY A 23 21.41 14.65 -77.23
CA GLY A 23 22.86 14.65 -77.18
C GLY A 23 23.38 13.27 -76.84
N THR A 24 24.67 13.18 -76.57
CA THR A 24 25.32 11.92 -76.28
C THR A 24 26.14 11.97 -74.98
N VAL A 25 26.03 10.90 -74.21
CA VAL A 25 26.86 10.65 -73.05
C VAL A 25 27.58 9.32 -73.23
N THR A 26 28.86 9.29 -72.86
CA THR A 26 29.65 8.08 -72.90
C THR A 26 29.70 7.44 -71.52
N ALA A 27 29.18 6.22 -71.42
CA ALA A 27 29.05 5.50 -70.16
C ALA A 27 30.01 4.33 -70.13
N PHE A 28 30.74 4.22 -69.03
CA PHE A 28 31.58 3.06 -68.73
C PHE A 28 31.02 2.50 -67.43
N LEU A 29 30.29 1.40 -67.54
CA LEU A 29 29.63 0.79 -66.39
C LEU A 29 30.44 -0.39 -65.90
N GLY A 30 30.65 -0.47 -64.59
CA GLY A 30 31.28 -1.66 -64.03
C GLY A 30 32.77 -1.72 -64.28
N ILE A 31 33.47 -0.63 -64.01
CA ILE A 31 34.93 -0.67 -64.07
C ILE A 31 35.45 -1.22 -62.74
N PRO A 32 36.29 -2.23 -62.75
CA PRO A 32 36.88 -2.70 -61.49
C PRO A 32 37.89 -1.70 -60.95
N TYR A 33 37.84 -1.48 -59.63
CA TYR A 33 38.77 -0.60 -58.96
C TYR A 33 39.53 -1.26 -57.82
N ALA A 34 39.26 -2.52 -57.54
CA ALA A 34 39.97 -3.22 -56.47
C ALA A 34 40.01 -4.70 -56.79
N GLN A 35 40.87 -5.39 -56.08
CA GLN A 35 40.89 -6.83 -56.17
C GLN A 35 39.61 -7.39 -55.53
N PRO A 36 39.00 -8.41 -56.14
CA PRO A 36 37.78 -9.03 -55.59
C PRO A 36 37.99 -9.56 -54.19
N PRO A 37 37.16 -9.12 -53.22
CA PRO A 37 37.40 -9.50 -51.82
C PRO A 37 36.91 -10.90 -51.50
N LEU A 38 37.55 -11.88 -52.12
CA LEU A 38 37.12 -13.26 -52.01
C LEU A 38 38.15 -14.03 -51.21
N GLY A 39 37.69 -15.13 -50.61
CA GLY A 39 38.54 -16.04 -49.87
C GLY A 39 39.28 -15.35 -48.74
N ARG A 40 40.60 -15.31 -48.87
CA ARG A 40 41.44 -14.65 -47.88
C ARG A 40 41.29 -13.14 -47.91
N LEU A 41 40.77 -12.56 -48.99
CA LEU A 41 40.62 -11.12 -49.03
C LEU A 41 39.29 -10.69 -48.43
N ARG A 42 38.41 -11.64 -48.15
CA ARG A 42 37.15 -11.37 -47.50
C ARG A 42 37.42 -10.88 -46.08
N PHE A 43 36.78 -9.77 -45.69
CA PHE A 43 36.85 -9.02 -44.44
C PHE A 43 38.12 -8.18 -44.29
N LYS A 44 39.12 -8.36 -45.14
CA LYS A 44 40.31 -7.51 -45.08
C LYS A 44 40.02 -6.13 -45.66
N LYS A 45 40.98 -5.23 -45.43
CA LYS A 45 41.00 -3.94 -46.10
C LYS A 45 41.10 -4.16 -47.61
N PRO A 46 40.63 -3.20 -48.42
CA PRO A 46 40.77 -3.33 -49.87
C PRO A 46 42.21 -3.31 -50.32
N GLN A 47 42.48 -4.14 -51.33
CA GLN A 47 43.78 -4.22 -51.97
C GLN A 47 43.76 -3.50 -53.30
N SER A 48 44.85 -2.79 -53.58
CA SER A 48 45.02 -2.06 -54.84
C SER A 48 44.84 -3.00 -56.03
N LEU A 49 44.20 -2.49 -57.06
CA LEU A 49 44.01 -3.26 -58.28
C LEU A 49 45.32 -3.21 -59.04
N THR A 50 45.85 -4.39 -59.39
CA THR A 50 47.10 -4.43 -60.14
C THR A 50 46.93 -4.06 -61.61
N LYS A 51 46.52 -5.00 -62.45
CA LYS A 51 46.35 -4.75 -63.87
C LYS A 51 45.22 -5.63 -64.38
N TRP A 52 44.48 -5.12 -65.36
CA TRP A 52 43.55 -5.97 -66.10
C TRP A 52 44.12 -6.37 -67.45
N SER A 53 43.48 -7.38 -68.00
CA SER A 53 43.74 -8.05 -69.26
C SER A 53 42.98 -7.22 -70.27
N ASP A 54 43.50 -7.16 -71.53
CA ASP A 54 43.02 -6.42 -72.72
C ASP A 54 41.94 -5.36 -72.54
N ILE A 55 41.08 -5.10 -73.52
CA ILE A 55 40.10 -4.05 -73.31
C ILE A 55 38.80 -4.67 -72.84
N TRP A 56 38.42 -4.24 -71.65
CA TRP A 56 37.17 -4.54 -70.95
C TRP A 56 36.03 -3.71 -71.54
N ASN A 57 34.95 -4.38 -71.92
CA ASN A 57 33.82 -3.69 -72.54
C ASN A 57 32.88 -3.28 -71.41
N ALA A 58 33.03 -2.03 -70.96
CA ALA A 58 32.21 -1.45 -69.90
C ALA A 58 30.93 -0.87 -70.51
N THR A 59 30.04 -1.79 -70.89
CA THR A 59 28.78 -1.48 -71.56
C THR A 59 27.59 -2.11 -70.85
N LYS A 60 27.75 -2.59 -69.62
CA LYS A 60 26.61 -3.06 -68.84
C LYS A 60 26.92 -2.92 -67.36
N TYR A 61 25.85 -2.72 -66.59
CA TYR A 61 25.98 -2.62 -65.14
C TYR A 61 26.49 -3.93 -64.55
N ALA A 62 27.25 -3.81 -63.47
CA ALA A 62 27.82 -4.98 -62.86
C ALA A 62 26.83 -5.59 -61.87
N ASN A 63 27.24 -6.71 -61.29
CA ASN A 63 26.52 -7.35 -60.20
C ASN A 63 26.36 -6.37 -59.05
N SER A 64 25.20 -6.39 -58.39
CA SER A 64 25.18 -5.60 -57.17
C SER A 64 25.78 -6.41 -56.02
N CYS A 65 26.25 -5.67 -55.02
CA CYS A 65 26.88 -6.31 -53.88
C CYS A 65 25.81 -6.96 -53.01
N CYS A 66 26.21 -8.04 -52.32
CA CYS A 66 25.32 -8.80 -51.45
C CYS A 66 24.66 -7.92 -50.38
N GLN A 67 23.34 -8.08 -50.26
CA GLN A 67 22.51 -7.32 -49.35
C GLN A 67 21.16 -8.04 -49.23
N ASN A 68 20.44 -7.77 -48.14
CA ASN A 68 19.06 -8.21 -48.09
C ASN A 68 18.19 -7.29 -48.94
N ILE A 69 17.04 -7.81 -49.36
CA ILE A 69 16.17 -7.11 -50.29
C ILE A 69 14.89 -6.71 -49.57
N ASP A 70 14.39 -5.52 -49.86
CA ASP A 70 13.08 -5.13 -49.32
C ASP A 70 12.01 -5.88 -50.10
N GLN A 71 11.21 -6.66 -49.37
CA GLN A 71 10.18 -7.50 -49.96
C GLN A 71 8.87 -7.31 -49.22
N SER A 72 8.74 -6.22 -48.46
CA SER A 72 7.53 -5.96 -47.69
C SER A 72 6.32 -5.67 -48.55
N PHE A 73 6.50 -5.21 -49.78
CA PHE A 73 5.39 -4.86 -50.66
C PHE A 73 5.69 -5.39 -52.06
N PRO A 74 5.39 -6.68 -52.30
CA PRO A 74 5.67 -7.30 -53.61
C PRO A 74 4.90 -6.63 -54.74
N GLY A 75 5.63 -6.15 -55.74
CA GLY A 75 5.04 -5.56 -56.92
C GLY A 75 4.77 -4.08 -56.80
N PHE A 76 4.95 -3.50 -55.62
CA PHE A 76 4.71 -2.09 -55.40
C PHE A 76 5.96 -1.31 -55.82
N HIS A 77 5.80 -0.42 -56.80
CA HIS A 77 6.92 0.35 -57.36
C HIS A 77 7.61 1.22 -56.32
N GLY A 78 6.85 1.76 -55.35
CA GLY A 78 7.42 2.61 -54.32
C GLY A 78 8.56 1.99 -53.54
N SER A 79 8.43 0.71 -53.19
CA SER A 79 9.50 0.05 -52.45
C SER A 79 10.49 -0.65 -53.37
N GLU A 80 10.01 -1.27 -54.45
CA GLU A 80 10.86 -2.07 -55.32
C GLU A 80 11.80 -1.25 -56.17
N MET A 81 11.59 0.06 -56.30
CA MET A 81 12.48 0.84 -57.15
C MET A 81 13.83 1.08 -56.52
N TRP A 82 13.98 0.85 -55.22
CA TRP A 82 15.28 0.97 -54.59
C TRP A 82 15.99 -0.37 -54.41
N ASN A 83 15.30 -1.49 -54.57
CA ASN A 83 15.96 -2.78 -54.52
C ASN A 83 16.88 -2.98 -55.73
N PRO A 84 18.02 -3.66 -55.54
CA PRO A 84 18.91 -3.93 -56.66
C PRO A 84 18.27 -4.84 -57.70
N ASN A 85 18.64 -4.62 -58.95
CA ASN A 85 17.99 -5.27 -60.08
C ASN A 85 18.97 -6.15 -60.85
N THR A 86 20.11 -6.49 -60.24
CA THR A 86 21.03 -7.49 -60.77
C THR A 86 21.44 -8.45 -59.66
N ASP A 87 22.15 -9.52 -60.08
CA ASP A 87 22.67 -10.54 -59.20
C ASP A 87 23.57 -10.02 -58.07
N LEU A 88 23.48 -10.70 -56.94
CA LEU A 88 24.26 -10.44 -55.74
C LEU A 88 25.54 -11.26 -55.75
N SER A 89 26.64 -10.65 -55.29
CA SER A 89 27.93 -11.32 -55.28
C SER A 89 28.89 -10.57 -54.38
N GLU A 90 29.88 -11.31 -53.86
CA GLU A 90 30.96 -10.75 -53.06
C GLU A 90 31.98 -9.98 -53.88
N ASP A 91 32.08 -10.30 -55.17
CA ASP A 91 32.99 -9.65 -56.11
C ASP A 91 32.20 -8.45 -56.64
N CYS A 92 32.30 -7.32 -55.94
CA CYS A 92 31.37 -6.22 -56.18
C CYS A 92 32.02 -4.85 -56.18
N LEU A 93 33.35 -4.77 -56.08
CA LEU A 93 34.04 -3.48 -56.00
C LEU A 93 34.25 -2.93 -57.42
N TYR A 94 33.19 -2.32 -57.95
CA TYR A 94 33.23 -1.78 -59.31
C TYR A 94 32.66 -0.37 -59.32
N LEU A 95 33.05 0.44 -60.32
CA LEU A 95 32.43 1.75 -60.45
C LEU A 95 31.96 2.01 -61.88
N ASN A 96 31.10 3.03 -62.00
CA ASN A 96 30.51 3.49 -63.25
C ASN A 96 30.84 4.97 -63.42
N VAL A 97 31.16 5.35 -64.64
CA VAL A 97 31.50 6.72 -64.99
C VAL A 97 30.68 7.18 -66.21
N TRP A 98 29.99 8.32 -66.08
CA TRP A 98 29.28 8.94 -67.20
C TRP A 98 29.98 10.25 -67.54
N ILE A 99 30.33 10.40 -68.82
CA ILE A 99 31.07 11.56 -69.31
C ILE A 99 30.25 12.22 -70.41
N PRO A 100 30.16 13.55 -70.45
CA PRO A 100 29.46 14.21 -71.57
C PRO A 100 30.21 14.00 -72.87
N ALA A 101 29.46 14.03 -73.97
CA ALA A 101 30.18 14.05 -75.22
C ALA A 101 29.84 15.31 -75.99
N PRO A 102 30.84 16.00 -76.60
CA PRO A 102 32.27 15.69 -76.62
C PRO A 102 33.03 15.89 -75.32
N LYS A 103 34.21 15.29 -75.26
CA LYS A 103 35.00 15.19 -74.04
C LYS A 103 35.37 16.56 -73.49
N PRO A 104 35.07 16.85 -72.23
CA PRO A 104 35.52 18.10 -71.61
C PRO A 104 37.02 18.08 -71.40
N LYS A 105 37.59 19.25 -71.16
CA LYS A 105 39.03 19.33 -71.02
C LYS A 105 39.49 19.45 -69.58
N ASN A 106 38.64 19.99 -68.69
CA ASN A 106 39.06 20.20 -67.30
C ASN A 106 37.80 20.29 -66.44
N ALA A 107 36.93 19.29 -66.55
CA ALA A 107 35.62 19.30 -65.91
C ALA A 107 35.63 19.02 -64.40
N THR A 108 34.64 19.60 -63.73
CA THR A 108 34.37 19.32 -62.32
C THR A 108 33.68 17.96 -62.22
N VAL A 109 34.07 17.15 -61.23
CA VAL A 109 33.56 15.79 -61.08
C VAL A 109 32.61 15.72 -59.89
N LEU A 110 31.46 15.09 -60.11
CA LEU A 110 30.52 14.76 -59.03
C LEU A 110 30.58 13.27 -58.76
N ILE A 111 30.84 12.92 -57.50
CA ILE A 111 30.91 11.54 -57.05
C ILE A 111 29.71 11.17 -56.19
N TRP A 112 28.91 10.22 -56.66
CA TRP A 112 27.70 9.82 -55.98
C TRP A 112 27.98 8.66 -55.03
N ILE A 113 27.47 8.78 -53.82
CA ILE A 113 27.55 7.74 -52.81
C ILE A 113 26.13 7.36 -52.43
N TYR A 114 25.69 6.17 -52.81
CA TYR A 114 24.33 5.75 -52.50
C TYR A 114 24.13 5.65 -50.99
N GLY A 115 22.86 5.69 -50.59
CA GLY A 115 22.46 5.41 -49.24
C GLY A 115 21.74 4.08 -49.10
N GLY A 116 21.02 3.95 -47.99
CA GLY A 116 20.40 2.70 -47.62
C GLY A 116 20.76 2.29 -46.22
N GLY A 117 21.04 3.28 -45.37
CA GLY A 117 21.29 3.05 -43.95
C GLY A 117 22.44 2.11 -43.67
N PHE A 118 23.46 2.09 -44.56
CA PHE A 118 24.65 1.24 -44.49
C PHE A 118 24.36 -0.26 -44.57
N GLN A 119 23.10 -0.66 -44.77
CA GLN A 119 22.79 -2.08 -44.89
C GLN A 119 22.44 -2.49 -46.32
N THR A 120 21.99 -1.55 -47.15
CA THR A 120 21.45 -1.88 -48.46
C THR A 120 21.85 -0.78 -49.44
N GLY A 121 21.40 -0.93 -50.68
CA GLY A 121 21.64 0.03 -51.74
C GLY A 121 22.56 -0.52 -52.81
N THR A 122 22.58 0.18 -53.95
CA THR A 122 23.37 -0.16 -55.12
C THR A 122 23.38 1.01 -56.09
N SER A 123 24.49 1.12 -56.86
CA SER A 123 24.70 2.27 -57.72
C SER A 123 23.96 2.10 -59.05
N SER A 124 23.28 0.97 -59.27
CA SER A 124 22.72 0.63 -60.56
C SER A 124 21.24 0.93 -60.64
N LEU A 125 20.72 1.59 -59.62
CA LEU A 125 19.33 2.01 -59.63
C LEU A 125 19.09 3.03 -60.73
N HIS A 126 17.87 3.01 -61.29
CA HIS A 126 17.50 3.94 -62.36
C HIS A 126 17.58 5.37 -61.87
N VAL A 127 17.20 5.58 -60.62
CA VAL A 127 17.20 6.88 -59.96
C VAL A 127 18.62 7.38 -59.67
N TYR A 128 19.64 6.57 -59.98
CA TYR A 128 21.03 7.02 -59.90
C TYR A 128 21.71 7.04 -61.25
N ASP A 129 20.95 7.04 -62.34
CA ASP A 129 21.53 7.12 -63.66
C ASP A 129 22.11 8.54 -63.81
N GLY A 130 23.41 8.63 -64.05
CA GLY A 130 24.05 9.93 -64.10
C GLY A 130 24.13 10.55 -65.47
N LYS A 131 23.47 9.96 -66.47
CA LYS A 131 23.50 10.49 -67.82
C LYS A 131 22.86 11.87 -67.92
N PHE A 132 21.86 12.15 -67.08
CA PHE A 132 21.14 13.42 -67.18
C PHE A 132 22.00 14.59 -66.73
N LEU A 133 22.65 14.45 -65.57
CA LEU A 133 23.53 15.50 -65.04
C LEU A 133 24.69 15.76 -66.00
N ALA A 134 25.19 14.71 -66.62
CA ALA A 134 26.29 14.83 -67.56
C ALA A 134 25.83 15.56 -68.81
N ARG A 135 24.62 15.24 -69.28
CA ARG A 135 24.08 15.92 -70.46
C ARG A 135 23.85 17.40 -70.17
N VAL A 136 23.24 17.72 -69.04
CA VAL A 136 22.74 19.07 -68.83
C VAL A 136 23.83 20.00 -68.30
N GLU A 137 24.71 19.54 -67.41
CA GLU A 137 25.71 20.44 -66.85
C GLU A 137 27.12 20.15 -67.33
N ARG A 138 27.27 19.34 -68.36
CA ARG A 138 28.52 18.90 -69.03
C ARG A 138 29.64 18.52 -68.04
N VAL A 139 29.27 17.97 -66.89
CA VAL A 139 30.21 17.51 -65.89
C VAL A 139 30.29 15.99 -65.95
N ILE A 140 31.38 15.45 -65.41
CA ILE A 140 31.54 14.01 -65.28
C ILE A 140 31.01 13.53 -63.94
N VAL A 141 30.24 12.45 -63.97
CA VAL A 141 29.69 11.84 -62.75
C VAL A 141 30.24 10.42 -62.60
N VAL A 142 30.78 10.11 -61.43
CA VAL A 142 31.22 8.77 -61.12
C VAL A 142 30.50 8.25 -59.88
N SER A 143 30.11 6.98 -59.91
CA SER A 143 29.58 6.30 -58.73
C SER A 143 30.17 4.91 -58.63
N MET A 144 30.32 4.42 -57.40
CA MET A 144 30.93 3.12 -57.17
C MET A 144 30.05 2.29 -56.25
N ASN A 145 30.17 0.97 -56.39
CA ASN A 145 29.65 0.06 -55.39
C ASN A 145 30.68 -0.12 -54.27
N TYR A 146 30.20 -0.06 -53.04
CA TYR A 146 30.97 -0.32 -51.83
C TYR A 146 30.26 -1.31 -50.92
N ARG A 147 31.07 -2.12 -50.23
CA ARG A 147 30.57 -3.15 -49.32
C ARG A 147 29.73 -2.54 -48.19
N VAL A 148 28.56 -3.14 -47.95
CA VAL A 148 27.65 -2.78 -46.88
C VAL A 148 27.53 -3.92 -45.88
N GLY A 149 26.85 -3.62 -44.77
CA GLY A 149 26.62 -4.54 -43.67
C GLY A 149 27.89 -5.00 -43.01
N ALA A 150 27.82 -6.20 -42.41
CA ALA A 150 28.96 -6.82 -41.73
C ALA A 150 30.15 -6.96 -42.66
N LEU A 151 29.88 -7.28 -43.93
CA LEU A 151 30.93 -7.39 -44.94
C LEU A 151 31.69 -6.08 -45.13
N GLY A 152 31.04 -4.96 -44.84
CA GLY A 152 31.63 -3.65 -45.01
C GLY A 152 32.19 -3.15 -43.68
N PHE A 153 31.60 -3.61 -42.56
CA PHE A 153 31.87 -3.03 -41.26
C PHE A 153 32.05 -4.00 -40.09
N LEU A 154 32.29 -5.30 -40.32
CA LEU A 154 32.69 -6.17 -39.21
C LEU A 154 33.94 -5.59 -38.58
N ALA A 155 33.97 -5.49 -37.25
CA ALA A 155 35.08 -4.80 -36.62
C ALA A 155 35.70 -5.57 -35.47
N LEU A 156 37.01 -5.78 -35.58
CA LEU A 156 37.89 -6.17 -34.48
C LEU A 156 39.10 -5.25 -34.61
N PRO A 157 39.01 -4.03 -34.05
CA PRO A 157 40.01 -2.99 -34.36
C PRO A 157 41.40 -3.34 -33.85
N GLY A 158 42.39 -3.03 -34.67
CA GLY A 158 43.76 -3.37 -34.40
C GLY A 158 44.24 -4.59 -35.18
N ASN A 159 43.30 -5.41 -35.62
CA ASN A 159 43.60 -6.62 -36.35
C ASN A 159 43.43 -6.31 -37.83
N PRO A 160 44.51 -6.36 -38.63
CA PRO A 160 44.40 -5.96 -40.05
C PRO A 160 43.58 -6.93 -40.90
N GLU A 161 43.20 -8.07 -40.36
CA GLU A 161 42.38 -9.03 -41.09
C GLU A 161 40.93 -8.58 -41.12
N ALA A 162 40.51 -7.77 -40.12
CA ALA A 162 39.16 -7.22 -40.05
C ALA A 162 39.10 -6.00 -39.12
N PRO A 163 39.72 -4.88 -39.49
CA PRO A 163 39.92 -3.79 -38.52
C PRO A 163 38.68 -2.95 -38.30
N GLY A 164 37.64 -3.15 -39.10
CA GLY A 164 36.50 -2.27 -39.05
C GLY A 164 36.59 -1.19 -40.11
N ASN A 165 35.42 -0.61 -40.43
CA ASN A 165 35.27 0.51 -41.36
C ASN A 165 35.83 0.21 -42.75
N MET A 166 35.81 -1.08 -43.13
CA MET A 166 36.34 -1.50 -44.42
C MET A 166 35.62 -0.82 -45.58
N GLY A 167 34.29 -0.72 -45.51
CA GLY A 167 33.54 0.00 -46.53
C GLY A 167 33.99 1.44 -46.70
N LEU A 168 34.26 2.11 -45.59
CA LEU A 168 34.79 3.46 -45.63
C LEU A 168 36.16 3.50 -46.30
N PHE A 169 37.02 2.53 -45.96
CA PHE A 169 38.32 2.43 -46.59
C PHE A 169 38.22 2.07 -48.07
N ASP A 170 37.11 1.44 -48.46
CA ASP A 170 36.86 1.15 -49.87
C ASP A 170 36.59 2.44 -50.59
N GLN A 171 35.71 3.26 -49.99
CA GLN A 171 35.41 4.58 -50.49
C GLN A 171 36.68 5.40 -50.67
N GLN A 172 37.56 5.38 -49.66
CA GLN A 172 38.77 6.18 -49.70
C GLN A 172 39.66 5.72 -50.85
N LEU A 173 39.83 4.40 -50.98
CA LEU A 173 40.65 3.85 -52.06
C LEU A 173 40.06 4.21 -53.42
N ALA A 174 38.73 4.22 -53.51
CA ALA A 174 38.07 4.63 -54.74
C ALA A 174 38.38 6.09 -55.05
N LEU A 175 38.41 6.94 -54.03
CA LEU A 175 38.80 8.33 -54.21
C LEU A 175 40.22 8.40 -54.76
N GLN A 176 41.11 7.58 -54.19
CA GLN A 176 42.48 7.48 -54.66
C GLN A 176 42.52 7.08 -56.13
N TRP A 177 41.67 6.11 -56.51
CA TRP A 177 41.57 5.68 -57.91
C TRP A 177 41.12 6.82 -58.80
N VAL A 178 40.24 7.68 -58.27
CA VAL A 178 39.74 8.82 -59.03
C VAL A 178 40.86 9.83 -59.25
N GLN A 179 41.62 10.10 -58.18
CA GLN A 179 42.80 10.96 -58.26
C GLN A 179 43.80 10.43 -59.29
N LYS A 180 44.00 9.11 -59.30
CA LYS A 180 44.95 8.46 -60.19
C LYS A 180 44.48 8.45 -61.63
N ASN A 181 43.17 8.43 -61.87
CA ASN A 181 42.68 8.09 -63.19
C ASN A 181 41.86 9.18 -63.89
N ILE A 182 41.28 10.12 -63.14
CA ILE A 182 40.33 11.10 -63.65
C ILE A 182 40.90 11.95 -64.79
N ALA A 183 42.22 12.23 -64.76
CA ALA A 183 42.86 12.97 -65.85
C ALA A 183 42.69 12.30 -67.20
N ALA A 184 42.67 10.96 -67.23
CA ALA A 184 42.50 10.23 -68.48
C ALA A 184 41.09 10.36 -69.02
N PHE A 185 40.14 10.72 -68.16
CA PHE A 185 38.77 10.98 -68.55
C PHE A 185 38.52 12.45 -68.84
N GLY A 186 39.54 13.30 -68.78
CA GLY A 186 39.32 14.71 -68.99
C GLY A 186 38.93 15.45 -67.74
N GLY A 187 39.22 14.89 -66.57
CA GLY A 187 38.83 15.46 -65.31
C GLY A 187 39.89 16.33 -64.66
N ASN A 188 39.41 17.22 -63.79
CA ASN A 188 40.26 18.10 -63.00
C ASN A 188 40.36 17.59 -61.59
N PRO A 189 41.50 17.01 -61.17
CA PRO A 189 41.61 16.48 -59.80
C PRO A 189 41.61 17.54 -58.72
N LYS A 190 41.71 18.82 -59.08
CA LYS A 190 41.69 19.91 -58.13
C LYS A 190 40.32 20.56 -57.99
N SER A 191 39.32 20.05 -58.72
CA SER A 191 37.91 20.45 -58.60
C SER A 191 37.10 19.17 -58.46
N VAL A 192 37.05 18.61 -57.26
CA VAL A 192 36.38 17.35 -57.00
C VAL A 192 35.30 17.52 -55.93
N THR A 193 34.04 17.19 -56.27
CA THR A 193 32.94 17.30 -55.30
C THR A 193 32.28 15.97 -54.99
N LEU A 194 32.23 15.64 -53.70
CA LEU A 194 31.54 14.45 -53.19
C LEU A 194 30.08 14.74 -52.84
N PHE A 195 29.16 13.84 -53.17
CA PHE A 195 27.83 13.99 -52.58
C PHE A 195 27.18 12.62 -52.31
N GLY A 196 26.30 12.59 -51.29
CA GLY A 196 25.59 11.37 -50.93
C GLY A 196 24.48 11.69 -49.94
N GLU A 197 23.61 10.70 -49.73
CA GLU A 197 22.46 10.89 -48.84
C GLU A 197 22.32 9.80 -47.79
N SER A 198 21.92 10.20 -46.57
CA SER A 198 21.64 9.42 -45.36
C SER A 198 22.79 8.60 -44.79
N ALA A 199 23.65 8.16 -45.65
CA ALA A 199 24.86 7.43 -45.34
C ALA A 199 25.97 7.88 -46.25
N GLY A 200 25.61 8.38 -47.43
CA GLY A 200 26.54 9.05 -48.29
C GLY A 200 27.03 10.33 -47.65
N ALA A 201 26.10 11.06 -47.05
CA ALA A 201 26.45 12.28 -46.35
C ALA A 201 27.25 12.00 -45.10
N ALA A 202 26.86 11.00 -44.32
CA ALA A 202 27.68 10.56 -43.20
C ALA A 202 29.09 10.18 -43.62
N SER A 203 29.23 9.42 -44.71
CA SER A 203 30.55 9.07 -45.22
C SER A 203 31.39 10.28 -45.63
N VAL A 204 30.82 11.17 -46.47
CA VAL A 204 31.56 12.36 -46.90
C VAL A 204 31.99 13.18 -45.69
N SER A 205 31.08 13.30 -44.71
CA SER A 205 31.36 14.10 -43.53
C SER A 205 32.47 13.45 -42.73
N LEU A 206 32.58 12.13 -42.84
CA LEU A 206 33.67 11.43 -42.20
C LEU A 206 34.97 11.65 -42.97
N HIS A 207 34.87 11.79 -44.30
CA HIS A 207 36.06 12.14 -45.06
C HIS A 207 36.57 13.53 -44.73
N LEU A 208 35.69 14.43 -44.27
CA LEU A 208 36.21 15.70 -43.76
C LEU A 208 37.08 15.49 -42.53
N LEU A 209 36.80 14.46 -41.75
CA LEU A 209 37.56 14.19 -40.54
C LEU A 209 38.75 13.26 -40.76
N SER A 210 38.74 12.43 -41.81
CA SER A 210 39.76 11.41 -41.97
C SER A 210 41.01 11.94 -42.66
N PRO A 211 42.16 11.95 -41.97
CA PRO A 211 43.43 12.46 -42.53
C PRO A 211 43.82 11.85 -43.85
N GLY A 212 43.49 10.58 -44.07
CA GLY A 212 43.78 9.97 -45.36
C GLY A 212 42.96 10.55 -46.48
N SER A 213 41.84 11.20 -46.17
CA SER A 213 40.97 11.80 -47.16
C SER A 213 41.28 13.28 -47.40
N HIS A 214 42.36 13.79 -46.82
CA HIS A 214 42.52 15.21 -46.59
C HIS A 214 42.84 16.01 -47.85
N SER A 215 43.12 15.37 -48.97
CA SER A 215 43.60 16.13 -50.10
C SER A 215 43.05 15.63 -51.43
N LEU A 216 41.99 14.84 -51.42
CA LEU A 216 41.45 14.28 -52.64
C LEU A 216 40.12 14.88 -53.11
N PHE A 217 39.61 15.91 -52.45
CA PHE A 217 38.40 16.54 -52.96
C PHE A 217 38.34 17.98 -52.51
N THR A 218 37.38 18.70 -53.07
CA THR A 218 37.22 20.13 -52.83
C THR A 218 36.02 20.49 -51.99
N ARG A 219 34.83 19.97 -52.31
CA ARG A 219 33.62 20.41 -51.63
C ARG A 219 32.72 19.21 -51.41
N ALA A 220 31.56 19.46 -50.80
CA ALA A 220 30.76 18.39 -50.24
C ALA A 220 29.29 18.78 -50.14
N ILE A 221 28.41 17.90 -50.62
CA ILE A 221 26.97 18.10 -50.49
C ILE A 221 26.42 16.95 -49.66
N LEU A 222 25.65 17.30 -48.63
CA LEU A 222 25.14 16.40 -47.61
C LEU A 222 23.62 16.45 -47.58
N GLN A 223 22.98 15.41 -48.10
CA GLN A 223 21.54 15.37 -48.13
C GLN A 223 21.03 14.52 -46.98
N SER A 224 20.30 15.14 -46.04
CA SER A 224 19.64 14.46 -44.92
C SER A 224 20.53 13.53 -44.09
N GLY A 225 21.60 14.05 -43.52
CA GLY A 225 22.46 13.16 -42.77
C GLY A 225 23.80 13.69 -42.30
N SER A 226 24.27 13.15 -41.17
CA SER A 226 25.59 13.43 -40.61
C SER A 226 25.90 12.44 -39.51
N PHE A 227 27.20 12.29 -39.28
CA PHE A 227 27.78 11.29 -38.38
C PHE A 227 27.33 11.42 -36.94
N ASN A 228 26.83 12.56 -36.54
CA ASN A 228 26.50 12.80 -35.16
C ASN A 228 25.08 12.38 -34.84
N ALA A 229 24.37 11.83 -35.81
CA ALA A 229 23.09 11.24 -35.51
C ALA A 229 23.29 9.99 -34.64
N PRO A 230 22.34 9.70 -33.73
CA PRO A 230 22.57 8.62 -32.74
C PRO A 230 22.73 7.25 -33.36
N TRP A 231 22.23 7.05 -34.57
CA TRP A 231 22.27 5.76 -35.22
C TRP A 231 23.47 5.65 -36.14
N ALA A 232 24.21 6.73 -36.30
CA ALA A 232 25.19 6.79 -37.37
C ALA A 232 26.45 6.03 -37.02
N VAL A 233 26.95 6.20 -35.80
CA VAL A 233 28.23 5.63 -35.40
C VAL A 233 28.01 4.82 -34.13
N THR A 234 28.55 3.61 -34.09
CA THR A 234 28.47 2.73 -32.94
C THR A 234 29.77 2.87 -32.16
N SER A 235 29.64 2.89 -30.82
CA SER A 235 30.83 2.86 -29.96
C SER A 235 31.68 1.62 -30.23
N LEU A 236 32.99 1.80 -29.96
CA LEU A 236 34.01 0.77 -30.18
C LEU A 236 33.67 -0.57 -29.54
N TYR A 237 33.20 -0.54 -28.28
CA TYR A 237 32.96 -1.80 -27.60
C TYR A 237 31.59 -2.36 -27.87
N GLU A 238 30.65 -1.53 -28.32
CA GLU A 238 29.38 -2.06 -28.78
C GLU A 238 29.55 -2.76 -30.12
N ALA A 239 30.38 -2.18 -30.98
CA ALA A 239 30.75 -2.80 -32.25
C ALA A 239 31.42 -4.15 -32.05
N ARG A 240 32.51 -4.16 -31.25
CA ARG A 240 33.19 -5.42 -30.92
C ARG A 240 32.24 -6.45 -30.33
N ASN A 241 31.39 -6.04 -29.37
CA ASN A 241 30.39 -6.93 -28.77
C ASN A 241 29.50 -7.55 -29.84
N ARG A 242 29.02 -6.71 -30.78
CA ARG A 242 28.17 -7.17 -31.88
C ARG A 242 28.91 -8.16 -32.76
N THR A 243 30.20 -7.89 -33.02
CA THR A 243 31.04 -8.81 -33.79
C THR A 243 31.12 -10.16 -33.09
N LEU A 244 31.45 -10.15 -31.79
CA LEU A 244 31.47 -11.37 -30.98
C LEU A 244 30.14 -12.10 -31.00
N ASN A 245 29.02 -11.35 -31.03
CA ASN A 245 27.72 -11.98 -31.03
C ASN A 245 27.40 -12.62 -32.38
N LEU A 246 27.76 -11.94 -33.47
CA LEU A 246 27.60 -12.52 -34.81
C LEU A 246 28.41 -13.80 -34.94
N ALA A 247 29.65 -13.77 -34.42
CA ALA A 247 30.50 -14.96 -34.33
C ALA A 247 29.81 -16.08 -33.58
N LYS A 248 29.16 -15.75 -32.45
CA LYS A 248 28.44 -16.74 -31.66
C LYS A 248 27.29 -17.35 -32.46
N LEU A 249 26.46 -16.48 -33.07
CA LEU A 249 25.32 -16.89 -33.90
C LEU A 249 25.72 -17.80 -35.06
N THR A 250 26.95 -17.68 -35.56
CA THR A 250 27.43 -18.38 -36.75
C THR A 250 28.38 -19.53 -36.41
N GLY A 251 28.60 -19.80 -35.12
CA GLY A 251 29.52 -20.84 -34.69
C GLY A 251 30.99 -20.54 -34.87
N CYS A 252 31.37 -19.27 -34.71
CA CYS A 252 32.74 -18.79 -34.81
C CYS A 252 33.29 -18.23 -33.52
N SER A 253 32.60 -18.40 -32.38
CA SER A 253 33.19 -17.99 -31.12
C SER A 253 34.43 -18.84 -30.87
N ARG A 254 35.59 -18.20 -30.75
CA ARG A 254 36.84 -18.93 -30.58
C ARG A 254 37.67 -18.24 -29.52
N GLU A 255 38.77 -18.91 -29.13
CA GLU A 255 39.80 -18.35 -28.27
C GLU A 255 40.23 -16.95 -28.70
N ASN A 256 40.98 -16.90 -29.80
CA ASN A 256 41.53 -15.67 -30.34
C ASN A 256 40.75 -15.20 -31.55
N GLU A 257 41.13 -14.01 -32.02
CA GLU A 257 40.41 -13.31 -33.08
C GLU A 257 40.61 -14.01 -34.42
N THR A 258 41.85 -14.44 -34.70
CA THR A 258 42.14 -15.01 -36.01
C THR A 258 41.46 -16.36 -36.25
N GLU A 259 41.09 -17.10 -35.21
CA GLU A 259 40.35 -18.33 -35.46
C GLU A 259 38.90 -18.02 -35.79
N ILE A 260 38.36 -17.00 -35.11
CA ILE A 260 37.03 -16.50 -35.38
C ILE A 260 36.93 -16.09 -36.85
N ILE A 261 37.88 -15.27 -37.30
CA ILE A 261 37.90 -14.85 -38.70
C ILE A 261 38.11 -16.01 -39.66
N LYS A 262 38.98 -16.98 -39.33
CA LYS A 262 39.16 -18.15 -40.20
C LYS A 262 37.84 -18.88 -40.47
N CYS A 263 37.04 -19.11 -39.43
CA CYS A 263 35.76 -19.78 -39.71
C CYS A 263 34.79 -18.82 -40.40
N LEU A 264 34.81 -17.54 -40.03
CA LEU A 264 33.90 -16.58 -40.67
C LEU A 264 34.22 -16.33 -42.14
N ARG A 265 35.47 -16.53 -42.57
CA ARG A 265 35.79 -16.40 -43.99
C ARG A 265 35.25 -17.54 -44.82
N ASN A 266 34.87 -18.65 -44.18
CA ASN A 266 34.31 -19.78 -44.89
C ASN A 266 32.79 -19.77 -44.93
N LYS A 267 32.13 -18.83 -44.26
CA LYS A 267 30.69 -18.83 -44.31
C LYS A 267 30.17 -18.20 -45.59
N ASP A 268 29.05 -18.73 -46.07
CA ASP A 268 28.32 -18.15 -47.18
C ASP A 268 27.81 -16.75 -46.82
N PRO A 269 27.76 -15.84 -47.80
CA PRO A 269 27.18 -14.49 -47.53
C PRO A 269 25.77 -14.54 -46.98
N GLN A 270 24.96 -15.50 -47.44
CA GLN A 270 23.57 -15.63 -47.00
C GLN A 270 23.48 -15.94 -45.51
N GLU A 271 24.42 -16.74 -44.98
CA GLU A 271 24.42 -17.09 -43.56
C GLU A 271 24.65 -15.84 -42.70
N ILE A 272 25.57 -14.99 -43.16
CA ILE A 272 25.83 -13.72 -42.49
C ILE A 272 24.60 -12.83 -42.58
N LEU A 273 23.97 -12.78 -43.76
CA LEU A 273 22.80 -11.91 -43.94
C LEU A 273 21.67 -12.36 -43.03
N LEU A 274 21.45 -13.68 -42.92
CA LEU A 274 20.37 -14.15 -42.06
C LEU A 274 20.73 -14.05 -40.59
N ASN A 275 22.01 -13.81 -40.25
CA ASN A 275 22.35 -13.72 -38.83
C ASN A 275 22.53 -12.29 -38.36
N GLU A 276 22.67 -11.34 -39.30
CA GLU A 276 22.88 -9.93 -38.99
C GLU A 276 21.84 -9.32 -38.04
N ALA A 277 20.59 -9.77 -38.11
CA ALA A 277 19.48 -9.18 -37.38
C ALA A 277 19.39 -9.57 -35.91
N PHE A 278 20.30 -10.39 -35.39
CA PHE A 278 20.18 -10.83 -34.00
C PHE A 278 21.29 -10.35 -33.09
N VAL A 279 22.25 -9.57 -33.61
CA VAL A 279 23.34 -9.09 -32.76
C VAL A 279 22.93 -7.96 -31.83
N VAL A 280 21.77 -7.35 -32.03
CA VAL A 280 21.29 -6.25 -31.21
C VAL A 280 19.97 -6.67 -30.57
N PRO A 281 19.86 -6.59 -29.24
CA PRO A 281 18.66 -7.09 -28.55
C PRO A 281 17.39 -6.31 -28.86
N TYR A 282 17.48 -5.00 -29.10
CA TYR A 282 16.29 -4.16 -29.31
C TYR A 282 16.57 -3.11 -30.36
N GLY A 283 16.38 -3.47 -31.62
CA GLY A 283 16.74 -2.60 -32.72
C GLY A 283 15.56 -1.75 -33.16
N THR A 284 15.88 -0.71 -33.91
CA THR A 284 14.92 0.21 -34.49
C THR A 284 14.90 0.06 -35.99
N PRO A 285 13.89 0.60 -36.70
CA PRO A 285 13.95 0.59 -38.17
C PRO A 285 15.16 1.31 -38.76
N LEU A 286 15.87 2.11 -37.97
CA LEU A 286 17.06 2.80 -38.41
C LEU A 286 18.30 2.21 -37.74
N SER A 287 18.21 0.98 -37.24
CA SER A 287 19.33 0.40 -36.50
C SER A 287 20.37 -0.10 -37.49
N VAL A 288 21.61 0.33 -37.26
CA VAL A 288 22.78 -0.08 -38.02
C VAL A 288 23.58 -1.10 -37.21
N ASN A 289 23.39 -2.39 -37.54
CA ASN A 289 24.11 -3.46 -36.84
C ASN A 289 25.62 -3.30 -36.99
N PHE A 290 26.10 -3.21 -38.22
CA PHE A 290 27.51 -2.97 -38.49
C PHE A 290 27.71 -1.69 -39.29
N GLY A 291 28.32 -0.69 -38.65
CA GLY A 291 28.57 0.60 -39.25
C GLY A 291 29.85 1.20 -38.74
N PRO A 292 30.06 2.49 -39.04
CA PRO A 292 31.28 3.19 -38.63
C PRO A 292 31.53 3.15 -37.12
N THR A 293 32.81 3.15 -36.76
CA THR A 293 33.22 3.20 -35.37
C THR A 293 34.59 3.86 -35.28
N VAL A 294 35.01 4.12 -34.04
CA VAL A 294 36.34 4.65 -33.77
C VAL A 294 37.36 3.52 -33.90
N ASP A 295 37.91 3.38 -35.11
CA ASP A 295 38.83 2.30 -35.45
C ASP A 295 40.29 2.64 -35.17
N GLY A 296 40.60 3.89 -34.89
CA GLY A 296 41.97 4.37 -34.69
C GLY A 296 42.68 4.75 -35.96
N ASP A 297 42.17 4.31 -37.11
CA ASP A 297 42.77 4.64 -38.41
C ASP A 297 41.87 5.68 -39.06
N PHE A 298 40.69 5.27 -39.49
CA PHE A 298 39.74 6.23 -40.03
C PHE A 298 39.30 7.22 -38.96
N LEU A 299 38.92 6.76 -37.76
CA LEU A 299 38.54 7.69 -36.70
C LEU A 299 39.52 7.49 -35.57
N THR A 300 40.36 8.49 -35.33
CA THR A 300 41.37 8.38 -34.29
C THR A 300 40.81 8.75 -32.93
N ASP A 301 39.52 9.12 -32.87
CA ASP A 301 38.83 9.57 -31.68
C ASP A 301 37.35 9.71 -32.00
N MET A 302 36.56 9.93 -30.95
CA MET A 302 35.12 10.14 -31.08
C MET A 302 34.88 11.39 -31.93
N PRO A 303 33.98 11.32 -32.93
CA PRO A 303 33.87 12.40 -33.93
C PRO A 303 33.53 13.77 -33.39
N ASP A 304 32.73 13.82 -32.33
CA ASP A 304 32.36 15.10 -31.73
C ASP A 304 33.58 15.83 -31.18
N ILE A 305 34.53 15.07 -30.64
CA ILE A 305 35.76 15.64 -30.09
C ILE A 305 36.63 16.21 -31.20
N LEU A 306 36.83 15.44 -32.26
CA LEU A 306 37.59 15.87 -33.42
C LEU A 306 36.96 17.11 -34.04
N LEU A 307 35.63 17.11 -34.10
CA LEU A 307 34.86 18.22 -34.65
C LEU A 307 35.07 19.48 -33.82
N GLU A 308 34.94 19.34 -32.50
CA GLU A 308 35.13 20.43 -31.54
C GLU A 308 36.49 21.12 -31.69
N LEU A 309 37.51 20.39 -32.10
CA LEU A 309 38.85 20.96 -32.12
C LEU A 309 39.22 21.55 -33.47
N GLY A 310 38.30 21.56 -34.43
CA GLY A 310 38.57 22.16 -35.72
C GLY A 310 39.55 21.43 -36.60
N GLN A 311 39.81 20.16 -36.31
CA GLN A 311 40.78 19.36 -37.07
C GLN A 311 40.07 18.65 -38.22
N PHE A 312 39.72 19.42 -39.25
CA PHE A 312 39.07 18.86 -40.42
C PHE A 312 39.30 19.78 -41.60
N LYS A 313 38.94 19.27 -42.79
CA LYS A 313 39.09 20.03 -44.02
C LYS A 313 38.22 21.29 -44.00
N LYS A 314 38.87 22.42 -44.17
CA LYS A 314 38.23 23.74 -44.18
C LYS A 314 37.75 24.07 -45.58
N THR A 315 36.47 23.77 -45.87
CA THR A 315 35.96 23.99 -47.22
C THR A 315 34.48 24.33 -47.15
N GLN A 316 33.89 24.57 -48.32
CA GLN A 316 32.49 24.91 -48.40
C GLN A 316 31.64 23.65 -48.38
N ILE A 317 30.46 23.76 -47.75
CA ILE A 317 29.52 22.65 -47.72
C ILE A 317 28.13 23.08 -48.13
N LEU A 318 27.40 22.12 -48.67
CA LEU A 318 26.00 22.27 -49.03
C LEU A 318 25.22 21.17 -48.35
N VAL A 319 24.22 21.55 -47.58
CA VAL A 319 23.47 20.64 -46.72
C VAL A 319 21.97 20.86 -46.87
N GLY A 320 21.20 19.78 -46.92
CA GLY A 320 19.77 20.01 -46.86
C GLY A 320 18.97 18.77 -46.52
N VAL A 321 17.66 19.01 -46.32
CA VAL A 321 16.71 17.96 -45.95
C VAL A 321 15.37 18.12 -46.66
N ASN A 322 14.61 17.03 -46.67
CA ASN A 322 13.25 16.99 -47.18
C ASN A 322 12.28 17.26 -46.05
N LYS A 323 11.08 17.73 -46.44
CA LYS A 323 10.07 18.11 -45.47
C LYS A 323 9.59 16.95 -44.59
N ASP A 324 9.41 15.76 -45.17
CA ASP A 324 8.86 14.64 -44.39
C ASP A 324 9.78 13.42 -44.33
N GLU A 325 10.97 13.66 -43.77
CA GLU A 325 12.02 12.66 -43.62
C GLU A 325 11.59 11.43 -42.83
N GLY A 326 10.69 11.58 -41.87
CA GLY A 326 10.38 10.52 -40.92
C GLY A 326 9.29 9.55 -41.33
N THR A 327 8.51 9.88 -42.35
CA THR A 327 7.31 9.13 -42.68
C THR A 327 7.58 7.69 -43.11
N ALA A 328 8.70 7.45 -43.78
CA ALA A 328 9.00 6.12 -44.32
C ALA A 328 9.04 5.00 -43.27
N PHE A 329 9.41 5.27 -42.03
CA PHE A 329 9.69 4.16 -41.11
C PHE A 329 8.50 3.61 -40.33
N LEU A 330 7.41 4.37 -40.19
CA LEU A 330 6.27 3.91 -39.39
C LEU A 330 5.59 2.71 -40.00
N VAL A 331 5.56 2.62 -41.33
CA VAL A 331 4.91 1.51 -42.01
C VAL A 331 5.76 0.25 -41.98
N TYR A 332 6.93 0.29 -41.35
CA TYR A 332 7.84 -0.85 -41.28
C TYR A 332 7.89 -1.49 -39.90
N GLY A 333 6.85 -1.29 -39.08
CA GLY A 333 6.84 -1.92 -37.77
C GLY A 333 5.80 -1.42 -36.80
N ALA A 334 5.45 -0.15 -36.86
CA ALA A 334 4.49 0.40 -35.89
C ALA A 334 3.07 -0.10 -36.22
N PRO A 335 2.33 -0.57 -35.22
CA PRO A 335 0.96 -1.03 -35.45
C PRO A 335 0.02 0.10 -35.81
N GLY A 336 -0.88 -0.18 -36.74
CA GLY A 336 -1.85 0.78 -37.17
C GLY A 336 -1.51 1.49 -38.47
N PHE A 337 -0.25 1.47 -38.88
CA PHE A 337 0.09 2.23 -40.06
C PHE A 337 0.06 1.30 -41.27
N SER A 338 -0.34 1.89 -42.40
CA SER A 338 -0.51 1.14 -43.63
C SER A 338 -0.55 2.11 -44.79
N LYS A 339 0.07 1.75 -45.92
CA LYS A 339 0.04 2.61 -47.09
C LYS A 339 -1.32 2.60 -47.78
N ASP A 340 -2.24 1.74 -47.35
CA ASP A 340 -3.60 1.66 -47.88
C ASP A 340 -4.61 2.12 -46.83
N ASN A 341 -4.13 2.76 -45.77
CA ASN A 341 -4.91 3.31 -44.69
C ASN A 341 -4.70 4.82 -44.64
N ASN A 342 -5.58 5.50 -43.91
CA ASN A 342 -5.31 6.89 -43.56
C ASN A 342 -4.54 7.01 -42.24
N SER A 343 -4.30 5.88 -41.58
CA SER A 343 -3.39 5.70 -40.43
C SER A 343 -3.70 6.66 -39.27
N ILE A 344 -4.97 6.91 -39.02
CA ILE A 344 -5.38 7.61 -37.80
C ILE A 344 -5.10 6.73 -36.59
N ILE A 345 -4.27 7.21 -35.68
CA ILE A 345 -3.92 6.45 -34.50
C ILE A 345 -4.36 7.19 -33.24
N THR A 346 -4.41 6.43 -32.14
CA THR A 346 -4.81 6.98 -30.86
C THR A 346 -3.59 7.41 -30.07
N ARG A 347 -3.85 7.94 -28.88
CA ARG A 347 -2.77 8.29 -27.96
C ARG A 347 -1.99 7.06 -27.51
N LYS A 348 -2.70 5.95 -27.26
CA LYS A 348 -2.03 4.74 -26.82
C LYS A 348 -1.20 4.13 -27.94
N GLU A 349 -1.70 4.23 -29.17
CA GLU A 349 -0.95 3.74 -30.32
C GLU A 349 0.30 4.57 -30.54
N PHE A 350 0.14 5.89 -30.40
CA PHE A 350 1.26 6.81 -30.40
C PHE A 350 2.33 6.43 -29.37
N GLN A 351 1.89 6.24 -28.11
CA GLN A 351 2.79 5.83 -27.03
C GLN A 351 3.48 4.51 -27.30
N GLU A 352 2.78 3.59 -27.97
CA GLU A 352 3.42 2.32 -28.30
C GLU A 352 4.44 2.51 -29.41
N GLY A 353 4.13 3.40 -30.36
CA GLY A 353 5.11 3.76 -31.39
C GLY A 353 6.36 4.36 -30.77
N LEU A 354 6.15 5.24 -29.78
CA LEU A 354 7.25 5.82 -29.02
C LEU A 354 8.11 4.75 -28.39
N LYS A 355 7.47 3.71 -27.84
CA LYS A 355 8.23 2.63 -27.24
C LYS A 355 8.98 1.81 -28.30
N ILE A 356 8.43 1.74 -29.51
CA ILE A 356 9.11 1.05 -30.60
C ILE A 356 10.35 1.79 -31.05
N PHE A 357 10.24 3.09 -31.24
CA PHE A 357 11.37 3.83 -31.77
C PHE A 357 12.33 4.28 -30.69
N PHE A 358 11.91 4.23 -29.44
CA PHE A 358 12.77 4.61 -28.33
C PHE A 358 12.75 3.56 -27.22
N PRO A 359 13.23 2.33 -27.52
CA PRO A 359 13.06 1.21 -26.58
C PRO A 359 13.67 1.41 -25.20
N GLY A 360 14.88 1.96 -25.14
CA GLY A 360 15.65 2.08 -23.93
C GLY A 360 15.48 3.38 -23.16
N VAL A 361 14.60 4.24 -23.59
CA VAL A 361 14.45 5.55 -22.96
C VAL A 361 13.51 5.43 -21.77
N SER A 362 13.88 6.13 -20.69
CA SER A 362 13.10 6.14 -19.47
C SER A 362 11.69 6.67 -19.68
N GLU A 363 10.86 6.39 -18.68
CA GLU A 363 9.44 6.71 -18.71
C GLU A 363 9.22 8.22 -18.76
N PHE A 364 10.10 8.98 -18.11
CA PHE A 364 9.96 10.42 -18.08
C PHE A 364 10.34 11.00 -19.41
N GLY A 365 11.25 10.33 -20.12
CA GLY A 365 11.59 10.73 -21.46
C GLY A 365 10.40 10.62 -22.37
N LYS A 366 9.62 9.55 -22.21
CA LYS A 366 8.48 9.33 -23.09
C LYS A 366 7.40 10.33 -22.75
N GLU A 367 7.18 10.55 -21.46
CA GLU A 367 6.21 11.56 -21.03
C GLU A 367 6.58 12.95 -21.54
N SER A 368 7.87 13.27 -21.55
CA SER A 368 8.28 14.58 -22.01
C SER A 368 8.28 14.77 -23.51
N ILE A 369 8.62 13.75 -24.29
CA ILE A 369 8.44 13.87 -25.73
C ILE A 369 6.96 13.99 -26.06
N LEU A 370 6.12 13.20 -25.37
CA LEU A 370 4.69 13.28 -25.56
C LEU A 370 4.18 14.67 -25.25
N PHE A 371 4.54 15.20 -24.08
CA PHE A 371 4.13 16.54 -23.70
C PHE A 371 4.61 17.58 -24.69
N HIS A 372 5.88 17.48 -25.08
CA HIS A 372 6.50 18.46 -25.93
C HIS A 372 5.91 18.48 -27.33
N TYR A 373 5.33 17.38 -27.77
CA TYR A 373 4.86 17.30 -29.14
C TYR A 373 3.34 17.42 -29.27
N THR A 374 2.64 17.80 -28.22
CA THR A 374 1.17 17.86 -28.24
C THR A 374 0.63 19.25 -27.96
N ASP A 375 1.48 20.28 -28.02
CA ASP A 375 1.05 21.67 -27.92
C ASP A 375 0.32 22.03 -29.22
N TRP A 376 -0.95 21.64 -29.28
CA TRP A 376 -1.72 21.70 -30.51
C TRP A 376 -1.99 23.13 -30.93
N VAL A 377 -1.82 23.40 -32.21
CA VAL A 377 -2.35 24.64 -32.79
C VAL A 377 -3.88 24.63 -32.71
N ASP A 378 -4.47 23.52 -33.16
CA ASP A 378 -5.90 23.31 -33.25
C ASP A 378 -6.16 21.88 -32.80
N ASP A 379 -7.20 21.69 -31.99
CA ASP A 379 -7.65 20.36 -31.63
C ASP A 379 -9.16 20.27 -31.87
N GLN A 380 -9.80 19.07 -31.83
CA GLN A 380 -9.28 17.70 -31.67
C GLN A 380 -8.40 17.20 -32.82
N ARG A 381 -8.62 17.74 -34.04
CA ARG A 381 -7.98 17.53 -35.34
C ARG A 381 -7.31 16.16 -35.52
N PRO A 382 -8.07 15.15 -36.02
CA PRO A 382 -7.68 13.72 -35.96
C PRO A 382 -6.26 13.33 -36.37
N GLU A 383 -5.64 14.07 -37.29
CA GLU A 383 -4.34 13.71 -37.84
C GLU A 383 -3.19 14.14 -36.96
N ASN A 384 -3.47 14.73 -35.79
CA ASN A 384 -2.46 15.22 -34.87
C ASN A 384 -1.40 14.20 -34.49
N TYR A 385 -1.82 13.03 -33.97
CA TYR A 385 -0.85 12.09 -33.41
C TYR A 385 0.04 11.45 -34.47
N ARG A 386 -0.55 11.12 -35.62
CA ARG A 386 0.16 10.52 -36.74
C ARG A 386 1.32 11.37 -37.23
N GLU A 387 1.02 12.64 -37.52
CA GLU A 387 2.04 13.57 -37.99
C GLU A 387 3.07 13.78 -36.92
N ALA A 388 2.60 13.84 -35.66
CA ALA A 388 3.47 14.05 -34.53
C ALA A 388 4.52 12.96 -34.43
N LEU A 389 4.10 11.70 -34.61
CA LEU A 389 5.06 10.63 -34.44
C LEU A 389 6.08 10.66 -35.55
N GLY A 390 5.63 11.00 -36.77
CA GLY A 390 6.55 11.15 -37.88
C GLY A 390 7.47 12.32 -37.62
N ASP A 391 6.88 13.39 -37.09
CA ASP A 391 7.63 14.58 -36.77
C ASP A 391 8.62 14.29 -35.67
N VAL A 392 8.24 13.44 -34.72
CA VAL A 392 9.16 13.06 -33.66
C VAL A 392 10.41 12.37 -34.20
N VAL A 393 10.23 11.33 -35.02
CA VAL A 393 11.39 10.53 -35.47
C VAL A 393 12.36 11.34 -36.31
N GLY A 394 11.84 12.09 -37.27
CA GLY A 394 12.66 12.95 -38.11
C GLY A 394 13.43 13.97 -37.28
N ASP A 395 12.71 14.64 -36.35
CA ASP A 395 13.35 15.66 -35.51
C ASP A 395 14.45 15.02 -34.69
N TYR A 396 14.19 13.82 -34.18
CA TYR A 396 15.15 13.17 -33.32
C TYR A 396 16.30 12.66 -34.17
N ASN A 397 15.99 12.14 -35.33
CA ASN A 397 17.04 11.54 -36.11
C ASN A 397 17.71 12.47 -37.08
N PHE A 398 17.06 13.53 -37.55
CA PHE A 398 17.75 14.19 -38.65
C PHE A 398 18.10 15.66 -38.68
N ILE A 399 17.10 16.54 -38.62
CA ILE A 399 17.34 17.93 -38.95
C ILE A 399 18.24 18.66 -37.96
N CYS A 400 17.94 18.63 -36.67
CA CYS A 400 18.78 19.34 -35.71
C CYS A 400 20.22 18.84 -35.60
N PRO A 401 20.54 17.54 -35.60
CA PRO A 401 21.96 17.19 -35.66
C PRO A 401 22.62 17.72 -36.91
N ALA A 402 21.96 17.60 -38.07
CA ALA A 402 22.50 18.19 -39.29
C ALA A 402 22.75 19.69 -39.15
N LEU A 403 21.82 20.40 -38.52
CA LEU A 403 21.97 21.85 -38.31
C LEU A 403 23.06 22.16 -37.31
N GLU A 404 23.17 21.37 -36.25
CA GLU A 404 24.18 21.62 -35.23
C GLU A 404 25.55 21.40 -35.84
N PHE A 405 25.65 20.39 -36.70
CA PHE A 405 26.87 20.14 -37.45
C PHE A 405 27.21 21.36 -38.29
N THR A 406 26.23 21.88 -39.02
CA THR A 406 26.45 23.06 -39.85
C THR A 406 26.89 24.25 -39.01
N LYS A 407 26.16 24.51 -37.93
CA LYS A 407 26.50 25.53 -36.94
C LYS A 407 27.94 25.43 -36.48
N LYS A 408 28.35 24.23 -36.08
CA LYS A 408 29.66 24.04 -35.49
C LYS A 408 30.73 24.12 -36.56
N PHE A 409 30.39 23.68 -37.77
CA PHE A 409 31.32 23.75 -38.89
C PHE A 409 31.52 25.21 -39.27
N SER A 410 30.42 25.97 -39.31
CA SER A 410 30.47 27.38 -39.67
C SER A 410 31.15 28.21 -38.60
N GLU A 411 31.23 27.70 -37.36
CA GLU A 411 31.92 28.46 -36.32
C GLU A 411 33.41 28.56 -36.57
N TRP A 412 33.94 27.72 -37.44
CA TRP A 412 35.34 27.75 -37.79
C TRP A 412 35.57 28.55 -39.05
N GLY A 413 34.52 29.17 -39.61
CA GLY A 413 34.70 30.19 -40.61
C GLY A 413 34.37 29.81 -42.04
N ASN A 414 33.88 28.60 -42.31
CA ASN A 414 33.56 28.25 -43.68
C ASN A 414 32.08 28.42 -44.03
N ASN A 415 31.85 28.68 -45.32
CA ASN A 415 30.52 28.89 -45.87
C ASN A 415 29.70 27.62 -45.93
N ALA A 416 28.50 27.66 -45.35
CA ALA A 416 27.57 26.55 -45.40
C ALA A 416 26.23 27.00 -45.99
N PHE A 417 25.62 26.17 -46.84
CA PHE A 417 24.33 26.54 -47.41
C PHE A 417 23.33 25.42 -47.18
N PHE A 418 22.16 25.75 -46.63
CA PHE A 418 21.15 24.75 -46.26
C PHE A 418 19.86 24.92 -47.03
N TYR A 419 19.32 23.81 -47.52
CA TYR A 419 18.04 23.82 -48.20
C TYR A 419 17.01 22.97 -47.47
N TYR A 420 15.74 23.31 -47.73
CA TYR A 420 14.57 22.57 -47.23
C TYR A 420 13.62 22.27 -48.37
N PHE A 421 13.63 21.03 -48.85
CA PHE A 421 12.83 20.64 -50.01
C PHE A 421 11.40 20.35 -49.58
N GLU A 422 10.45 21.06 -50.18
CA GLU A 422 9.06 21.08 -49.72
C GLU A 422 8.04 20.67 -50.78
N HIS A 423 8.46 20.13 -51.92
CA HIS A 423 7.52 19.79 -52.98
C HIS A 423 7.23 18.30 -52.96
N ARG A 424 5.96 17.96 -53.05
CA ARG A 424 5.55 16.56 -53.13
C ARG A 424 5.36 16.16 -54.59
N SER A 425 6.18 15.20 -55.03
CA SER A 425 6.19 14.66 -56.40
C SER A 425 4.82 14.19 -56.87
N SER A 426 4.47 14.56 -58.10
CA SER A 426 3.21 14.20 -58.75
C SER A 426 3.10 12.71 -59.10
N LYS A 427 4.20 11.97 -59.06
CA LYS A 427 4.23 10.55 -59.39
C LYS A 427 4.41 9.64 -58.20
N LEU A 428 4.42 10.17 -56.99
CA LEU A 428 4.51 9.40 -55.76
C LEU A 428 3.44 8.30 -55.63
N PRO A 429 3.87 7.02 -55.54
CA PRO A 429 2.91 5.92 -55.46
C PRO A 429 2.35 5.72 -54.06
N TRP A 430 3.07 6.18 -53.05
CA TRP A 430 2.63 6.15 -51.67
C TRP A 430 1.50 7.15 -51.42
N PRO A 431 0.67 6.93 -50.40
CA PRO A 431 -0.46 7.83 -50.14
C PRO A 431 -0.05 9.27 -49.83
N GLU A 432 -1.07 10.13 -49.80
CA GLU A 432 -0.86 11.56 -49.59
C GLU A 432 -0.31 11.87 -48.21
N TRP A 433 -0.75 11.14 -47.18
CA TRP A 433 -0.37 11.42 -45.80
C TRP A 433 1.12 11.29 -45.53
N MET A 434 1.88 10.63 -46.41
CA MET A 434 3.30 10.44 -46.20
C MET A 434 4.14 11.58 -46.76
N GLY A 435 3.51 12.49 -47.52
CA GLY A 435 4.11 13.75 -47.95
C GLY A 435 5.40 13.62 -48.74
N VAL A 436 6.33 14.54 -48.46
CA VAL A 436 7.61 14.62 -49.17
C VAL A 436 8.57 13.66 -48.48
N MET A 437 8.59 12.42 -48.94
CA MET A 437 9.22 11.38 -48.15
C MET A 437 10.74 11.40 -48.27
N HIS A 438 11.36 10.83 -47.23
CA HIS A 438 12.77 10.46 -47.22
C HIS A 438 13.21 9.71 -48.47
N GLY A 439 14.30 10.17 -49.07
CA GLY A 439 14.83 9.54 -50.26
C GLY A 439 14.14 9.87 -51.56
N TYR A 440 13.02 10.58 -51.53
CA TYR A 440 12.27 10.84 -52.75
C TYR A 440 12.55 12.22 -53.32
N GLU A 441 13.63 12.86 -52.88
CA GLU A 441 14.17 14.02 -53.54
C GLU A 441 15.27 13.65 -54.54
N ILE A 442 15.85 12.46 -54.41
CA ILE A 442 17.02 12.05 -55.20
C ILE A 442 16.72 12.08 -56.69
N GLU A 443 15.53 11.59 -57.09
CA GLU A 443 15.10 11.63 -58.48
C GLU A 443 15.08 13.06 -59.02
N PHE A 444 14.84 14.04 -58.15
CA PHE A 444 14.87 15.44 -58.52
C PHE A 444 16.32 15.87 -58.60
N VAL A 445 17.12 15.41 -57.63
CA VAL A 445 18.57 15.63 -57.63
C VAL A 445 19.19 15.12 -58.92
N PHE A 446 18.68 14.01 -59.43
CA PHE A 446 19.23 13.39 -60.64
C PHE A 446 18.57 13.89 -61.91
N GLY A 447 17.55 14.74 -61.81
CA GLY A 447 17.06 15.47 -62.97
C GLY A 447 15.96 14.80 -63.78
N LEU A 448 15.36 13.73 -63.26
CA LEU A 448 14.27 13.04 -63.95
C LEU A 448 13.10 13.91 -64.44
N PRO A 449 12.63 14.96 -63.74
CA PRO A 449 11.54 15.76 -64.33
C PRO A 449 11.92 16.58 -65.55
N LEU A 450 13.20 16.64 -65.95
CA LEU A 450 13.53 17.36 -67.18
C LEU A 450 13.13 16.55 -68.41
N GLU A 451 12.91 15.25 -68.23
CA GLU A 451 12.53 14.31 -69.27
C GLU A 451 11.01 14.35 -69.45
N ARG A 452 10.54 14.96 -70.55
CA ARG A 452 9.11 15.18 -70.72
C ARG A 452 8.32 13.88 -70.85
N ARG A 453 8.96 12.79 -71.31
CA ARG A 453 8.34 11.46 -71.40
C ARG A 453 8.12 10.78 -70.03
N ASP A 454 8.27 11.43 -68.90
CA ASP A 454 8.36 10.75 -67.61
C ASP A 454 7.11 11.02 -66.76
N ASN A 455 6.14 11.77 -67.30
CA ASN A 455 4.84 12.10 -66.69
C ASN A 455 4.97 13.05 -65.50
N TYR A 456 6.10 13.75 -65.37
CA TYR A 456 6.20 14.83 -64.40
C TYR A 456 5.53 16.08 -64.94
N THR A 457 5.22 17.00 -64.03
CA THR A 457 4.66 18.27 -64.43
C THR A 457 5.73 19.25 -64.90
N LYS A 458 5.28 20.23 -65.70
CA LYS A 458 6.11 21.35 -66.13
C LYS A 458 6.80 22.04 -64.96
N ALA A 459 6.04 22.27 -63.87
CA ALA A 459 6.56 22.89 -62.66
C ALA A 459 7.69 22.06 -62.05
N GLU A 460 7.61 20.74 -62.18
CA GLU A 460 8.66 19.88 -61.65
C GLU A 460 9.91 19.96 -62.52
N GLU A 461 9.73 20.10 -63.84
CA GLU A 461 10.86 20.37 -64.72
C GLU A 461 11.54 21.69 -64.36
N ILE A 462 10.74 22.73 -64.13
CA ILE A 462 11.27 24.05 -63.76
C ILE A 462 12.06 23.98 -62.46
N LEU A 463 11.47 23.34 -61.45
CA LEU A 463 12.14 23.11 -60.17
C LEU A 463 13.46 22.37 -60.32
N SER A 464 13.45 21.29 -61.12
CA SER A 464 14.64 20.46 -61.25
C SER A 464 15.73 21.20 -62.00
N ARG A 465 15.35 22.00 -62.99
CA ARG A 465 16.28 22.89 -63.67
C ARG A 465 16.92 23.88 -62.70
N SER A 466 16.12 24.41 -61.76
CA SER A 466 16.65 25.45 -60.88
C SER A 466 17.60 24.88 -59.83
N ILE A 467 17.25 23.74 -59.24
CA ILE A 467 18.14 23.12 -58.27
C ILE A 467 19.41 22.59 -58.93
N VAL A 468 19.30 22.01 -60.12
CA VAL A 468 20.46 21.56 -60.88
C VAL A 468 21.39 22.72 -61.24
N LYS A 469 20.82 23.86 -61.65
CA LYS A 469 21.62 25.05 -61.98
C LYS A 469 22.38 25.55 -60.75
N ARG A 470 21.69 25.67 -59.62
CA ARG A 470 22.34 26.19 -58.41
C ARG A 470 23.39 25.21 -57.90
N TRP A 471 23.10 23.92 -57.96
CA TRP A 471 24.04 22.85 -57.61
C TRP A 471 25.30 22.92 -58.45
N ALA A 472 25.15 23.01 -59.76
CA ALA A 472 26.28 23.09 -60.66
C ALA A 472 27.12 24.33 -60.39
N ASN A 473 26.46 25.47 -60.18
CA ASN A 473 27.16 26.68 -59.77
C ASN A 473 27.90 26.52 -58.45
N PHE A 474 27.29 25.85 -57.46
CA PHE A 474 28.00 25.57 -56.21
C PHE A 474 29.23 24.72 -56.45
N ALA A 475 29.09 23.70 -57.30
CA ALA A 475 30.20 22.79 -57.58
C ALA A 475 31.35 23.54 -58.23
N LYS A 476 31.04 24.29 -59.29
CA LYS A 476 32.04 25.05 -60.01
C LYS A 476 32.66 26.16 -59.18
N TYR A 477 31.85 26.88 -58.39
CA TYR A 477 32.30 28.11 -57.76
C TYR A 477 32.22 28.17 -56.24
N GLY A 478 31.63 27.18 -55.58
CA GLY A 478 31.47 27.30 -54.13
C GLY A 478 30.34 28.20 -53.72
N ASN A 479 29.51 28.63 -54.65
CA ASN A 479 28.40 29.53 -54.39
C ASN A 479 27.21 28.98 -55.16
N PRO A 480 26.11 28.63 -54.50
CA PRO A 480 24.97 28.02 -55.19
C PRO A 480 23.99 29.06 -55.73
N ASN A 481 24.50 30.01 -56.51
CA ASN A 481 23.67 30.99 -57.18
C ASN A 481 23.02 30.35 -58.40
N GLU A 482 21.99 31.00 -58.93
CA GLU A 482 21.34 30.54 -60.15
C GLU A 482 21.66 31.49 -61.30
N THR A 483 21.08 32.69 -61.29
CA THR A 483 21.46 33.75 -62.20
C THR A 483 21.61 35.03 -61.39
N GLN A 484 22.36 35.97 -61.95
CA GLN A 484 22.28 37.34 -61.48
C GLN A 484 21.07 38.00 -62.15
N ASN A 485 20.27 38.73 -61.34
CA ASN A 485 19.01 39.41 -61.71
C ASN A 485 17.81 38.45 -61.81
N ASN A 486 16.72 38.82 -61.13
CA ASN A 486 15.45 38.06 -61.00
C ASN A 486 15.60 36.67 -60.37
N SER A 487 16.66 36.44 -59.61
CA SER A 487 16.90 35.15 -58.97
C SER A 487 17.09 35.41 -57.48
N THR A 488 16.45 34.58 -56.66
CA THR A 488 16.67 34.62 -55.21
C THR A 488 18.08 34.19 -54.86
N SER A 489 18.80 35.07 -54.18
CA SER A 489 20.14 34.78 -53.69
C SER A 489 20.09 33.83 -52.50
N TRP A 490 21.02 32.88 -52.49
CA TRP A 490 21.15 31.93 -51.40
C TRP A 490 22.21 32.42 -50.44
N PRO A 491 21.83 32.98 -49.29
CA PRO A 491 22.82 33.49 -48.35
C PRO A 491 23.49 32.36 -47.58
N VAL A 492 24.62 32.70 -46.97
CA VAL A 492 25.36 31.74 -46.17
C VAL A 492 24.59 31.46 -44.88
N PHE A 493 24.77 30.27 -44.35
CA PHE A 493 24.19 29.89 -43.08
C PHE A 493 25.15 30.35 -41.99
N LYS A 494 24.70 31.30 -41.17
CA LYS A 494 25.50 31.81 -40.07
C LYS A 494 24.78 31.46 -38.79
N SER A 495 25.57 31.16 -37.74
CA SER A 495 25.03 30.68 -36.47
C SER A 495 24.11 31.68 -35.80
N THR A 496 24.27 32.96 -36.11
CA THR A 496 23.36 33.98 -35.63
C THR A 496 22.02 33.97 -36.33
N GLU A 497 22.00 34.28 -37.62
CA GLU A 497 20.74 34.39 -38.34
C GLU A 497 20.13 33.05 -38.72
N GLN A 498 20.95 32.05 -39.04
CA GLN A 498 20.53 30.70 -39.41
C GLN A 498 19.52 30.71 -40.55
N LYS A 499 19.83 31.49 -41.57
CA LYS A 499 19.01 31.55 -42.77
C LYS A 499 19.12 30.25 -43.57
N TYR A 500 17.99 29.81 -44.12
CA TYR A 500 17.95 28.67 -45.01
C TYR A 500 17.00 28.99 -46.15
N LEU A 501 17.05 28.15 -47.18
CA LEU A 501 16.26 28.32 -48.39
C LEU A 501 15.18 27.25 -48.51
N THR A 502 13.95 27.70 -48.74
CA THR A 502 12.84 26.79 -48.95
C THR A 502 12.85 26.36 -50.41
N LEU A 503 12.52 25.09 -50.65
CA LEU A 503 12.50 24.53 -51.99
C LEU A 503 11.15 23.95 -52.35
N ASN A 504 10.45 24.60 -53.29
CA ASN A 504 9.18 24.10 -53.79
C ASN A 504 8.91 24.75 -55.14
N THR A 505 7.78 24.39 -55.76
CA THR A 505 7.52 24.87 -57.11
C THR A 505 6.84 26.22 -57.15
N GLU A 506 6.12 26.57 -56.10
CA GLU A 506 5.44 27.85 -55.99
C GLU A 506 6.46 28.98 -55.93
N SER A 507 7.21 29.06 -54.83
CA SER A 507 8.22 30.09 -54.70
C SER A 507 9.24 29.66 -53.65
N THR A 508 10.50 29.88 -53.98
CA THR A 508 11.60 29.61 -53.07
C THR A 508 11.90 30.89 -52.30
N ARG A 509 12.06 30.76 -50.98
CA ARG A 509 12.26 31.93 -50.15
C ARG A 509 13.15 31.59 -48.97
N ILE A 510 13.64 32.63 -48.31
CA ILE A 510 14.58 32.50 -47.22
C ILE A 510 13.83 32.56 -45.89
N MET A 511 14.05 31.57 -45.03
CA MET A 511 13.43 31.55 -43.71
C MET A 511 14.55 31.30 -42.70
N THR A 512 14.25 31.34 -41.41
CA THR A 512 15.28 31.16 -40.39
C THR A 512 14.79 30.17 -39.35
N LYS A 513 15.76 29.42 -38.80
CA LYS A 513 15.62 28.54 -37.63
C LYS A 513 14.43 27.58 -37.72
N LEU A 514 14.48 26.72 -38.74
CA LEU A 514 13.42 25.74 -38.96
C LEU A 514 13.27 24.84 -37.75
N ARG A 515 12.05 24.79 -37.19
CA ARG A 515 11.65 23.98 -36.02
C ARG A 515 12.66 24.03 -34.88
N ALA A 516 13.21 25.22 -34.65
CA ALA A 516 14.29 25.45 -33.70
C ALA A 516 13.94 25.02 -32.28
N GLN A 517 12.67 25.15 -31.90
CA GLN A 517 12.27 24.83 -30.54
C GLN A 517 12.22 23.33 -30.32
N GLN A 518 11.76 22.58 -31.31
CA GLN A 518 11.75 21.13 -31.20
C GLN A 518 13.15 20.55 -31.27
N CYS A 519 13.97 21.07 -32.17
CA CYS A 519 15.29 20.47 -32.29
C CYS A 519 16.13 20.89 -31.10
N ARG A 520 15.85 22.09 -30.59
CA ARG A 520 16.43 22.57 -29.34
C ARG A 520 16.16 21.61 -28.22
N PHE A 521 14.94 21.06 -28.21
CA PHE A 521 14.57 20.08 -27.20
C PHE A 521 15.42 18.83 -27.35
N TRP A 522 15.64 18.41 -28.59
CA TRP A 522 16.37 17.16 -28.78
C TRP A 522 17.86 17.29 -28.55
N THR A 523 18.44 18.46 -28.75
CA THR A 523 19.87 18.60 -28.53
C THR A 523 20.23 19.08 -27.15
N SER A 524 19.38 19.84 -26.49
CA SER A 524 19.76 20.49 -25.27
C SER A 524 18.96 20.02 -24.08
N PHE A 525 17.90 19.23 -24.27
CA PHE A 525 17.20 18.67 -23.14
C PHE A 525 17.28 17.16 -23.14
N PHE A 526 16.90 16.55 -24.27
CA PHE A 526 16.93 15.09 -24.45
C PHE A 526 18.21 14.39 -24.00
N PRO A 527 19.44 14.90 -24.27
CA PRO A 527 20.64 14.22 -23.74
C PRO A 527 20.61 14.08 -22.23
N LYS A 528 20.10 15.10 -21.55
CA LYS A 528 20.05 15.11 -20.10
C LYS A 528 18.98 14.19 -19.54
N VAL A 529 18.17 13.58 -20.39
CA VAL A 529 17.09 12.73 -19.90
C VAL A 529 17.55 11.30 -19.69
N LEU A 530 18.50 10.82 -20.49
CA LEU A 530 19.07 9.51 -20.20
C LEU A 530 19.93 9.52 -18.95
N GLU A 531 20.31 10.69 -18.45
CA GLU A 531 21.00 10.81 -17.17
C GLU A 531 20.07 10.68 -15.97
N MET A 532 18.79 10.39 -16.18
CA MET A 532 17.83 10.25 -15.09
C MET A 532 18.23 9.14 -14.14
N THR A 533 18.44 7.93 -14.67
CA THR A 533 19.01 6.71 -14.06
C THR A 533 18.41 6.31 -12.71
N GLY A 534 17.29 6.90 -12.32
CA GLY A 534 16.72 6.60 -11.03
C GLY A 534 15.67 5.53 -11.12
N ASN A 535 16.06 4.29 -10.89
CA ASN A 535 15.10 3.21 -10.75
C ASN A 535 14.60 3.23 -9.32
N ILE A 536 13.32 3.49 -9.15
CA ILE A 536 12.74 3.68 -7.83
C ILE A 536 11.94 2.40 -7.57
N ASP A 537 11.38 2.27 -6.37
CA ASP A 537 10.59 1.10 -5.98
C ASP A 537 9.39 0.88 -6.89
N GLU A 538 8.89 1.96 -7.53
CA GLU A 538 7.86 2.00 -8.57
C GLU A 538 6.47 1.72 -7.98
N ALA A 539 6.43 1.37 -6.70
CA ALA A 539 5.19 1.00 -6.04
C ALA A 539 4.37 2.23 -5.70
N GLU A 540 5.04 3.31 -5.29
CA GLU A 540 4.32 4.57 -5.12
C GLU A 540 3.94 5.15 -6.47
N TRP A 541 4.75 4.89 -7.49
CA TRP A 541 4.43 5.34 -8.84
C TRP A 541 3.22 4.59 -9.38
N GLU A 542 3.22 3.27 -9.27
CA GLU A 542 2.07 2.48 -9.68
C GLU A 542 0.88 2.74 -8.77
N TRP A 543 1.14 3.12 -7.53
CA TRP A 543 0.08 3.50 -6.62
C TRP A 543 -0.59 4.78 -7.08
N LYS A 544 0.20 5.75 -7.53
CA LYS A 544 -0.38 6.96 -8.10
C LYS A 544 -1.14 6.62 -9.38
N ALA A 545 -0.62 5.66 -10.15
CA ALA A 545 -1.28 5.24 -11.37
C ALA A 545 -2.65 4.66 -11.11
N GLY A 546 -2.76 3.77 -10.13
CA GLY A 546 -4.07 3.33 -9.70
C GLY A 546 -4.84 4.36 -8.92
N PHE A 547 -4.15 5.36 -8.37
CA PHE A 547 -4.79 6.29 -7.47
C PHE A 547 -5.56 7.35 -8.25
N HIS A 548 -5.03 7.75 -9.39
CA HIS A 548 -5.73 8.72 -10.20
C HIS A 548 -6.96 8.09 -10.85
N ARG A 549 -6.85 6.82 -11.23
CA ARG A 549 -8.05 6.15 -11.72
C ARG A 549 -9.00 5.87 -10.57
N TRP A 550 -8.48 5.72 -9.35
CA TRP A 550 -9.36 5.63 -8.20
C TRP A 550 -10.12 6.92 -8.00
N ASN A 551 -9.43 8.04 -8.24
CA ASN A 551 -10.05 9.35 -8.11
C ASN A 551 -11.17 9.54 -9.11
N ASN A 552 -10.91 9.24 -10.39
CA ASN A 552 -11.94 9.56 -11.37
C ASN A 552 -13.05 8.52 -11.39
N TYR A 553 -12.71 7.26 -11.10
CA TYR A 553 -13.76 6.28 -10.91
C TYR A 553 -14.57 6.58 -9.65
N MET A 554 -13.98 7.26 -8.68
CA MET A 554 -14.76 7.75 -7.56
C MET A 554 -15.62 8.93 -7.96
N MET A 555 -15.14 9.74 -8.88
CA MET A 555 -15.91 10.87 -9.38
C MET A 555 -17.17 10.39 -10.08
N ASP A 556 -17.06 9.26 -10.79
CA ASP A 556 -18.16 8.75 -11.62
C ASP A 556 -19.41 8.42 -10.81
N TRP A 557 -19.28 8.16 -9.52
CA TRP A 557 -20.40 7.67 -8.72
C TRP A 557 -21.44 8.74 -8.47
N LYS A 558 -21.03 9.85 -7.86
CA LYS A 558 -22.00 10.84 -7.47
C LYS A 558 -22.45 11.72 -8.61
N ASN A 559 -21.98 11.45 -9.83
CA ASN A 559 -22.55 12.10 -11.01
C ASN A 559 -24.02 11.78 -11.16
N GLN A 560 -24.41 10.55 -10.84
CA GLN A 560 -25.80 10.17 -10.93
C GLN A 560 -26.29 9.50 -9.65
N PHE A 561 -25.45 9.40 -8.61
CA PHE A 561 -25.96 8.99 -7.31
C PHE A 561 -26.94 10.02 -6.78
N ASN A 562 -26.64 11.30 -6.99
CA ASN A 562 -27.56 12.37 -6.64
C ASN A 562 -28.85 12.29 -7.44
N ASP A 563 -28.78 11.80 -8.67
CA ASP A 563 -29.99 11.72 -9.47
C ASP A 563 -30.83 10.51 -9.10
N TYR A 564 -30.19 9.37 -8.84
CA TYR A 564 -30.89 8.13 -8.48
C TYR A 564 -31.35 8.28 -7.03
N THR A 565 -32.45 9.01 -6.87
CA THR A 565 -32.98 9.33 -5.56
C THR A 565 -34.49 9.23 -5.58
N ILE B 4 -25.81 60.52 13.97
CA ILE B 4 -26.02 59.38 13.08
C ILE B 4 -25.72 58.12 13.83
N ILE B 5 -26.79 57.46 14.25
CA ILE B 5 -26.74 56.34 15.19
C ILE B 5 -27.73 55.30 14.70
N ILE B 6 -27.27 54.06 14.56
CA ILE B 6 -28.10 52.98 14.06
C ILE B 6 -28.18 51.88 15.11
N ALA B 7 -29.41 51.51 15.46
CA ALA B 7 -29.72 50.41 16.36
C ALA B 7 -29.61 49.07 15.65
N THR B 8 -28.75 48.21 16.17
CA THR B 8 -28.50 46.85 15.74
C THR B 8 -28.98 45.92 16.84
N LYS B 9 -28.95 44.62 16.55
CA LYS B 9 -29.35 43.61 17.54
C LYS B 9 -28.51 43.69 18.81
N ASN B 10 -27.26 44.10 18.69
CA ASN B 10 -26.37 44.20 19.83
C ASN B 10 -26.43 45.59 20.44
N GLY B 11 -27.05 46.56 19.76
CA GLY B 11 -27.12 47.90 20.28
C GLY B 11 -26.99 49.04 19.29
N LYS B 12 -27.15 50.26 19.76
CA LYS B 12 -26.98 51.45 18.93
C LYS B 12 -25.49 51.77 18.73
N VAL B 13 -25.15 52.25 17.55
CA VAL B 13 -23.79 52.64 17.21
C VAL B 13 -23.75 54.03 16.56
N ARG B 14 -22.79 54.85 16.98
CA ARG B 14 -22.60 56.21 16.46
C ARG B 14 -21.45 56.24 15.46
N GLY B 15 -21.64 56.94 14.33
CA GLY B 15 -20.62 57.09 13.30
C GLY B 15 -20.15 58.50 13.00
N MET B 16 -19.44 58.70 11.89
CA MET B 16 -18.94 60.03 11.54
C MET B 16 -19.09 60.30 10.05
N ASN B 17 -19.28 61.58 9.70
CA ASN B 17 -19.30 62.01 8.32
C ASN B 17 -17.91 62.28 7.78
N LEU B 18 -17.65 61.83 6.57
CA LEU B 18 -16.45 62.20 5.85
C LEU B 18 -16.87 62.95 4.58
N THR B 19 -16.12 63.98 4.23
CA THR B 19 -16.35 64.73 2.98
C THR B 19 -15.44 64.21 1.87
N VAL B 20 -16.05 63.58 0.88
CA VAL B 20 -15.32 62.95 -0.23
C VAL B 20 -15.90 63.49 -1.53
N PHE B 21 -15.07 64.18 -2.33
CA PHE B 21 -15.44 64.66 -3.68
C PHE B 21 -16.72 65.50 -3.67
N GLY B 22 -16.87 66.30 -2.63
CA GLY B 22 -18.03 67.16 -2.49
C GLY B 22 -19.26 66.46 -1.98
N GLY B 23 -19.14 65.21 -1.54
CA GLY B 23 -20.27 64.52 -0.96
C GLY B 23 -19.93 64.05 0.43
N THR B 24 -20.79 63.23 1.03
CA THR B 24 -20.60 62.75 2.38
C THR B 24 -20.76 61.23 2.41
N VAL B 25 -19.87 60.57 3.13
CA VAL B 25 -20.01 59.15 3.44
C VAL B 25 -20.00 59.01 4.96
N THR B 26 -20.88 58.17 5.49
CA THR B 26 -20.89 57.91 6.91
C THR B 26 -20.12 56.63 7.22
N ALA B 27 -19.07 56.78 8.02
CA ALA B 27 -18.14 55.72 8.35
C ALA B 27 -18.32 55.33 9.81
N PHE B 28 -18.41 54.03 10.03
CA PHE B 28 -18.42 53.40 11.35
C PHE B 28 -17.21 52.47 11.36
N LEU B 29 -16.15 52.87 12.06
CA LEU B 29 -14.91 52.10 12.08
C LEU B 29 -14.82 51.27 13.35
N GLY B 30 -14.46 49.99 13.20
CA GLY B 30 -14.17 49.15 14.34
C GLY B 30 -15.41 48.70 15.09
N ILE B 31 -16.41 48.22 14.37
CA ILE B 31 -17.54 47.61 15.05
C ILE B 31 -17.21 46.16 15.38
N PRO B 32 -17.32 45.75 16.64
CA PRO B 32 -17.10 44.35 16.99
C PRO B 32 -18.17 43.43 16.47
N TYR B 33 -17.72 42.29 15.99
CA TYR B 33 -18.58 41.25 15.48
C TYR B 33 -18.42 39.90 16.16
N ALA B 34 -17.51 39.76 17.13
CA ALA B 34 -17.35 38.50 17.83
C ALA B 34 -16.84 38.79 19.23
N GLN B 35 -16.96 37.79 20.11
CA GLN B 35 -16.37 37.90 21.43
C GLN B 35 -14.84 37.84 21.38
N PRO B 36 -14.16 38.68 22.18
CA PRO B 36 -12.67 38.68 22.24
C PRO B 36 -12.09 37.32 22.63
N PRO B 37 -11.20 36.78 21.81
CA PRO B 37 -10.63 35.42 21.99
C PRO B 37 -9.50 35.39 23.02
N LEU B 38 -9.84 35.62 24.28
CA LEU B 38 -8.82 35.73 25.31
C LEU B 38 -8.87 34.53 26.24
N GLY B 39 -7.72 34.26 26.87
CA GLY B 39 -7.58 33.22 27.87
C GLY B 39 -7.91 31.84 27.32
N ARG B 40 -8.97 31.25 27.86
CA ARG B 40 -9.44 29.95 27.41
C ARG B 40 -10.03 30.02 26.01
N LEU B 41 -10.40 31.22 25.53
CA LEU B 41 -10.97 31.34 24.21
C LEU B 41 -9.90 31.49 23.14
N ARG B 42 -8.63 31.63 23.55
CA ARG B 42 -7.52 31.65 22.60
C ARG B 42 -7.46 30.28 21.93
N PHE B 43 -7.37 30.29 20.59
CA PHE B 43 -7.35 29.16 19.64
C PHE B 43 -8.74 28.58 19.42
N LYS B 44 -9.74 28.94 20.22
CA LYS B 44 -11.09 28.47 19.96
C LYS B 44 -11.73 29.20 18.78
N LYS B 45 -12.86 28.64 18.35
CA LYS B 45 -13.75 29.27 17.40
C LYS B 45 -14.29 30.59 17.96
N PRO B 46 -14.68 31.54 17.08
CA PRO B 46 -15.26 32.80 17.56
C PRO B 46 -16.59 32.58 18.24
N GLN B 47 -16.85 33.37 19.28
CA GLN B 47 -18.12 33.28 19.98
C GLN B 47 -19.03 34.43 19.55
N SER B 48 -20.30 34.08 19.37
CA SER B 48 -21.35 35.03 19.00
C SER B 48 -21.45 36.20 19.96
N LEU B 49 -21.67 37.39 19.41
CA LEU B 49 -21.85 38.58 20.23
C LEU B 49 -23.25 38.65 20.81
N THR B 50 -23.33 38.79 22.14
CA THR B 50 -24.62 38.90 22.82
C THR B 50 -25.26 40.27 22.66
N LYS B 51 -24.84 41.21 23.48
CA LYS B 51 -25.36 42.57 23.48
C LYS B 51 -24.21 43.48 23.87
N TRP B 52 -24.18 44.68 23.33
CA TRP B 52 -23.28 45.69 23.86
C TRP B 52 -24.03 46.67 24.75
N SER B 53 -23.22 47.39 25.51
CA SER B 53 -23.58 48.41 26.48
C SER B 53 -23.70 49.67 25.63
N ASP B 54 -24.59 50.60 26.04
CA ASP B 54 -24.98 51.87 25.43
C ASP B 54 -24.56 52.16 23.99
N ILE B 55 -24.35 53.41 23.58
CA ILE B 55 -23.99 53.64 22.19
C ILE B 55 -22.48 53.77 22.05
N TRP B 56 -21.94 52.85 21.24
CA TRP B 56 -20.55 52.80 20.83
C TRP B 56 -20.23 53.83 19.77
N ASN B 57 -19.20 54.63 20.01
CA ASN B 57 -18.80 55.69 19.09
C ASN B 57 -17.78 55.06 18.15
N ALA B 58 -18.26 54.60 16.99
CA ALA B 58 -17.42 53.98 15.96
C ALA B 58 -16.83 55.05 15.05
N THR B 59 -15.84 55.75 15.59
CA THR B 59 -15.19 56.87 14.91
C THR B 59 -13.68 56.73 14.84
N LYS B 60 -13.14 55.54 15.12
CA LYS B 60 -11.71 55.31 14.93
C LYS B 60 -11.48 53.84 14.65
N TYR B 61 -10.41 53.57 13.89
CA TYR B 61 -10.00 52.23 13.54
C TYR B 61 -9.62 51.44 14.80
N ALA B 62 -9.86 50.13 14.75
CA ALA B 62 -9.56 49.29 15.89
C ALA B 62 -8.11 48.80 15.86
N ASN B 63 -7.75 48.06 16.91
CA ASN B 63 -6.46 47.37 17.01
C ASN B 63 -6.27 46.41 15.85
N SER B 64 -5.04 46.34 15.34
CA SER B 64 -4.78 45.26 14.40
C SER B 64 -4.43 43.97 15.13
N CYS B 65 -4.62 42.86 14.42
CA CYS B 65 -4.34 41.55 14.99
C CYS B 65 -2.82 41.35 15.06
N CYS B 66 -2.37 40.58 16.05
CA CYS B 66 -0.95 40.30 16.26
C CYS B 66 -0.28 39.69 15.03
N GLN B 67 0.87 40.22 14.67
CA GLN B 67 1.62 39.79 13.49
C GLN B 67 3.04 40.35 13.59
N ASN B 68 3.96 39.70 12.87
CA ASN B 68 5.30 40.23 12.68
C ASN B 68 5.30 41.35 11.65
N ILE B 69 6.34 42.17 11.72
CA ILE B 69 6.44 43.37 10.91
C ILE B 69 7.56 43.17 9.91
N ASP B 70 7.34 43.64 8.68
CA ASP B 70 8.39 43.64 7.68
C ASP B 70 9.35 44.76 8.05
N GLN B 71 10.62 44.42 8.25
CA GLN B 71 11.60 45.40 8.69
C GLN B 71 12.84 45.36 7.81
N SER B 72 12.73 44.74 6.64
CA SER B 72 13.86 44.63 5.72
C SER B 72 14.27 46.00 5.17
N PHE B 73 13.34 46.95 5.12
CA PHE B 73 13.58 48.28 4.57
C PHE B 73 12.95 49.32 5.49
N PRO B 74 13.65 49.71 6.55
CA PRO B 74 13.12 50.69 7.52
C PRO B 74 12.84 52.04 6.89
N GLY B 75 11.59 52.50 6.99
CA GLY B 75 11.20 53.80 6.52
C GLY B 75 10.75 53.87 5.07
N PHE B 76 10.89 52.77 4.32
CA PHE B 76 10.48 52.76 2.92
C PHE B 76 8.99 52.45 2.88
N HIS B 77 8.22 53.37 2.31
CA HIS B 77 6.75 53.23 2.26
C HIS B 77 6.32 52.02 1.47
N GLY B 78 7.08 51.63 0.43
CA GLY B 78 6.73 50.47 -0.39
C GLY B 78 6.55 49.19 0.41
N SER B 79 7.42 48.97 1.41
CA SER B 79 7.31 47.77 2.22
C SER B 79 6.43 48.03 3.45
N GLU B 80 6.55 49.22 4.05
CA GLU B 80 5.85 49.53 5.30
C GLU B 80 4.36 49.73 5.12
N MET B 81 3.87 49.90 3.87
CA MET B 81 2.45 50.13 3.65
C MET B 81 1.62 48.89 3.88
N TRP B 82 2.25 47.72 3.94
CA TRP B 82 1.52 46.51 4.24
C TRP B 82 1.62 46.15 5.71
N ASN B 83 2.54 46.79 6.43
CA ASN B 83 2.64 46.61 7.86
C ASN B 83 1.43 47.22 8.56
N PRO B 84 0.97 46.61 9.66
CA PRO B 84 -0.16 47.16 10.40
C PRO B 84 0.17 48.52 11.02
N ASN B 85 -0.84 49.38 11.08
CA ASN B 85 -0.65 50.77 11.48
C ASN B 85 -1.40 51.10 12.75
N THR B 86 -1.84 50.08 13.50
CA THR B 86 -2.40 50.25 14.83
C THR B 86 -1.79 49.24 15.78
N ASP B 87 -2.10 49.44 17.06
CA ASP B 87 -1.68 48.56 18.15
C ASP B 87 -2.11 47.11 17.93
N LEU B 88 -1.26 46.21 18.40
CA LEU B 88 -1.51 44.78 18.33
C LEU B 88 -2.24 44.30 19.59
N SER B 89 -3.20 43.39 19.39
CA SER B 89 -4.00 42.88 20.48
C SER B 89 -4.71 41.62 20.01
N GLU B 90 -5.05 40.75 20.97
CA GLU B 90 -5.84 39.56 20.64
C GLU B 90 -7.30 39.89 20.37
N ASP B 91 -7.80 40.99 20.93
CA ASP B 91 -9.17 41.45 20.75
C ASP B 91 -9.18 42.33 19.50
N CYS B 92 -9.38 41.73 18.35
CA CYS B 92 -9.14 42.44 17.10
C CYS B 92 -10.24 42.14 16.08
N LEU B 93 -11.28 41.41 16.47
CA LEU B 93 -12.37 41.03 15.57
C LEU B 93 -13.38 42.17 15.47
N TYR B 94 -13.07 43.14 14.63
CA TYR B 94 -13.90 44.32 14.47
C TYR B 94 -14.11 44.58 12.98
N LEU B 95 -15.20 45.27 12.64
CA LEU B 95 -15.40 45.66 11.25
C LEU B 95 -15.73 47.13 11.09
N ASN B 96 -15.61 47.58 9.84
CA ASN B 96 -15.86 48.94 9.40
C ASN B 96 -16.90 48.94 8.30
N VAL B 97 -17.80 49.91 8.34
CA VAL B 97 -18.87 50.07 7.36
C VAL B 97 -18.84 51.51 6.83
N TRP B 98 -18.81 51.64 5.52
CA TRP B 98 -18.91 52.92 4.84
C TRP B 98 -20.21 52.92 4.08
N ILE B 99 -21.02 53.95 4.32
CA ILE B 99 -22.35 54.04 3.72
C ILE B 99 -22.49 55.36 2.96
N PRO B 100 -23.09 55.32 1.76
CA PRO B 100 -23.35 56.57 1.02
C PRO B 100 -24.36 57.45 1.74
N ALA B 101 -24.24 58.75 1.49
CA ALA B 101 -25.29 59.63 1.99
C ALA B 101 -25.98 60.34 0.84
N PRO B 102 -27.34 60.42 0.85
CA PRO B 102 -28.30 59.93 1.84
C PRO B 102 -28.45 58.40 1.84
N LYS B 103 -29.04 57.87 2.91
CA LYS B 103 -29.07 56.43 3.14
C LYS B 103 -29.77 55.70 2.00
N PRO B 104 -29.14 54.71 1.39
CA PRO B 104 -29.80 53.89 0.37
C PRO B 104 -30.86 52.97 0.97
N LYS B 105 -31.71 52.46 0.11
CA LYS B 105 -32.81 51.61 0.55
C LYS B 105 -32.54 50.13 0.31
N ASN B 106 -31.71 49.78 -0.66
CA ASN B 106 -31.49 48.37 -1.00
C ASN B 106 -30.15 48.27 -1.71
N ALA B 107 -29.11 48.79 -1.08
CA ALA B 107 -27.81 48.92 -1.72
C ALA B 107 -27.05 47.60 -1.83
N THR B 108 -26.21 47.54 -2.87
CA THR B 108 -25.30 46.44 -3.07
C THR B 108 -24.14 46.55 -2.08
N VAL B 109 -23.76 45.42 -1.49
CA VAL B 109 -22.73 45.38 -0.47
C VAL B 109 -21.47 44.75 -1.03
N LEU B 110 -20.34 45.42 -0.82
CA LEU B 110 -19.00 44.92 -1.10
C LEU B 110 -18.31 44.60 0.23
N ILE B 111 -17.85 43.36 0.37
CA ILE B 111 -17.12 42.89 1.54
C ILE B 111 -15.64 42.68 1.24
N TRP B 112 -14.79 43.44 1.92
CA TRP B 112 -13.35 43.38 1.68
C TRP B 112 -12.67 42.39 2.62
N ILE B 113 -11.82 41.55 2.03
CA ILE B 113 -10.99 40.60 2.76
C ILE B 113 -9.54 40.92 2.42
N TYR B 114 -8.79 41.45 3.40
CA TYR B 114 -7.40 41.80 3.10
C TYR B 114 -6.57 40.57 2.78
N GLY B 115 -5.45 40.81 2.12
CA GLY B 115 -4.44 39.82 1.89
C GLY B 115 -3.20 40.05 2.71
N GLY B 116 -2.12 39.41 2.28
CA GLY B 116 -0.87 39.39 3.00
C GLY B 116 -0.38 37.97 3.20
N GLY B 117 -0.76 37.07 2.29
CA GLY B 117 -0.27 35.70 2.30
C GLY B 117 -0.58 34.97 3.60
N PHE B 118 -1.70 35.34 4.26
CA PHE B 118 -2.14 34.79 5.54
C PHE B 118 -1.18 35.09 6.69
N GLN B 119 -0.12 35.86 6.45
CA GLN B 119 0.80 36.19 7.52
C GLN B 119 0.68 37.63 7.99
N THR B 120 0.17 38.54 7.15
CA THR B 120 0.21 39.96 7.47
C THR B 120 -1.05 40.64 6.95
N GLY B 121 -1.14 41.94 7.18
CA GLY B 121 -2.24 42.75 6.71
C GLY B 121 -3.12 43.25 7.85
N THR B 122 -3.95 44.23 7.51
CA THR B 122 -4.89 44.90 8.40
C THR B 122 -5.84 45.73 7.54
N SER B 123 -7.06 45.90 8.02
CA SER B 123 -8.10 46.58 7.25
C SER B 123 -7.97 48.09 7.34
N SER B 124 -7.02 48.59 8.10
CA SER B 124 -6.90 50.00 8.41
C SER B 124 -5.87 50.67 7.54
N LEU B 125 -5.37 49.94 6.54
CA LEU B 125 -4.42 50.48 5.60
C LEU B 125 -5.09 51.57 4.76
N HIS B 126 -4.26 52.53 4.33
CA HIS B 126 -4.72 53.66 3.53
C HIS B 126 -5.33 53.18 2.23
N VAL B 127 -4.73 52.15 1.65
CA VAL B 127 -5.16 51.53 0.42
C VAL B 127 -6.46 50.74 0.53
N TYR B 128 -7.04 50.64 1.73
CA TYR B 128 -8.36 50.02 1.86
C TYR B 128 -9.47 50.96 2.32
N ASP B 129 -9.31 52.27 2.19
CA ASP B 129 -10.38 53.19 2.55
C ASP B 129 -11.50 53.03 1.52
N GLY B 130 -12.69 52.66 1.98
CA GLY B 130 -13.78 52.37 1.10
C GLY B 130 -14.69 53.53 0.78
N LYS B 131 -14.29 54.74 1.19
CA LYS B 131 -15.11 55.92 0.95
C LYS B 131 -15.28 56.27 -0.52
N PHE B 132 -14.30 55.95 -1.37
CA PHE B 132 -14.39 56.34 -2.77
C PHE B 132 -15.44 55.54 -3.54
N LEU B 133 -15.43 54.22 -3.36
CA LEU B 133 -16.41 53.37 -4.05
C LEU B 133 -17.83 53.72 -3.62
N ALA B 134 -18.00 54.05 -2.35
CA ALA B 134 -19.31 54.41 -1.83
C ALA B 134 -19.74 55.75 -2.41
N ARG B 135 -18.82 56.70 -2.48
CA ARG B 135 -19.13 58.00 -3.04
C ARG B 135 -19.51 57.90 -4.51
N VAL B 136 -18.72 57.17 -5.29
CA VAL B 136 -18.88 57.25 -6.73
C VAL B 136 -19.94 56.29 -7.24
N GLU B 137 -20.03 55.09 -6.69
CA GLU B 137 -20.98 54.13 -7.22
C GLU B 137 -22.15 53.81 -6.31
N ARG B 138 -22.20 54.40 -5.11
CA ARG B 138 -23.22 54.12 -4.08
C ARG B 138 -23.28 52.62 -3.77
N VAL B 139 -22.18 52.12 -3.20
CA VAL B 139 -22.10 50.74 -2.74
C VAL B 139 -21.89 50.80 -1.23
N ILE B 140 -22.20 49.71 -0.57
CA ILE B 140 -21.90 49.60 0.85
C ILE B 140 -20.54 48.97 0.97
N VAL B 141 -19.65 49.50 1.83
CA VAL B 141 -18.35 48.85 1.96
C VAL B 141 -18.19 48.35 3.39
N VAL B 142 -17.86 47.08 3.56
CA VAL B 142 -17.55 46.54 4.88
C VAL B 142 -16.16 45.93 4.84
N SER B 143 -15.36 46.13 5.89
CA SER B 143 -14.10 45.40 6.02
C SER B 143 -13.88 44.94 7.45
N MET B 144 -13.24 43.79 7.61
CA MET B 144 -13.01 43.24 8.94
C MET B 144 -11.55 42.82 9.12
N ASN B 145 -11.08 42.84 10.36
CA ASN B 145 -9.86 42.14 10.74
C ASN B 145 -10.17 40.71 11.11
N TYR B 146 -9.37 39.78 10.61
CA TYR B 146 -9.44 38.37 10.96
C TYR B 146 -8.08 37.84 11.39
N ARG B 147 -8.10 36.90 12.34
CA ARG B 147 -6.87 36.30 12.87
C ARG B 147 -6.06 35.64 11.77
N VAL B 148 -4.77 35.92 11.77
CA VAL B 148 -3.81 35.32 10.84
C VAL B 148 -2.82 34.47 11.61
N GLY B 149 -2.00 33.72 10.87
CA GLY B 149 -1.01 32.83 11.44
C GLY B 149 -1.63 31.74 12.28
N ALA B 150 -0.84 31.27 13.25
CA ALA B 150 -1.27 30.22 14.17
C ALA B 150 -2.55 30.64 14.88
N LEU B 151 -2.65 31.94 15.22
CA LEU B 151 -3.82 32.52 15.85
C LEU B 151 -5.05 32.37 14.96
N GLY B 152 -4.83 32.28 13.66
CA GLY B 152 -5.88 32.14 12.69
C GLY B 152 -6.00 30.67 12.34
N PHE B 153 -4.88 29.93 12.41
CA PHE B 153 -4.91 28.59 11.82
C PHE B 153 -4.25 27.46 12.59
N LEU B 154 -3.97 27.58 13.89
CA LEU B 154 -3.56 26.40 14.63
C LEU B 154 -4.62 25.31 14.54
N ALA B 155 -4.19 24.10 14.21
CA ALA B 155 -5.12 23.01 13.95
C ALA B 155 -4.72 21.73 14.68
N LEU B 156 -5.64 21.21 15.48
CA LEU B 156 -5.60 19.84 15.98
C LEU B 156 -6.99 19.26 15.78
N PRO B 157 -7.28 18.73 14.59
CA PRO B 157 -8.67 18.41 14.22
C PRO B 157 -9.28 17.33 15.08
N GLY B 158 -10.54 17.54 15.44
CA GLY B 158 -11.27 16.70 16.36
C GLY B 158 -11.38 17.32 17.73
N ASN B 159 -10.47 18.23 18.04
CA ASN B 159 -10.43 18.92 19.31
C ASN B 159 -11.12 20.26 19.15
N PRO B 160 -12.23 20.50 19.83
CA PRO B 160 -12.99 21.75 19.63
C PRO B 160 -12.29 22.99 20.17
N GLU B 161 -11.17 22.82 20.89
CA GLU B 161 -10.39 23.91 21.44
C GLU B 161 -9.54 24.59 20.38
N ALA B 162 -9.19 23.90 19.28
CA ALA B 162 -8.42 24.49 18.19
C ALA B 162 -8.56 23.71 16.88
N PRO B 163 -9.74 23.73 16.24
CA PRO B 163 -10.00 22.78 15.16
C PRO B 163 -9.35 23.15 13.84
N GLY B 164 -8.77 24.34 13.73
CA GLY B 164 -8.28 24.77 12.44
C GLY B 164 -9.30 25.66 11.75
N ASN B 165 -8.79 26.46 10.79
CA ASN B 165 -9.61 27.33 9.92
C ASN B 165 -10.43 28.36 10.71
N MET B 166 -9.93 28.74 11.89
CA MET B 166 -10.62 29.70 12.75
C MET B 166 -10.84 31.03 12.05
N GLY B 167 -9.82 31.53 11.33
CA GLY B 167 -9.96 32.76 10.56
C GLY B 167 -11.10 32.69 9.56
N LEU B 168 -11.25 31.55 8.89
CA LEU B 168 -12.38 31.35 7.99
C LEU B 168 -13.69 31.40 8.74
N PHE B 169 -13.74 30.77 9.91
CA PHE B 169 -14.95 30.85 10.73
C PHE B 169 -15.21 32.27 11.24
N ASP B 170 -14.15 33.09 11.33
CA ASP B 170 -14.32 34.49 11.70
C ASP B 170 -15.02 35.20 10.57
N GLN B 171 -14.51 34.98 9.34
CA GLN B 171 -15.11 35.49 8.12
C GLN B 171 -16.57 35.08 8.03
N GLN B 172 -16.84 33.81 8.32
CA GLN B 172 -18.19 33.26 8.22
C GLN B 172 -19.12 33.95 9.20
N LEU B 173 -18.65 34.14 10.43
CA LEU B 173 -19.43 34.82 11.44
C LEU B 173 -19.71 36.25 11.02
N ALA B 174 -18.73 36.88 10.40
CA ALA B 174 -18.92 38.22 9.85
C ALA B 174 -19.98 38.24 8.76
N LEU B 175 -19.98 37.23 7.89
CA LEU B 175 -21.02 37.12 6.87
C LEU B 175 -22.39 37.02 7.50
N GLN B 176 -22.49 36.17 8.53
CA GLN B 176 -23.73 36.03 9.27
C GLN B 176 -24.16 37.36 9.89
N TRP B 177 -23.19 38.11 10.43
CA TRP B 177 -23.47 39.43 10.98
C TRP B 177 -24.00 40.37 9.91
N VAL B 178 -23.49 40.24 8.68
CA VAL B 178 -23.94 41.08 7.58
C VAL B 178 -25.36 40.74 7.22
N GLN B 179 -25.66 39.44 7.14
CA GLN B 179 -27.00 38.92 6.92
C GLN B 179 -27.96 39.43 7.99
N LYS B 180 -27.48 39.41 9.23
CA LYS B 180 -28.26 39.81 10.38
C LYS B 180 -28.51 41.31 10.42
N ASN B 181 -27.59 42.13 9.91
CA ASN B 181 -27.64 43.55 10.22
C ASN B 181 -27.79 44.49 9.02
N ILE B 182 -27.40 44.07 7.83
CA ILE B 182 -27.31 44.94 6.66
C ILE B 182 -28.63 45.62 6.31
N ALA B 183 -29.77 44.96 6.55
CA ALA B 183 -31.08 45.57 6.31
C ALA B 183 -31.25 46.85 7.10
N ALA B 184 -30.68 46.91 8.31
CA ALA B 184 -30.78 48.12 9.12
C ALA B 184 -29.94 49.23 8.54
N PHE B 185 -28.96 48.88 7.73
CA PHE B 185 -28.16 49.84 7.01
C PHE B 185 -28.68 50.13 5.63
N GLY B 186 -29.83 49.55 5.24
CA GLY B 186 -30.32 49.77 3.91
C GLY B 186 -29.74 48.81 2.91
N GLY B 187 -29.23 47.66 3.37
CA GLY B 187 -28.59 46.71 2.49
C GLY B 187 -29.50 45.61 2.01
N ASN B 188 -29.09 45.03 0.87
CA ASN B 188 -29.78 43.91 0.26
C ASN B 188 -29.03 42.63 0.55
N PRO B 189 -29.53 41.77 1.44
CA PRO B 189 -28.82 40.52 1.78
C PRO B 189 -28.76 39.54 0.62
N LYS B 190 -29.49 39.80 -0.46
CA LYS B 190 -29.48 38.94 -1.62
C LYS B 190 -28.54 39.45 -2.69
N SER B 191 -27.84 40.57 -2.43
CA SER B 191 -26.80 41.08 -3.32
C SER B 191 -25.53 41.39 -2.51
N VAL B 192 -24.75 40.36 -2.19
CA VAL B 192 -23.55 40.52 -1.38
C VAL B 192 -22.37 39.99 -2.17
N THR B 193 -21.36 40.83 -2.40
CA THR B 193 -20.17 40.42 -3.14
C THR B 193 -18.91 40.45 -2.29
N LEU B 194 -18.20 39.32 -2.27
CA LEU B 194 -16.92 39.19 -1.59
C LEU B 194 -15.76 39.55 -2.51
N PHE B 195 -14.74 40.28 -2.00
CA PHE B 195 -13.52 40.36 -2.80
C PHE B 195 -12.28 40.41 -1.91
N GLY B 196 -11.17 39.91 -2.46
CA GLY B 196 -9.89 39.92 -1.75
C GLY B 196 -8.77 39.55 -2.69
N GLU B 197 -7.55 39.79 -2.23
CA GLU B 197 -6.39 39.54 -3.08
C GLU B 197 -5.33 38.69 -2.38
N SER B 198 -4.70 37.79 -3.15
CA SER B 198 -3.62 36.87 -2.83
C SER B 198 -3.90 35.83 -1.75
N ALA B 199 -4.75 36.17 -0.83
CA ALA B 199 -5.20 35.31 0.24
C ALA B 199 -6.65 35.59 0.54
N GLY B 200 -7.09 36.81 0.25
CA GLY B 200 -8.49 37.15 0.29
C GLY B 200 -9.27 36.39 -0.76
N ALA B 201 -8.71 36.29 -1.97
CA ALA B 201 -9.37 35.52 -3.02
C ALA B 201 -9.37 34.04 -2.72
N ALA B 202 -8.25 33.51 -2.23
CA ALA B 202 -8.20 32.15 -1.73
C ALA B 202 -9.25 31.91 -0.65
N SER B 203 -9.39 32.87 0.26
CA SER B 203 -10.43 32.80 1.30
C SER B 203 -11.82 32.75 0.69
N VAL B 204 -12.12 33.68 -0.24
CA VAL B 204 -13.41 33.76 -0.91
C VAL B 204 -13.71 32.44 -1.59
N SER B 205 -12.71 31.87 -2.23
CA SER B 205 -12.87 30.62 -2.94
C SER B 205 -13.13 29.49 -1.96
N LEU B 206 -12.60 29.61 -0.75
CA LEU B 206 -12.88 28.57 0.22
C LEU B 206 -14.29 28.71 0.74
N HIS B 207 -14.77 29.95 0.83
CA HIS B 207 -16.18 30.14 1.15
C HIS B 207 -17.07 29.68 0.00
N LEU B 208 -16.54 29.71 -1.23
CA LEU B 208 -17.21 29.12 -2.37
C LEU B 208 -17.32 27.61 -2.20
N LEU B 209 -16.38 27.02 -1.46
CA LEU B 209 -16.44 25.58 -1.31
C LEU B 209 -17.25 25.08 -0.12
N SER B 210 -17.42 25.85 0.95
CA SER B 210 -18.09 25.31 2.13
C SER B 210 -19.59 25.48 2.01
N PRO B 211 -20.37 24.39 1.91
CA PRO B 211 -21.83 24.48 1.74
C PRO B 211 -22.57 25.31 2.77
N GLY B 212 -22.11 25.31 4.03
CA GLY B 212 -22.72 26.11 5.06
C GLY B 212 -22.56 27.60 4.86
N SER B 213 -21.60 28.00 4.08
CA SER B 213 -21.40 29.41 3.84
C SER B 213 -22.12 29.83 2.57
N HIS B 214 -22.68 28.82 1.88
CA HIS B 214 -23.08 28.94 0.48
C HIS B 214 -24.18 29.98 0.28
N SER B 215 -25.03 30.16 1.28
CA SER B 215 -26.17 31.06 1.19
C SER B 215 -25.89 32.41 1.83
N LEU B 216 -24.64 32.75 2.07
CA LEU B 216 -24.37 34.02 2.73
C LEU B 216 -23.79 35.10 1.84
N PHE B 217 -23.63 34.86 0.54
CA PHE B 217 -23.19 35.92 -0.36
C PHE B 217 -23.69 35.59 -1.76
N THR B 218 -23.50 36.53 -2.67
CA THR B 218 -23.99 36.42 -4.04
C THR B 218 -22.91 36.22 -5.08
N ARG B 219 -21.84 37.01 -5.08
CA ARG B 219 -20.88 36.97 -6.17
C ARG B 219 -19.47 37.12 -5.60
N ALA B 220 -18.47 37.10 -6.48
CA ALA B 220 -17.09 36.93 -6.05
C ALA B 220 -16.09 37.52 -7.05
N ILE B 221 -15.17 38.32 -6.52
CA ILE B 221 -14.10 38.91 -7.32
C ILE B 221 -12.78 38.38 -6.77
N LEU B 222 -11.94 37.85 -7.64
CA LEU B 222 -10.71 37.19 -7.23
C LEU B 222 -9.50 37.85 -7.88
N GLN B 223 -8.75 38.61 -7.11
CA GLN B 223 -7.57 39.28 -7.65
C GLN B 223 -6.33 38.48 -7.29
N SER B 224 -5.66 37.94 -8.30
CA SER B 224 -4.40 37.21 -8.21
C SER B 224 -4.38 36.07 -7.18
N GLY B 225 -5.27 35.10 -7.34
CA GLY B 225 -5.29 34.03 -6.35
C GLY B 225 -6.43 33.03 -6.36
N SER B 226 -6.12 31.80 -5.93
CA SER B 226 -7.07 30.71 -5.76
C SER B 226 -6.40 29.58 -5.00
N PHE B 227 -7.25 28.79 -4.35
CA PHE B 227 -6.86 27.71 -3.44
C PHE B 227 -5.98 26.63 -4.07
N ASN B 228 -5.98 26.52 -5.37
CA ASN B 228 -5.28 25.42 -6.01
C ASN B 228 -3.84 25.76 -6.30
N ALA B 229 -3.41 26.95 -5.92
CA ALA B 229 -2.00 27.25 -6.00
C ALA B 229 -1.25 26.38 -4.98
N PRO B 230 -0.02 25.97 -5.30
CA PRO B 230 0.68 24.98 -4.44
C PRO B 230 0.94 25.46 -3.03
N TRP B 231 0.95 26.77 -2.81
CA TRP B 231 1.25 27.35 -1.53
C TRP B 231 0.00 27.64 -0.72
N ALA B 232 -1.18 27.44 -1.28
CA ALA B 232 -2.36 27.99 -0.65
C ALA B 232 -2.82 27.17 0.55
N VAL B 233 -2.88 25.85 0.41
CA VAL B 233 -3.46 24.99 1.44
C VAL B 233 -2.44 23.92 1.82
N THR B 234 -2.27 23.70 3.12
CA THR B 234 -1.38 22.67 3.62
C THR B 234 -2.21 21.44 3.96
N SER B 235 -1.68 20.27 3.62
CA SER B 235 -2.29 19.00 4.01
C SER B 235 -2.45 18.87 5.52
N LEU B 236 -3.47 18.08 5.88
CA LEU B 236 -3.86 17.83 7.27
C LEU B 236 -2.69 17.37 8.14
N TYR B 237 -1.89 16.45 7.64
CA TYR B 237 -0.83 15.93 8.48
C TYR B 237 0.44 16.75 8.38
N GLU B 238 0.57 17.55 7.33
CA GLU B 238 1.67 18.51 7.28
C GLU B 238 1.39 19.63 8.28
N ALA B 239 0.12 20.01 8.37
CA ALA B 239 -0.36 20.97 9.35
C ALA B 239 -0.07 20.46 10.76
N ARG B 240 -0.53 19.23 11.06
CA ARG B 240 -0.24 18.61 12.35
C ARG B 240 1.25 18.57 12.67
N ASN B 241 2.08 18.19 11.68
CA ASN B 241 3.53 18.18 11.85
C ASN B 241 4.04 19.55 12.27
N ARG B 242 3.57 20.59 11.59
CA ARG B 242 3.96 21.97 11.88
C ARG B 242 3.53 22.38 13.29
N THR B 243 2.32 21.98 13.68
CA THR B 243 1.81 22.23 15.03
C THR B 243 2.71 21.59 16.07
N LEU B 244 3.00 20.30 15.88
CA LEU B 244 3.92 19.56 16.75
C LEU B 244 5.29 20.24 16.81
N ASN B 245 5.74 20.83 15.70
CA ASN B 245 7.04 21.47 15.69
C ASN B 245 7.02 22.76 16.48
N LEU B 246 5.93 23.54 16.33
CA LEU B 246 5.75 24.75 17.14
C LEU B 246 5.70 24.42 18.62
N ALA B 247 4.97 23.35 18.97
CA ALA B 247 4.93 22.81 20.33
C ALA B 247 6.32 22.48 20.87
N LYS B 248 7.14 21.83 20.05
CA LYS B 248 8.50 21.50 20.46
C LYS B 248 9.30 22.78 20.71
N LEU B 249 9.27 23.68 19.73
CA LEU B 249 9.98 24.96 19.79
C LEU B 249 9.58 25.81 21.00
N THR B 250 8.34 25.67 21.49
CA THR B 250 7.86 26.52 22.56
C THR B 250 7.79 25.82 23.90
N GLY B 251 8.19 24.55 23.97
CA GLY B 251 8.12 23.78 25.21
C GLY B 251 6.75 23.35 25.69
N CYS B 252 5.82 23.06 24.78
CA CYS B 252 4.47 22.64 25.15
C CYS B 252 4.17 21.22 24.71
N SER B 253 5.19 20.48 24.28
CA SER B 253 5.03 19.07 23.94
C SER B 253 4.62 18.28 25.19
N ARG B 254 3.47 17.61 25.10
CA ARG B 254 2.90 16.89 26.22
C ARG B 254 2.46 15.54 25.69
N GLU B 255 2.03 14.67 26.61
CA GLU B 255 1.39 13.40 26.30
C GLU B 255 0.30 13.54 25.25
N ASN B 256 -0.84 14.11 25.65
CA ASN B 256 -1.98 14.27 24.75
C ASN B 256 -2.09 15.71 24.26
N GLU B 257 -3.03 15.90 23.34
CA GLU B 257 -3.19 17.16 22.63
C GLU B 257 -3.74 18.27 23.53
N THR B 258 -4.73 17.96 24.38
CA THR B 258 -5.37 19.00 25.19
C THR B 258 -4.43 19.56 26.26
N GLU B 259 -3.41 18.82 26.66
CA GLU B 259 -2.42 19.37 27.57
C GLU B 259 -1.47 20.30 26.83
N ILE B 260 -1.13 19.91 25.60
CA ILE B 260 -0.32 20.75 24.71
C ILE B 260 -0.99 22.11 24.51
N ILE B 261 -2.28 22.10 24.13
CA ILE B 261 -3.00 23.37 23.94
C ILE B 261 -3.09 24.15 25.26
N LYS B 262 -3.31 23.44 26.39
CA LYS B 262 -3.33 24.09 27.69
C LYS B 262 -2.03 24.87 27.93
N CYS B 263 -0.89 24.26 27.59
CA CYS B 263 0.38 24.96 27.76
C CYS B 263 0.52 26.09 26.74
N LEU B 264 0.04 25.87 25.52
CA LEU B 264 0.14 26.88 24.47
C LEU B 264 -0.72 28.11 24.75
N ARG B 265 -1.79 27.94 25.52
CA ARG B 265 -2.60 29.09 25.93
C ARG B 265 -1.90 29.95 26.95
N ASN B 266 -0.83 29.45 27.56
CA ASN B 266 -0.07 30.22 28.52
C ASN B 266 1.10 30.96 27.91
N LYS B 267 1.38 30.74 26.63
CA LYS B 267 2.50 31.46 26.04
C LYS B 267 2.09 32.87 25.65
N ASP B 268 3.03 33.80 25.78
CA ASP B 268 2.87 35.14 25.27
C ASP B 268 2.72 35.15 23.75
N PRO B 269 1.90 36.06 23.22
CA PRO B 269 1.77 36.18 21.75
C PRO B 269 3.10 36.43 21.07
N GLN B 270 3.96 37.22 21.72
CA GLN B 270 5.26 37.57 21.16
C GLN B 270 6.16 36.35 20.98
N GLU B 271 6.10 35.40 21.92
CA GLU B 271 6.90 34.18 21.85
C GLU B 271 6.51 33.32 20.66
N ILE B 272 5.20 33.20 20.42
CA ILE B 272 4.67 32.47 19.26
C ILE B 272 5.09 33.18 17.98
N LEU B 273 4.96 34.51 17.97
CA LEU B 273 5.27 35.28 16.77
C LEU B 273 6.74 35.13 16.42
N LEU B 274 7.61 35.20 17.43
CA LEU B 274 9.03 35.07 17.18
C LEU B 274 9.44 33.63 16.89
N ASN B 275 8.56 32.65 17.15
CA ASN B 275 8.95 31.27 16.89
C ASN B 275 8.32 30.71 15.61
N GLU B 276 7.30 31.38 15.07
CA GLU B 276 6.58 30.93 13.86
C GLU B 276 7.48 30.62 12.66
N ALA B 277 8.59 31.33 12.49
CA ALA B 277 9.40 31.20 11.28
C ALA B 277 10.28 29.96 11.25
N PHE B 278 10.25 29.12 12.27
CA PHE B 278 11.12 27.96 12.33
C PHE B 278 10.37 26.64 12.30
N VAL B 279 9.05 26.66 12.16
CA VAL B 279 8.24 25.44 12.10
C VAL B 279 8.37 24.73 10.77
N VAL B 280 8.97 25.39 9.77
CA VAL B 280 9.14 24.83 8.43
C VAL B 280 10.64 24.77 8.16
N PRO B 281 11.19 23.60 7.80
CA PRO B 281 12.65 23.47 7.67
C PRO B 281 13.27 24.28 6.55
N TYR B 282 12.57 24.48 5.43
CA TYR B 282 13.16 25.18 4.29
C TYR B 282 12.05 25.99 3.62
N GLY B 283 11.85 27.20 4.13
CA GLY B 283 10.74 28.00 3.68
C GLY B 283 11.12 28.93 2.55
N THR B 284 10.09 29.43 1.88
CA THR B 284 10.20 30.38 0.78
C THR B 284 9.64 31.73 1.19
N PRO B 285 9.90 32.80 0.42
CA PRO B 285 9.23 34.07 0.70
C PRO B 285 7.70 34.00 0.63
N LEU B 286 7.15 32.93 0.08
CA LEU B 286 5.72 32.70 -0.02
C LEU B 286 5.28 31.59 0.93
N SER B 287 6.07 31.30 1.94
CA SER B 287 5.78 30.18 2.82
C SER B 287 4.70 30.57 3.82
N VAL B 288 3.70 29.73 3.92
CA VAL B 288 2.61 29.85 4.87
C VAL B 288 2.87 28.88 6.01
N ASN B 289 3.42 29.43 7.10
CA ASN B 289 3.75 28.63 8.26
C ASN B 289 2.49 27.98 8.84
N PHE B 290 1.49 28.79 9.15
CA PHE B 290 0.21 28.28 9.62
C PHE B 290 -0.90 28.77 8.70
N GLY B 291 -1.55 27.84 7.99
CA GLY B 291 -2.59 28.23 7.08
C GLY B 291 -3.74 27.25 6.95
N PRO B 292 -4.60 27.48 5.94
CA PRO B 292 -5.78 26.62 5.73
C PRO B 292 -5.49 25.14 5.58
N THR B 293 -6.44 24.33 6.04
CA THR B 293 -6.33 22.88 5.92
C THR B 293 -7.73 22.26 5.82
N VAL B 294 -7.72 20.96 5.58
CA VAL B 294 -8.91 20.12 5.54
C VAL B 294 -9.37 19.84 6.96
N ASP B 295 -10.28 20.66 7.47
CA ASP B 295 -10.71 20.56 8.85
C ASP B 295 -11.86 19.59 9.05
N GLY B 296 -12.48 19.12 7.97
CA GLY B 296 -13.62 18.23 8.01
C GLY B 296 -14.96 18.89 8.21
N ASP B 297 -14.99 20.15 8.66
CA ASP B 297 -16.23 20.86 8.86
C ASP B 297 -16.38 21.86 7.73
N PHE B 298 -15.58 22.92 7.73
CA PHE B 298 -15.57 23.88 6.63
C PHE B 298 -15.10 23.21 5.34
N LEU B 299 -14.01 22.46 5.39
CA LEU B 299 -13.48 21.76 4.23
C LEU B 299 -13.48 20.27 4.52
N THR B 300 -14.35 19.54 3.83
CA THR B 300 -14.48 18.11 4.06
C THR B 300 -13.47 17.27 3.30
N ASP B 301 -12.61 17.85 2.48
CA ASP B 301 -11.66 17.11 1.65
C ASP B 301 -10.74 18.14 1.01
N MET B 302 -9.68 17.65 0.38
CA MET B 302 -8.73 18.51 -0.33
C MET B 302 -9.48 19.24 -1.45
N PRO B 303 -9.30 20.56 -1.57
CA PRO B 303 -10.16 21.39 -2.42
C PRO B 303 -10.24 21.07 -3.90
N ASP B 304 -9.16 20.59 -4.51
CA ASP B 304 -9.17 20.25 -5.93
C ASP B 304 -10.17 19.15 -6.22
N ILE B 305 -10.37 18.26 -5.26
CA ILE B 305 -11.34 17.19 -5.42
C ILE B 305 -12.75 17.78 -5.43
N LEU B 306 -13.04 18.67 -4.49
CA LEU B 306 -14.34 19.36 -4.44
C LEU B 306 -14.58 20.10 -5.73
N LEU B 307 -13.53 20.73 -6.26
CA LEU B 307 -13.61 21.46 -7.51
C LEU B 307 -13.96 20.50 -8.63
N GLU B 308 -13.24 19.39 -8.69
CA GLU B 308 -13.48 18.32 -9.66
C GLU B 308 -14.92 17.83 -9.60
N LEU B 309 -15.53 17.85 -8.43
CA LEU B 309 -16.85 17.27 -8.24
C LEU B 309 -17.97 18.29 -8.38
N GLY B 310 -17.65 19.54 -8.70
CA GLY B 310 -18.71 20.51 -8.89
C GLY B 310 -19.43 20.91 -7.62
N GLN B 311 -18.85 20.65 -6.46
CA GLN B 311 -19.49 20.96 -5.19
C GLN B 311 -19.13 22.36 -4.70
N PHE B 312 -19.73 23.35 -5.34
CA PHE B 312 -19.51 24.73 -4.96
C PHE B 312 -20.67 25.58 -5.43
N LYS B 313 -20.70 26.83 -4.95
CA LYS B 313 -21.74 27.77 -5.31
C LYS B 313 -21.70 28.05 -6.81
N LYS B 314 -22.80 27.81 -7.47
CA LYS B 314 -22.88 28.00 -8.91
C LYS B 314 -23.27 29.43 -9.27
N THR B 315 -22.29 30.30 -9.48
CA THR B 315 -22.60 31.71 -9.75
C THR B 315 -21.51 32.27 -10.65
N GLN B 316 -21.66 33.55 -11.03
CA GLN B 316 -20.68 34.20 -11.89
C GLN B 316 -19.52 34.72 -11.04
N ILE B 317 -18.31 34.68 -11.60
CA ILE B 317 -17.11 35.19 -10.97
C ILE B 317 -16.30 36.10 -11.88
N LEU B 318 -15.54 37.01 -11.26
CA LEU B 318 -14.60 37.84 -12.01
C LEU B 318 -13.25 37.65 -11.37
N VAL B 319 -12.27 37.25 -12.17
CA VAL B 319 -10.95 36.85 -11.73
C VAL B 319 -9.91 37.54 -12.61
N GLY B 320 -8.81 38.01 -12.01
CA GLY B 320 -7.74 38.48 -12.88
C GLY B 320 -6.41 38.63 -12.19
N VAL B 321 -5.39 38.90 -13.00
CA VAL B 321 -4.03 39.03 -12.47
C VAL B 321 -3.21 40.15 -13.13
N ASN B 322 -2.15 40.57 -12.43
CA ASN B 322 -1.17 41.51 -12.95
C ASN B 322 -0.02 40.74 -13.58
N LYS B 323 0.69 41.39 -14.50
CA LYS B 323 1.78 40.72 -15.21
C LYS B 323 2.95 40.33 -14.30
N ASP B 324 3.32 41.20 -13.36
CA ASP B 324 4.51 40.86 -12.59
C ASP B 324 4.31 40.74 -11.10
N GLU B 325 3.42 39.82 -10.72
CA GLU B 325 3.08 39.53 -9.34
C GLU B 325 4.29 39.12 -8.50
N GLY B 326 5.23 38.43 -9.10
CA GLY B 326 6.31 37.79 -8.39
C GLY B 326 7.56 38.57 -8.10
N THR B 327 7.77 39.73 -8.73
CA THR B 327 9.05 40.43 -8.67
C THR B 327 9.42 40.86 -7.26
N ALA B 328 8.40 41.24 -6.49
CA ALA B 328 8.54 41.76 -5.13
C ALA B 328 9.30 40.81 -4.21
N PHE B 329 9.21 39.52 -4.49
CA PHE B 329 9.70 38.53 -3.56
C PHE B 329 11.18 38.25 -3.75
N LEU B 330 11.73 38.60 -4.92
CA LEU B 330 13.15 38.31 -5.19
C LEU B 330 14.06 39.09 -4.26
N VAL B 331 13.67 40.31 -3.88
CA VAL B 331 14.52 41.12 -3.00
C VAL B 331 14.40 40.64 -1.55
N TYR B 332 13.61 39.60 -1.31
CA TYR B 332 13.38 39.03 0.02
C TYR B 332 14.07 37.68 0.18
N GLY B 333 15.08 37.39 -0.62
CA GLY B 333 15.79 36.15 -0.45
C GLY B 333 16.71 35.75 -1.58
N ALA B 334 16.35 36.12 -2.81
CA ALA B 334 17.19 35.73 -3.94
C ALA B 334 18.48 36.54 -3.96
N PRO B 335 19.63 35.89 -4.12
CA PRO B 335 20.91 36.63 -4.16
C PRO B 335 21.05 37.49 -5.39
N GLY B 336 21.64 38.67 -5.21
CA GLY B 336 21.86 39.58 -6.30
C GLY B 336 20.83 40.68 -6.42
N PHE B 337 19.67 40.50 -5.82
CA PHE B 337 18.61 41.47 -6.00
C PHE B 337 18.60 42.52 -4.91
N SER B 338 18.21 43.72 -5.30
CA SER B 338 18.19 44.90 -4.45
C SER B 338 17.30 45.93 -5.10
N LYS B 339 16.51 46.65 -4.29
CA LYS B 339 15.64 47.68 -4.82
C LYS B 339 16.43 48.93 -5.22
N ASP B 340 17.73 48.95 -4.91
CA ASP B 340 18.68 50.00 -5.24
C ASP B 340 19.70 49.51 -6.26
N ASN B 341 19.45 48.36 -6.90
CA ASN B 341 20.27 47.79 -7.94
C ASN B 341 19.50 47.69 -9.24
N ASN B 342 20.23 47.47 -10.32
CA ASN B 342 19.57 47.09 -11.56
C ASN B 342 19.40 45.58 -11.66
N SER B 343 19.97 44.84 -10.69
CA SER B 343 19.76 43.42 -10.41
C SER B 343 20.02 42.51 -11.61
N ILE B 344 21.05 42.84 -12.40
CA ILE B 344 21.55 41.91 -13.42
C ILE B 344 22.16 40.69 -12.75
N ILE B 345 21.61 39.51 -13.03
CA ILE B 345 22.13 38.30 -12.42
C ILE B 345 22.62 37.36 -13.51
N THR B 346 23.42 36.38 -13.09
CA THR B 346 23.97 35.40 -14.01
C THR B 346 23.07 34.17 -14.06
N ARG B 347 23.49 33.22 -14.90
CA ARG B 347 22.81 31.94 -14.99
C ARG B 347 22.98 31.16 -13.68
N LYS B 348 24.17 31.25 -13.07
CA LYS B 348 24.41 30.54 -11.82
C LYS B 348 23.63 31.16 -10.67
N GLU B 349 23.47 32.48 -10.68
CA GLU B 349 22.67 33.14 -9.66
C GLU B 349 21.21 32.76 -9.81
N PHE B 350 20.76 32.70 -11.07
CA PHE B 350 19.46 32.18 -11.43
C PHE B 350 19.24 30.79 -10.84
N GLN B 351 20.19 29.88 -11.10
CA GLN B 351 20.14 28.52 -10.59
C GLN B 351 20.11 28.47 -9.07
N GLU B 352 20.78 29.41 -8.40
CA GLU B 352 20.73 29.43 -6.95
C GLU B 352 19.37 29.91 -6.48
N GLY B 353 18.79 30.87 -7.21
CA GLY B 353 17.43 31.29 -6.94
C GLY B 353 16.46 30.14 -7.08
N LEU B 354 16.65 29.34 -8.12
CA LEU B 354 15.86 28.14 -8.34
C LEU B 354 15.95 27.21 -7.15
N LYS B 355 17.15 27.06 -6.59
CA LYS B 355 17.29 26.21 -5.41
C LYS B 355 16.62 26.81 -4.19
N ILE B 356 16.56 28.14 -4.12
CA ILE B 356 15.88 28.80 -3.01
C ILE B 356 14.37 28.60 -3.08
N PHE B 357 13.79 28.81 -4.23
CA PHE B 357 12.34 28.75 -4.35
C PHE B 357 11.81 27.36 -4.57
N PHE B 358 12.64 26.42 -4.94
CA PHE B 358 12.19 25.05 -5.19
C PHE B 358 13.05 24.01 -4.48
N PRO B 359 13.05 24.01 -3.14
CA PRO B 359 14.01 23.18 -2.39
C PRO B 359 13.97 21.69 -2.64
N GLY B 360 12.78 21.07 -2.73
CA GLY B 360 12.81 19.62 -2.82
C GLY B 360 12.77 18.93 -4.17
N VAL B 361 12.81 19.63 -5.26
CA VAL B 361 12.71 19.04 -6.60
C VAL B 361 14.12 18.66 -7.04
N SER B 362 14.26 17.50 -7.67
CA SER B 362 15.55 17.03 -8.16
C SER B 362 16.14 18.02 -9.17
N GLU B 363 17.43 17.83 -9.43
CA GLU B 363 18.22 18.73 -10.27
C GLU B 363 17.70 18.78 -11.69
N PHE B 364 17.16 17.68 -12.20
CA PHE B 364 16.66 17.68 -13.57
C PHE B 364 15.36 18.44 -13.68
N GLY B 365 14.58 18.48 -12.60
CA GLY B 365 13.39 19.29 -12.60
C GLY B 365 13.75 20.76 -12.72
N LYS B 366 14.81 21.17 -12.02
CA LYS B 366 15.21 22.57 -12.03
C LYS B 366 15.80 22.91 -13.38
N GLU B 367 16.61 21.99 -13.91
CA GLU B 367 17.21 22.13 -15.23
C GLU B 367 16.13 22.28 -16.28
N SER B 368 15.01 21.58 -16.10
CA SER B 368 13.92 21.66 -17.03
C SER B 368 13.15 22.96 -16.89
N ILE B 369 13.08 23.50 -15.67
CA ILE B 369 12.54 24.84 -15.49
C ILE B 369 13.38 25.84 -16.25
N LEU B 370 14.70 25.68 -16.13
CA LEU B 370 15.64 26.53 -16.84
C LEU B 370 15.44 26.44 -18.34
N PHE B 371 15.39 25.20 -18.85
CA PHE B 371 15.18 24.96 -20.28
C PHE B 371 13.91 25.58 -20.79
N HIS B 372 12.83 25.38 -20.05
CA HIS B 372 11.55 25.89 -20.51
C HIS B 372 11.54 27.40 -20.48
N TYR B 373 12.35 28.00 -19.61
CA TYR B 373 12.31 29.44 -19.46
C TYR B 373 13.48 30.18 -20.09
N THR B 374 14.31 29.53 -20.89
CA THR B 374 15.49 30.21 -21.43
C THR B 374 15.47 30.24 -22.95
N ASP B 375 14.35 29.92 -23.56
CA ASP B 375 14.20 30.04 -25.00
C ASP B 375 14.11 31.52 -25.37
N TRP B 376 15.28 32.14 -25.43
CA TRP B 376 15.33 33.59 -25.58
C TRP B 376 14.88 33.99 -26.97
N VAL B 377 14.06 35.03 -27.04
CA VAL B 377 13.82 35.70 -28.30
C VAL B 377 15.10 36.34 -28.81
N ASP B 378 15.79 37.07 -27.93
CA ASP B 378 16.98 37.83 -28.27
C ASP B 378 18.01 37.67 -27.17
N ASP B 379 19.27 37.47 -27.56
CA ASP B 379 20.39 37.44 -26.63
C ASP B 379 21.48 38.39 -27.18
N GLN B 380 22.55 38.74 -26.41
CA GLN B 380 22.87 38.40 -25.01
C GLN B 380 21.93 38.97 -23.97
N ARG B 381 21.32 40.13 -24.28
CA ARG B 381 20.36 40.96 -23.53
C ARG B 381 20.43 40.77 -22.01
N PRO B 382 21.26 41.57 -21.30
CA PRO B 382 21.64 41.27 -19.89
C PRO B 382 20.51 40.95 -18.92
N GLU B 383 19.33 41.52 -19.12
CA GLU B 383 18.22 41.39 -18.20
C GLU B 383 17.40 40.13 -18.41
N ASN B 384 17.81 39.27 -19.36
CA ASN B 384 17.09 38.04 -19.69
C ASN B 384 16.81 37.15 -18.47
N TYR B 385 17.85 36.81 -17.72
CA TYR B 385 17.71 35.84 -16.64
C TYR B 385 16.90 36.39 -15.47
N ARG B 386 17.09 37.68 -15.16
CA ARG B 386 16.37 38.36 -14.08
C ARG B 386 14.87 38.31 -14.28
N GLU B 387 14.41 38.72 -15.46
CA GLU B 387 13.00 38.70 -15.79
C GLU B 387 12.50 37.29 -15.80
N ALA B 388 13.35 36.38 -16.28
CA ALA B 388 13.03 34.96 -16.37
C ALA B 388 12.71 34.41 -14.99
N LEU B 389 13.51 34.76 -13.99
CA LEU B 389 13.28 34.18 -12.67
C LEU B 389 11.98 34.70 -12.09
N GLY B 390 11.69 35.98 -12.35
CA GLY B 390 10.44 36.56 -11.93
C GLY B 390 9.31 35.89 -12.66
N ASP B 391 9.54 35.64 -13.93
CA ASP B 391 8.56 35.00 -14.79
C ASP B 391 8.30 33.60 -14.30
N VAL B 392 9.34 32.91 -13.83
CA VAL B 392 9.16 31.57 -13.31
C VAL B 392 8.23 31.54 -12.10
N VAL B 393 8.54 32.37 -11.08
CA VAL B 393 7.77 32.31 -9.83
C VAL B 393 6.31 32.68 -10.03
N GLY B 394 6.09 33.78 -10.74
CA GLY B 394 4.73 34.23 -11.05
C GLY B 394 3.95 33.17 -11.79
N ASP B 395 4.57 32.57 -12.81
CA ASP B 395 3.86 31.54 -13.57
C ASP B 395 3.52 30.36 -12.67
N TYR B 396 4.48 29.94 -11.84
CA TYR B 396 4.30 28.74 -11.02
C TYR B 396 3.37 28.98 -9.86
N ASN B 397 3.48 30.12 -9.23
CA ASN B 397 2.71 30.37 -8.05
C ASN B 397 1.38 31.01 -8.30
N PHE B 398 1.21 31.75 -9.40
CA PHE B 398 -0.03 32.48 -9.44
C PHE B 398 -0.95 32.34 -10.63
N ILE B 399 -0.47 32.70 -11.81
CA ILE B 399 -1.37 32.84 -12.96
C ILE B 399 -1.94 31.50 -13.43
N CYS B 400 -1.11 30.50 -13.64
CA CYS B 400 -1.60 29.22 -14.14
C CYS B 400 -2.56 28.48 -13.22
N PRO B 401 -2.39 28.40 -11.90
CA PRO B 401 -3.47 27.81 -11.10
C PRO B 401 -4.77 28.58 -11.22
N ALA B 402 -4.70 29.91 -11.20
CA ALA B 402 -5.89 30.73 -11.42
C ALA B 402 -6.57 30.42 -12.73
N LEU B 403 -5.81 30.22 -13.82
CA LEU B 403 -6.41 29.88 -15.11
C LEU B 403 -7.02 28.50 -15.09
N GLU B 404 -6.34 27.54 -14.46
CA GLU B 404 -6.87 26.18 -14.43
C GLU B 404 -8.17 26.16 -13.64
N PHE B 405 -8.20 26.94 -12.56
CA PHE B 405 -9.40 27.11 -11.77
C PHE B 405 -10.52 27.66 -12.63
N THR B 406 -10.24 28.72 -13.40
CA THR B 406 -11.26 29.31 -14.26
C THR B 406 -11.80 28.32 -15.27
N LYS B 407 -10.89 27.65 -15.99
CA LYS B 407 -11.26 26.58 -16.92
C LYS B 407 -12.17 25.54 -16.29
N LYS B 408 -11.76 25.04 -15.13
CA LYS B 408 -12.48 23.94 -14.50
C LYS B 408 -13.79 24.43 -13.92
N PHE B 409 -13.81 25.67 -13.45
CA PHE B 409 -15.01 26.27 -12.91
C PHE B 409 -16.01 26.50 -14.03
N SER B 410 -15.54 26.99 -15.17
CA SER B 410 -16.42 27.26 -16.29
C SER B 410 -16.94 25.98 -16.92
N GLU B 411 -16.26 24.85 -16.70
CA GLU B 411 -16.77 23.60 -17.28
C GLU B 411 -18.08 23.15 -16.64
N TRP B 412 -18.42 23.67 -15.49
CA TRP B 412 -19.68 23.32 -14.83
C TRP B 412 -20.80 24.29 -15.15
N GLY B 413 -20.56 25.26 -16.04
CA GLY B 413 -21.65 26.00 -16.63
C GLY B 413 -21.84 27.43 -16.15
N ASN B 414 -21.01 27.95 -15.27
CA ASN B 414 -21.19 29.32 -14.84
C ASN B 414 -20.30 30.29 -15.60
N ASN B 415 -20.78 31.53 -15.71
CA ASN B 415 -20.05 32.57 -16.42
C ASN B 415 -18.82 33.00 -15.63
N ALA B 416 -17.66 32.96 -16.26
CA ALA B 416 -16.44 33.44 -15.64
C ALA B 416 -15.80 34.49 -16.51
N PHE B 417 -15.25 35.54 -15.88
CA PHE B 417 -14.60 36.60 -16.65
C PHE B 417 -13.21 36.85 -16.09
N PHE B 418 -12.20 36.83 -16.96
CA PHE B 418 -10.80 36.96 -16.55
C PHE B 418 -10.20 38.24 -17.12
N TYR B 419 -9.48 38.97 -16.28
CA TYR B 419 -8.78 40.16 -16.73
C TYR B 419 -7.28 40.02 -16.54
N TYR B 420 -6.55 40.83 -17.32
CA TYR B 420 -5.10 40.94 -17.24
C TYR B 420 -4.68 42.41 -17.17
N PHE B 421 -4.31 42.84 -15.97
CA PHE B 421 -3.98 44.24 -15.67
C PHE B 421 -2.55 44.55 -16.07
N GLU B 422 -2.38 45.56 -16.95
CA GLU B 422 -1.09 45.79 -17.59
C GLU B 422 -0.49 47.18 -17.40
N HIS B 423 -1.03 48.02 -16.52
CA HIS B 423 -0.51 49.38 -16.39
C HIS B 423 0.38 49.47 -15.15
N ARG B 424 1.55 50.08 -15.32
CA ARG B 424 2.44 50.34 -14.20
C ARG B 424 2.22 51.76 -13.70
N SER B 425 1.76 51.87 -12.45
CA SER B 425 1.50 53.14 -11.78
C SER B 425 2.69 54.07 -11.83
N SER B 426 2.41 55.35 -12.15
CA SER B 426 3.43 56.38 -12.22
C SER B 426 4.04 56.75 -10.87
N LYS B 427 3.44 56.33 -9.76
CA LYS B 427 3.93 56.65 -8.43
C LYS B 427 4.58 55.50 -7.69
N LEU B 428 4.74 54.34 -8.32
CA LEU B 428 5.45 53.22 -7.71
C LEU B 428 6.84 53.61 -7.22
N PRO B 429 7.12 53.46 -5.94
CA PRO B 429 8.42 53.89 -5.40
C PRO B 429 9.52 52.89 -5.68
N TRP B 430 9.14 51.65 -5.94
CA TRP B 430 10.08 50.62 -6.30
C TRP B 430 10.60 50.88 -7.72
N PRO B 431 11.81 50.39 -8.04
CA PRO B 431 12.40 50.62 -9.37
C PRO B 431 11.58 50.04 -10.52
N GLU B 432 12.00 50.44 -11.73
CA GLU B 432 11.31 50.04 -12.95
C GLU B 432 11.37 48.55 -13.21
N TRP B 433 12.51 47.92 -12.89
CA TRP B 433 12.71 46.50 -13.22
C TRP B 433 11.72 45.57 -12.52
N MET B 434 11.04 46.04 -11.49
CA MET B 434 10.10 45.21 -10.76
C MET B 434 8.70 45.27 -11.35
N GLY B 435 8.48 46.15 -12.32
CA GLY B 435 7.28 46.19 -13.15
C GLY B 435 5.99 46.36 -12.38
N VAL B 436 4.95 45.66 -12.85
CA VAL B 436 3.62 45.78 -12.25
C VAL B 436 3.52 44.84 -11.05
N MET B 437 3.85 45.37 -9.89
CA MET B 437 4.10 44.56 -8.71
C MET B 437 2.81 44.07 -8.07
N HIS B 438 2.93 42.97 -7.35
CA HIS B 438 1.93 42.48 -6.42
C HIS B 438 1.38 43.56 -5.51
N GLY B 439 0.05 43.65 -5.44
CA GLY B 439 -0.58 44.62 -4.59
C GLY B 439 -0.63 46.04 -5.10
N TYR B 440 -0.01 46.39 -6.22
CA TYR B 440 0.01 47.79 -6.62
C TYR B 440 -1.03 48.11 -7.68
N GLU B 441 -1.99 47.23 -7.87
CA GLU B 441 -3.21 47.51 -8.60
C GLU B 441 -4.34 47.93 -7.66
N ILE B 442 -4.21 47.62 -6.37
CA ILE B 442 -5.25 47.77 -5.36
C ILE B 442 -5.72 49.23 -5.24
N GLU B 443 -4.80 50.20 -5.27
CA GLU B 443 -5.16 51.61 -5.21
C GLU B 443 -6.12 52.02 -6.32
N PHE B 444 -6.06 51.34 -7.45
CA PHE B 444 -6.99 51.62 -8.54
C PHE B 444 -8.33 50.99 -8.23
N VAL B 445 -8.27 49.76 -7.71
CA VAL B 445 -9.45 49.06 -7.25
C VAL B 445 -10.18 49.89 -6.20
N PHE B 446 -9.44 50.56 -5.33
CA PHE B 446 -10.00 51.33 -4.24
C PHE B 446 -10.21 52.79 -4.61
N GLY B 447 -9.78 53.20 -5.80
CA GLY B 447 -10.17 54.47 -6.35
C GLY B 447 -9.28 55.64 -6.00
N LEU B 448 -8.11 55.39 -5.43
CA LEU B 448 -7.15 56.45 -5.10
C LEU B 448 -6.80 57.40 -6.26
N PRO B 449 -6.66 56.98 -7.53
CA PRO B 449 -6.37 57.99 -8.56
C PRO B 449 -7.53 58.92 -8.87
N LEU B 450 -8.72 58.73 -8.29
CA LEU B 450 -9.80 59.69 -8.53
C LEU B 450 -9.54 60.99 -7.77
N GLU B 451 -8.69 60.95 -6.76
CA GLU B 451 -8.36 62.09 -5.92
C GLU B 451 -7.27 62.91 -6.60
N ARG B 452 -7.64 64.06 -7.16
CA ARG B 452 -6.72 64.86 -7.98
C ARG B 452 -5.55 65.40 -7.18
N ARG B 453 -5.71 65.60 -5.86
CA ARG B 453 -4.63 66.06 -4.98
C ARG B 453 -3.54 65.01 -4.70
N ASP B 454 -3.50 63.88 -5.41
CA ASP B 454 -2.67 62.74 -5.02
C ASP B 454 -1.50 62.48 -5.96
N ASN B 455 -1.31 63.33 -6.99
CA ASN B 455 -0.22 63.28 -7.97
C ASN B 455 -0.32 62.09 -8.93
N TYR B 456 -1.50 61.48 -9.05
CA TYR B 456 -1.70 60.52 -10.12
C TYR B 456 -1.97 61.23 -11.44
N THR B 457 -1.79 60.51 -12.54
CA THR B 457 -2.10 61.10 -13.84
C THR B 457 -3.60 61.03 -14.13
N LYS B 458 -4.03 61.92 -15.03
CA LYS B 458 -5.39 61.93 -15.57
C LYS B 458 -5.81 60.56 -16.09
N ALA B 459 -4.92 59.91 -16.85
CA ALA B 459 -5.15 58.58 -17.40
C ALA B 459 -5.39 57.54 -16.32
N GLU B 460 -4.73 57.71 -15.17
CA GLU B 460 -4.91 56.78 -14.06
C GLU B 460 -6.26 56.96 -13.40
N GLU B 461 -6.73 58.21 -13.31
CA GLU B 461 -8.08 58.49 -12.86
C GLU B 461 -9.10 57.84 -13.79
N ILE B 462 -8.89 58.00 -15.11
CA ILE B 462 -9.81 57.44 -16.11
C ILE B 462 -9.87 55.92 -16.02
N LEU B 463 -8.71 55.26 -15.94
CA LEU B 463 -8.64 53.82 -15.76
C LEU B 463 -9.35 53.34 -14.50
N SER B 464 -9.10 54.02 -13.38
CA SER B 464 -9.67 53.57 -12.12
C SER B 464 -11.17 53.76 -12.12
N ARG B 465 -11.63 54.87 -12.69
CA ARG B 465 -13.07 55.12 -12.81
C ARG B 465 -13.73 54.08 -13.70
N SER B 466 -13.05 53.67 -14.78
CA SER B 466 -13.67 52.72 -15.70
C SER B 466 -13.74 51.32 -15.12
N ILE B 467 -12.68 50.87 -14.46
CA ILE B 467 -12.72 49.56 -13.82
C ILE B 467 -13.70 49.54 -12.65
N VAL B 468 -13.75 50.63 -11.87
CA VAL B 468 -14.72 50.73 -10.78
C VAL B 468 -16.14 50.68 -11.32
N LYS B 469 -16.39 51.35 -12.45
CA LYS B 469 -17.71 51.33 -13.06
C LYS B 469 -18.09 49.91 -13.48
N ARG B 470 -17.18 49.22 -14.16
CA ARG B 470 -17.48 47.86 -14.64
C ARG B 470 -17.66 46.90 -13.47
N TRP B 471 -16.81 47.00 -12.44
CA TRP B 471 -16.93 46.21 -11.22
C TRP B 471 -18.26 46.43 -10.51
N ALA B 472 -18.63 47.69 -10.28
CA ALA B 472 -19.87 48.03 -9.63
C ALA B 472 -21.08 47.54 -10.41
N ASN B 473 -21.04 47.73 -11.74
CA ASN B 473 -22.05 47.19 -12.63
C ASN B 473 -22.14 45.67 -12.52
N PHE B 474 -21.00 44.99 -12.44
CA PHE B 474 -21.00 43.55 -12.20
C PHE B 474 -21.66 43.20 -10.88
N ALA B 475 -21.36 43.98 -9.85
CA ALA B 475 -21.89 43.73 -8.52
C ALA B 475 -23.40 43.83 -8.53
N LYS B 476 -23.92 44.92 -9.08
CA LYS B 476 -25.37 45.10 -9.16
C LYS B 476 -26.04 44.06 -10.06
N TYR B 477 -25.44 43.74 -11.20
CA TYR B 477 -26.15 42.97 -12.21
C TYR B 477 -25.52 41.65 -12.64
N GLY B 478 -24.31 41.30 -12.20
CA GLY B 478 -23.69 40.08 -12.66
C GLY B 478 -23.06 40.12 -14.04
N ASN B 479 -22.96 41.29 -14.64
CA ASN B 479 -22.40 41.43 -15.97
C ASN B 479 -21.49 42.64 -15.86
N PRO B 480 -20.19 42.53 -16.11
CA PRO B 480 -19.31 43.67 -15.91
C PRO B 480 -19.15 44.59 -17.13
N ASN B 481 -20.28 45.04 -17.67
CA ASN B 481 -20.29 46.04 -18.71
C ASN B 481 -20.06 47.42 -18.11
N GLU B 482 -19.75 48.41 -18.94
CA GLU B 482 -19.58 49.77 -18.47
C GLU B 482 -20.75 50.60 -18.98
N THR B 483 -20.79 50.90 -20.26
CA THR B 483 -21.94 51.49 -20.91
C THR B 483 -22.22 50.72 -22.19
N GLN B 484 -23.44 50.83 -22.68
CA GLN B 484 -23.71 50.44 -24.04
C GLN B 484 -23.30 51.63 -24.90
N ASN B 485 -22.59 51.35 -26.02
CA ASN B 485 -22.01 52.32 -26.97
C ASN B 485 -20.70 52.91 -26.44
N ASN B 486 -19.66 52.86 -27.29
CA ASN B 486 -18.29 53.31 -27.05
C ASN B 486 -17.58 52.59 -25.89
N SER B 487 -18.04 51.40 -25.51
CA SER B 487 -17.42 50.65 -24.42
C SER B 487 -17.07 49.27 -24.94
N THR B 488 -15.87 48.81 -24.60
CA THR B 488 -15.47 47.44 -24.90
C THR B 488 -16.27 46.42 -24.09
N SER B 489 -16.93 45.52 -24.81
CA SER B 489 -17.68 44.43 -24.19
C SER B 489 -16.74 43.37 -23.67
N TRP B 490 -17.04 42.85 -22.47
CA TRP B 490 -16.27 41.77 -21.87
C TRP B 490 -16.95 40.44 -22.16
N PRO B 491 -16.44 39.64 -23.08
CA PRO B 491 -17.09 38.36 -23.38
C PRO B 491 -16.77 37.35 -22.30
N VAL B 492 -17.58 36.29 -22.26
CA VAL B 492 -17.37 35.24 -21.26
C VAL B 492 -16.11 34.44 -21.61
N PHE B 493 -15.49 33.89 -20.57
CA PHE B 493 -14.32 33.04 -20.72
C PHE B 493 -14.77 31.60 -20.96
N LYS B 494 -14.47 31.10 -22.14
CA LYS B 494 -14.78 29.73 -22.53
C LYS B 494 -13.47 29.01 -22.78
N SER B 495 -13.46 27.71 -22.45
CA SER B 495 -12.26 26.89 -22.50
C SER B 495 -11.68 26.79 -23.90
N THR B 496 -12.50 26.96 -24.92
CA THR B 496 -11.99 27.01 -26.28
C THR B 496 -11.24 28.29 -26.58
N GLU B 497 -11.93 29.44 -26.61
CA GLU B 497 -11.23 30.67 -26.99
C GLU B 497 -10.36 31.27 -25.91
N GLN B 498 -10.76 31.17 -24.64
CA GLN B 498 -10.02 31.70 -23.48
C GLN B 498 -9.66 33.18 -23.65
N LYS B 499 -10.66 33.96 -24.05
CA LYS B 499 -10.52 35.40 -24.18
C LYS B 499 -10.36 36.07 -22.81
N TYR B 500 -9.48 37.08 -22.76
CA TYR B 500 -9.29 37.92 -21.58
C TYR B 500 -9.13 39.37 -21.99
N LEU B 501 -9.20 40.26 -20.99
CA LEU B 501 -9.12 41.70 -21.18
C LEU B 501 -7.85 42.32 -20.63
N THR B 502 -7.17 43.10 -21.47
CA THR B 502 -5.99 43.84 -21.07
C THR B 502 -6.41 45.15 -20.40
N LEU B 503 -5.68 45.54 -19.36
CA LEU B 503 -5.98 46.77 -18.65
C LEU B 503 -4.77 47.68 -18.66
N ASN B 504 -4.84 48.78 -19.40
CA ASN B 504 -3.75 49.75 -19.41
C ASN B 504 -4.27 51.08 -19.92
N THR B 505 -3.37 52.06 -19.98
CA THR B 505 -3.81 53.40 -20.34
C THR B 505 -3.81 53.63 -21.84
N GLU B 506 -3.00 52.89 -22.56
CA GLU B 506 -2.94 52.99 -24.01
C GLU B 506 -4.25 52.50 -24.63
N SER B 507 -4.51 51.20 -24.51
CA SER B 507 -5.73 50.63 -25.03
C SER B 507 -6.02 49.30 -24.37
N THR B 508 -7.29 49.10 -24.00
CA THR B 508 -7.75 47.85 -23.45
C THR B 508 -8.23 47.00 -24.62
N ARG B 509 -7.84 45.73 -24.65
CA ARG B 509 -8.18 44.89 -25.79
C ARG B 509 -8.36 43.44 -25.34
N ILE B 510 -8.93 42.66 -26.25
CA ILE B 510 -9.27 41.27 -25.98
C ILE B 510 -8.16 40.41 -26.55
N MET B 511 -7.61 39.52 -25.73
CA MET B 511 -6.57 38.62 -26.20
C MET B 511 -6.97 37.21 -25.79
N THR B 512 -6.20 36.20 -26.22
CA THR B 512 -6.55 34.82 -25.94
C THR B 512 -5.34 34.06 -25.41
N LYS B 513 -5.64 33.10 -24.54
CA LYS B 513 -4.72 32.07 -24.06
C LYS B 513 -3.40 32.63 -23.52
N LEU B 514 -3.54 33.45 -22.48
CA LEU B 514 -2.41 34.07 -21.81
C LEU B 514 -1.43 33.02 -21.30
N ARG B 515 -0.15 33.14 -21.69
CA ARG B 515 0.95 32.26 -21.31
C ARG B 515 0.62 30.76 -21.38
N ALA B 516 -0.12 30.39 -22.43
CA ALA B 516 -0.65 29.05 -22.60
C ALA B 516 0.41 27.98 -22.60
N GLN B 517 1.60 28.28 -23.11
CA GLN B 517 2.64 27.27 -23.17
C GLN B 517 3.22 27.03 -21.79
N GLN B 518 3.34 28.10 -21.03
CA GLN B 518 3.80 27.99 -19.66
C GLN B 518 2.76 27.32 -18.79
N CYS B 519 1.49 27.67 -18.95
CA CYS B 519 0.53 27.05 -18.05
C CYS B 519 0.29 25.62 -18.42
N ARG B 520 0.40 25.30 -19.72
CA ARG B 520 0.34 23.92 -20.14
C ARG B 520 1.42 23.13 -19.44
N PHE B 521 2.61 23.75 -19.28
CA PHE B 521 3.68 23.08 -18.56
C PHE B 521 3.36 22.90 -17.09
N TRP B 522 2.80 23.92 -16.46
CA TRP B 522 2.60 23.81 -15.02
C TRP B 522 1.43 22.93 -14.63
N THR B 523 0.44 22.82 -15.48
CA THR B 523 -0.67 21.96 -15.12
C THR B 523 -0.50 20.55 -15.64
N SER B 524 0.22 20.35 -16.73
CA SER B 524 0.24 19.05 -17.35
C SER B 524 1.59 18.37 -17.40
N PHE B 525 2.70 19.03 -17.06
CA PHE B 525 3.95 18.30 -17.01
C PHE B 525 4.58 18.29 -15.64
N PHE B 526 4.79 19.48 -15.06
CA PHE B 526 5.40 19.65 -13.75
C PHE B 526 4.85 18.75 -12.64
N PRO B 527 3.51 18.54 -12.49
CA PRO B 527 3.05 17.60 -11.45
C PRO B 527 3.67 16.23 -11.60
N LYS B 528 3.83 15.75 -12.84
CA LYS B 528 4.41 14.43 -12.98
C LYS B 528 5.91 14.45 -12.73
N VAL B 529 6.49 15.63 -12.55
CA VAL B 529 7.91 15.76 -12.31
C VAL B 529 8.15 15.70 -10.82
N LEU B 530 7.20 16.33 -10.10
CA LEU B 530 7.10 16.14 -8.67
C LEU B 530 6.75 14.72 -8.26
N GLU B 531 6.28 13.90 -9.20
CA GLU B 531 5.89 12.52 -8.91
C GLU B 531 7.06 11.60 -8.60
N MET B 532 8.29 12.07 -8.66
CA MET B 532 9.42 11.17 -8.42
C MET B 532 10.30 11.60 -7.25
N THR B 533 10.63 12.88 -7.13
CA THR B 533 11.64 13.30 -6.16
C THR B 533 11.07 13.23 -4.76
N GLY B 534 11.64 12.35 -3.94
CA GLY B 534 11.19 12.21 -2.57
C GLY B 534 9.97 11.33 -2.49
N ASN B 535 10.01 10.33 -1.60
CA ASN B 535 8.88 9.44 -1.38
C ASN B 535 8.85 9.08 0.09
N ILE B 536 7.79 9.49 0.76
CA ILE B 536 7.65 9.32 2.19
C ILE B 536 6.17 9.07 2.48
N ASP B 537 5.83 8.88 3.75
CA ASP B 537 4.51 8.44 4.23
C ASP B 537 3.38 9.44 3.97
N GLU B 538 3.64 10.57 3.31
CA GLU B 538 2.58 11.46 2.88
C GLU B 538 1.63 10.77 1.91
N ALA B 539 2.13 9.81 1.14
CA ALA B 539 1.23 8.97 0.35
C ALA B 539 0.37 8.11 1.24
N GLU B 540 0.94 7.61 2.33
CA GLU B 540 0.14 6.83 3.26
C GLU B 540 -0.78 7.73 4.08
N TRP B 541 -0.35 8.98 4.30
CA TRP B 541 -1.25 10.00 4.82
C TRP B 541 -2.44 10.18 3.89
N GLU B 542 -2.17 10.21 2.59
CA GLU B 542 -3.23 10.41 1.62
C GLU B 542 -4.10 9.18 1.51
N TRP B 543 -3.55 7.99 1.74
CA TRP B 543 -4.42 6.82 1.78
C TRP B 543 -5.28 6.82 3.03
N LYS B 544 -4.76 7.34 4.14
CA LYS B 544 -5.59 7.53 5.32
C LYS B 544 -6.73 8.49 5.01
N ALA B 545 -6.42 9.54 4.25
CA ALA B 545 -7.45 10.45 3.77
C ALA B 545 -8.42 9.74 2.83
N GLY B 546 -7.94 8.80 2.01
CA GLY B 546 -8.83 8.10 1.11
C GLY B 546 -9.70 7.08 1.81
N PHE B 547 -9.17 6.46 2.87
CA PHE B 547 -9.98 5.56 3.68
C PHE B 547 -11.06 6.34 4.41
N HIS B 548 -10.70 7.54 4.88
CA HIS B 548 -11.70 8.45 5.44
C HIS B 548 -12.65 8.95 4.35
N ARG B 549 -12.19 9.01 3.11
CA ARG B 549 -13.04 9.35 2.00
C ARG B 549 -14.00 8.22 1.68
N TRP B 550 -13.64 6.99 2.04
CA TRP B 550 -14.36 5.82 1.59
C TRP B 550 -15.31 5.24 2.63
N ASN B 551 -14.97 5.32 3.92
CA ASN B 551 -15.72 4.61 4.95
C ASN B 551 -17.16 5.10 5.13
N ASN B 552 -17.48 6.28 4.60
CA ASN B 552 -18.86 6.77 4.61
C ASN B 552 -19.76 6.01 3.66
N TYR B 553 -19.20 5.30 2.69
CA TYR B 553 -20.01 4.71 1.63
C TYR B 553 -20.77 3.47 2.07
N MET B 554 -20.61 3.03 3.32
CA MET B 554 -21.44 1.95 3.82
C MET B 554 -22.86 2.42 4.06
N MET B 555 -23.02 3.65 4.55
CA MET B 555 -24.35 4.24 4.66
C MET B 555 -24.93 4.53 3.30
N ASP B 556 -24.08 4.78 2.31
CA ASP B 556 -24.55 4.86 0.94
C ASP B 556 -24.83 3.49 0.36
N TRP B 557 -24.24 2.46 0.95
CA TRP B 557 -24.63 1.10 0.65
C TRP B 557 -25.88 0.72 1.43
N LYS B 558 -26.07 1.31 2.60
CA LYS B 558 -27.27 1.12 3.41
C LYS B 558 -28.24 2.27 3.20
N ASN B 559 -28.38 2.71 1.95
CA ASN B 559 -29.40 3.69 1.61
C ASN B 559 -30.80 3.12 1.85
N GLN B 560 -31.18 2.14 1.05
CA GLN B 560 -32.38 1.35 1.32
C GLN B 560 -32.05 -0.04 1.81
N PHE B 561 -30.81 -0.46 1.68
CA PHE B 561 -30.46 -1.85 1.89
C PHE B 561 -29.56 -1.99 3.11
N ILE C 4 -18.11 -58.77 -27.16
CA ILE C 4 -18.68 -57.62 -26.49
C ILE C 4 -17.94 -56.38 -26.95
N ILE C 5 -18.57 -55.65 -27.86
CA ILE C 5 -17.94 -54.57 -28.59
C ILE C 5 -18.97 -53.45 -28.69
N ILE C 6 -18.57 -52.24 -28.28
CA ILE C 6 -19.47 -51.08 -28.29
C ILE C 6 -18.90 -50.01 -29.19
N ALA C 7 -19.71 -49.56 -30.14
CA ALA C 7 -19.39 -48.46 -31.03
C ALA C 7 -19.61 -47.11 -30.34
N THR C 8 -18.55 -46.32 -30.29
CA THR C 8 -18.48 -44.98 -29.76
C THR C 8 -18.22 -44.03 -30.93
N LYS C 9 -18.26 -42.73 -30.63
CA LYS C 9 -17.99 -41.71 -31.64
C LYS C 9 -16.61 -41.87 -32.25
N ASN C 10 -15.66 -42.36 -31.48
CA ASN C 10 -14.30 -42.54 -31.97
C ASN C 10 -14.10 -43.93 -32.54
N GLY C 11 -15.07 -44.83 -32.34
CA GLY C 11 -14.93 -46.18 -32.84
C GLY C 11 -15.43 -47.31 -31.97
N LYS C 12 -15.39 -48.53 -32.49
CA LYS C 12 -15.78 -49.71 -31.72
C LYS C 12 -14.67 -50.14 -30.76
N VAL C 13 -15.06 -50.63 -29.59
CA VAL C 13 -14.13 -51.10 -28.58
C VAL C 13 -14.54 -52.48 -28.05
N ARG C 14 -13.56 -53.38 -27.90
CA ARG C 14 -13.78 -54.73 -27.40
C ARG C 14 -13.36 -54.83 -25.93
N GLY C 15 -14.18 -55.50 -25.10
CA GLY C 15 -13.90 -55.71 -23.68
C GLY C 15 -13.76 -57.14 -23.22
N MET C 16 -13.80 -57.37 -21.90
CA MET C 16 -13.65 -58.73 -21.38
C MET C 16 -14.61 -58.97 -20.22
N ASN C 17 -15.04 -60.23 -20.06
CA ASN C 17 -15.84 -60.63 -18.92
C ASN C 17 -14.98 -60.99 -17.72
N LEU C 18 -15.39 -60.54 -16.55
CA LEU C 18 -14.81 -60.99 -15.30
C LEU C 18 -15.90 -61.68 -14.49
N THR C 19 -15.54 -62.76 -13.81
CA THR C 19 -16.45 -63.47 -12.92
C THR C 19 -16.27 -63.00 -11.48
N VAL C 20 -17.27 -62.31 -10.96
CA VAL C 20 -17.23 -61.73 -9.62
C VAL C 20 -18.46 -62.21 -8.86
N PHE C 21 -18.25 -62.93 -7.75
CA PHE C 21 -19.32 -63.37 -6.84
C PHE C 21 -20.44 -64.11 -7.56
N GLY C 22 -20.06 -64.93 -8.53
CA GLY C 22 -21.01 -65.70 -9.30
C GLY C 22 -21.71 -64.92 -10.39
N GLY C 23 -21.27 -63.69 -10.66
CA GLY C 23 -21.86 -62.94 -11.74
C GLY C 23 -20.79 -62.51 -12.71
N THR C 24 -21.13 -61.65 -13.65
CA THR C 24 -20.21 -61.19 -14.67
C THR C 24 -20.22 -59.68 -14.74
N VAL C 25 -19.04 -59.08 -14.85
CA VAL C 25 -18.90 -57.67 -15.15
C VAL C 25 -18.06 -57.55 -16.40
N THR C 26 -18.45 -56.65 -17.31
CA THR C 26 -17.66 -56.41 -18.51
C THR C 26 -16.76 -55.19 -18.31
N ALA C 27 -15.47 -55.43 -18.41
CA ALA C 27 -14.44 -54.44 -18.15
C ALA C 27 -13.76 -54.05 -19.46
N PHE C 28 -13.63 -52.76 -19.68
CA PHE C 28 -12.88 -52.15 -20.77
C PHE C 28 -11.80 -51.30 -20.09
N LEU C 29 -10.56 -51.78 -20.11
CA LEU C 29 -9.46 -51.10 -19.43
C LEU C 29 -8.64 -50.30 -20.42
N GLY C 30 -8.34 -49.05 -20.07
CA GLY C 30 -7.42 -48.25 -20.85
C GLY C 30 -8.02 -47.72 -22.13
N ILE C 31 -9.21 -47.17 -22.07
CA ILE C 31 -9.75 -46.49 -23.25
C ILE C 31 -9.19 -45.07 -23.29
N PRO C 32 -8.58 -44.67 -24.40
CA PRO C 32 -8.10 -43.29 -24.54
C PRO C 32 -9.22 -42.29 -24.67
N TYR C 33 -9.03 -41.17 -23.99
CA TYR C 33 -9.97 -40.07 -23.99
C TYR C 33 -9.36 -38.75 -24.44
N ALA C 34 -8.08 -38.69 -24.76
CA ALA C 34 -7.47 -37.45 -25.23
C ALA C 34 -6.31 -37.79 -26.14
N GLN C 35 -5.86 -36.81 -26.91
CA GLN C 35 -4.64 -36.98 -27.70
C GLN C 35 -3.39 -37.03 -26.82
N PRO C 36 -2.44 -37.91 -27.14
CA PRO C 36 -1.17 -38.02 -26.38
C PRO C 36 -0.38 -36.72 -26.36
N PRO C 37 -0.05 -36.22 -25.17
CA PRO C 37 0.61 -34.91 -24.98
C PRO C 37 2.11 -34.97 -25.23
N LEU C 38 2.51 -35.19 -26.48
CA LEU C 38 3.92 -35.38 -26.79
C LEU C 38 4.45 -34.20 -27.56
N GLY C 39 5.78 -34.02 -27.45
CA GLY C 39 6.51 -33.01 -28.18
C GLY C 39 6.03 -31.61 -27.87
N ARG C 40 5.48 -30.95 -28.89
CA ARG C 40 4.92 -29.61 -28.73
C ARG C 40 3.66 -29.62 -27.88
N LEU C 41 3.02 -30.78 -27.71
CA LEU C 41 1.81 -30.86 -26.91
C LEU C 41 2.12 -31.05 -25.44
N ARG C 42 3.38 -31.28 -25.10
CA ARG C 42 3.79 -31.36 -23.70
C ARG C 42 3.57 -30.00 -23.07
N PHE C 43 2.92 -29.99 -21.89
CA PHE C 43 2.50 -28.86 -21.06
C PHE C 43 1.24 -28.18 -21.61
N LYS C 44 0.82 -28.47 -22.84
CA LYS C 44 -0.42 -27.91 -23.34
C LYS C 44 -1.64 -28.58 -22.73
N LYS C 45 -2.78 -27.93 -22.96
CA LYS C 45 -4.09 -28.49 -22.68
C LYS C 45 -4.32 -29.79 -23.47
N PRO C 46 -5.18 -30.68 -22.96
CA PRO C 46 -5.50 -31.90 -23.71
C PRO C 46 -6.22 -31.60 -25.01
N GLN C 47 -5.92 -32.39 -26.04
CA GLN C 47 -6.60 -32.22 -27.31
C GLN C 47 -7.67 -33.30 -27.48
N SER C 48 -8.82 -32.87 -28.02
CA SER C 48 -9.96 -33.73 -28.30
C SER C 48 -9.59 -34.90 -29.19
N LEU C 49 -10.15 -36.07 -28.88
CA LEU C 49 -9.93 -37.26 -29.69
C LEU C 49 -10.79 -37.24 -30.95
N THR C 50 -10.15 -37.38 -32.10
CA THR C 50 -10.86 -37.41 -33.37
C THR C 50 -11.58 -38.73 -33.62
N LYS C 51 -10.84 -39.72 -34.11
CA LYS C 51 -11.36 -41.04 -34.43
C LYS C 51 -10.24 -42.03 -34.16
N TRP C 52 -10.60 -43.22 -33.71
CA TRP C 52 -9.62 -44.30 -33.70
C TRP C 52 -9.82 -45.24 -34.88
N SER C 53 -8.79 -46.03 -35.10
CA SER C 53 -8.62 -47.03 -36.13
C SER C 53 -9.26 -48.26 -35.51
N ASP C 54 -9.84 -49.12 -36.37
CA ASP C 54 -10.60 -50.38 -36.11
C ASP C 54 -11.05 -50.66 -34.67
N ILE C 55 -11.18 -51.92 -34.25
CA ILE C 55 -11.65 -52.15 -32.88
C ILE C 55 -10.47 -52.39 -31.96
N TRP C 56 -10.40 -51.50 -30.95
CA TRP C 56 -9.45 -51.53 -29.86
C TRP C 56 -9.83 -52.58 -28.82
N ASN C 57 -8.89 -53.45 -28.48
CA ASN C 57 -9.13 -54.51 -27.52
C ASN C 57 -8.75 -53.94 -26.16
N ALA C 58 -9.75 -53.43 -25.44
CA ALA C 58 -9.58 -52.86 -24.10
C ALA C 58 -9.65 -53.96 -23.04
N THR C 59 -8.56 -54.73 -22.98
CA THR C 59 -8.48 -55.88 -22.08
C THR C 59 -7.24 -55.85 -21.19
N LYS C 60 -6.55 -54.71 -21.10
CA LYS C 60 -5.45 -54.58 -20.16
C LYS C 60 -5.30 -53.12 -19.76
N TYR C 61 -4.81 -52.91 -18.53
CA TYR C 61 -4.57 -51.59 -17.99
C TYR C 61 -3.51 -50.85 -18.81
N ALA C 62 -3.66 -49.53 -18.87
CA ALA C 62 -2.73 -48.72 -19.64
C ALA C 62 -1.51 -48.33 -18.82
N ASN C 63 -0.58 -47.64 -19.49
CA ASN C 63 0.60 -47.05 -18.85
C ASN C 63 0.19 -46.08 -17.75
N SER C 64 0.94 -46.09 -16.64
CA SER C 64 0.73 -45.02 -15.68
C SER C 64 1.49 -43.77 -16.07
N CYS C 65 1.02 -42.63 -15.56
CA CYS C 65 1.66 -41.35 -15.84
C CYS C 65 2.97 -41.26 -15.06
N CYS C 66 3.93 -40.54 -15.64
CA CYS C 66 5.25 -40.36 -15.03
C CYS C 66 5.19 -39.78 -13.62
N GLN C 67 5.92 -40.39 -12.70
CA GLN C 67 5.94 -39.99 -11.29
C GLN C 67 7.13 -40.64 -10.61
N ASN C 68 7.57 -40.06 -9.50
CA ASN C 68 8.54 -40.67 -8.62
C ASN C 68 7.91 -41.78 -7.79
N ILE C 69 8.76 -42.67 -7.30
CA ILE C 69 8.32 -43.86 -6.61
C ILE C 69 8.73 -43.73 -5.15
N ASP C 70 7.84 -44.16 -4.25
CA ASP C 70 8.18 -44.23 -2.83
C ASP C 70 9.10 -45.42 -2.65
N GLN C 71 10.29 -45.16 -2.12
CA GLN C 71 11.29 -46.22 -1.98
C GLN C 71 11.85 -46.24 -0.57
N SER C 72 11.16 -45.60 0.37
CA SER C 72 11.62 -45.57 1.76
C SER C 72 11.56 -46.94 2.40
N PHE C 73 10.69 -47.83 1.91
CA PHE C 73 10.51 -49.17 2.48
C PHE C 73 10.42 -50.17 1.33
N PRO C 74 11.57 -50.62 0.82
CA PRO C 74 11.57 -51.57 -0.31
C PRO C 74 10.91 -52.90 0.04
N GLY C 75 9.90 -53.27 -0.75
CA GLY C 75 9.22 -54.54 -0.60
C GLY C 75 8.05 -54.54 0.37
N PHE C 76 7.84 -53.46 1.10
CA PHE C 76 6.74 -53.40 2.05
C PHE C 76 5.49 -52.98 1.28
N HIS C 77 4.46 -53.84 1.31
CA HIS C 77 3.23 -53.61 0.57
C HIS C 77 2.50 -52.34 1.02
N GLY C 78 2.60 -52.00 2.31
CA GLY C 78 1.95 -50.80 2.85
C GLY C 78 2.32 -49.53 2.12
N SER C 79 3.59 -49.38 1.75
CA SER C 79 4.03 -48.20 1.04
C SER C 79 3.95 -48.41 -0.48
N GLU C 80 4.29 -49.60 -0.95
CA GLU C 80 4.37 -49.88 -2.38
C GLU C 80 3.00 -49.99 -3.05
N MET C 81 1.92 -50.10 -2.27
CA MET C 81 0.59 -50.23 -2.87
C MET C 81 0.10 -48.93 -3.47
N TRP C 82 0.73 -47.81 -3.15
CA TRP C 82 0.37 -46.55 -3.77
C TRP C 82 1.27 -46.23 -4.94
N ASN C 83 2.40 -46.93 -5.06
CA ASN C 83 3.28 -46.78 -6.20
C ASN C 83 2.61 -47.32 -7.46
N PRO C 84 2.86 -46.69 -8.61
CA PRO C 84 2.28 -47.18 -9.87
C PRO C 84 2.79 -48.56 -10.24
N ASN C 85 1.94 -49.36 -10.87
CA ASN C 85 2.22 -50.75 -11.13
C ASN C 85 2.26 -51.06 -12.61
N THR C 86 2.37 -50.02 -13.45
CA THR C 86 2.62 -50.18 -14.87
C THR C 86 3.71 -49.22 -15.31
N ASP C 87 4.13 -49.41 -16.56
CA ASP C 87 5.13 -48.59 -17.23
C ASP C 87 4.75 -47.11 -17.24
N LEU C 88 5.78 -46.27 -17.15
CA LEU C 88 5.63 -44.82 -17.19
C LEU C 88 5.73 -44.31 -18.62
N SER C 89 4.89 -43.33 -18.95
CA SER C 89 4.84 -42.78 -20.30
C SER C 89 4.07 -41.47 -20.26
N GLU C 90 4.37 -40.59 -21.22
CA GLU C 90 3.61 -39.36 -21.35
C GLU C 90 2.23 -39.57 -21.93
N ASP C 91 2.04 -40.65 -22.69
CA ASP C 91 0.75 -41.00 -23.30
C ASP C 91 0.01 -41.87 -22.28
N CYS C 92 -0.75 -41.23 -21.40
CA CYS C 92 -1.27 -41.93 -20.25
C CYS C 92 -2.72 -41.55 -19.97
N LEU C 93 -3.33 -40.76 -20.86
CA LEU C 93 -4.71 -40.28 -20.68
C LEU C 93 -5.68 -41.35 -21.18
N TYR C 94 -5.94 -42.33 -20.33
CA TYR C 94 -6.80 -43.45 -20.68
C TYR C 94 -7.80 -43.67 -19.55
N LEU C 95 -8.95 -44.27 -19.87
CA LEU C 95 -9.90 -44.63 -18.83
C LEU C 95 -10.37 -46.08 -18.92
N ASN C 96 -10.97 -46.52 -17.82
CA ASN C 96 -11.51 -47.85 -17.62
C ASN C 96 -12.98 -47.75 -17.25
N VAL C 97 -13.77 -48.66 -17.80
CA VAL C 97 -15.20 -48.73 -17.57
C VAL C 97 -15.57 -50.16 -17.16
N TRP C 98 -16.26 -50.28 -16.05
CA TRP C 98 -16.80 -51.54 -15.55
C TRP C 98 -18.32 -51.44 -15.63
N ILE C 99 -18.93 -52.42 -16.30
CA ILE C 99 -20.36 -52.41 -16.52
C ILE C 99 -20.99 -53.69 -15.99
N PRO C 100 -22.14 -53.61 -15.32
CA PRO C 100 -22.85 -54.81 -14.87
C PRO C 100 -23.35 -55.64 -16.04
N ALA C 101 -23.47 -56.94 -15.81
CA ALA C 101 -24.13 -57.75 -16.82
C ALA C 101 -25.39 -58.40 -16.25
N PRO C 102 -26.52 -58.39 -16.99
CA PRO C 102 -26.76 -57.83 -18.33
C PRO C 102 -26.78 -56.31 -18.38
N LYS C 103 -26.65 -55.75 -19.59
CA LYS C 103 -26.46 -54.32 -19.75
C LYS C 103 -27.62 -53.52 -19.16
N PRO C 104 -27.35 -52.56 -18.28
CA PRO C 104 -28.41 -51.69 -17.77
C PRO C 104 -28.90 -50.71 -18.82
N LYS C 105 -30.06 -50.12 -18.54
CA LYS C 105 -30.68 -49.21 -19.49
C LYS C 105 -30.49 -47.75 -19.12
N ASN C 106 -30.30 -47.44 -17.84
CA ASN C 106 -30.20 -46.05 -17.40
C ASN C 106 -29.47 -46.03 -16.07
N ALA C 107 -28.28 -46.63 -16.04
CA ALA C 107 -27.55 -46.84 -14.80
C ALA C 107 -26.89 -45.58 -14.26
N THR C 108 -26.75 -45.55 -12.94
CA THR C 108 -26.02 -44.52 -12.24
C THR C 108 -24.53 -44.73 -12.43
N VAL C 109 -23.82 -43.64 -12.69
CA VAL C 109 -22.39 -43.68 -13.00
C VAL C 109 -21.61 -43.13 -11.81
N LEU C 110 -20.59 -43.88 -11.39
CA LEU C 110 -19.59 -43.46 -10.43
C LEU C 110 -18.27 -43.22 -11.15
N ILE C 111 -17.72 -42.02 -10.98
CA ILE C 111 -16.44 -41.61 -11.55
C ILE C 111 -15.35 -41.52 -10.50
N TRP C 112 -14.32 -42.34 -10.62
CA TRP C 112 -13.25 -42.37 -9.64
C TRP C 112 -12.10 -41.45 -10.03
N ILE C 113 -11.66 -40.65 -9.06
CA ILE C 113 -10.51 -39.78 -9.18
C ILE C 113 -9.50 -40.19 -8.13
N TYR C 114 -8.38 -40.78 -8.54
CA TYR C 114 -7.39 -41.22 -7.55
C TYR C 114 -6.80 -40.04 -6.79
N GLY C 115 -6.24 -40.36 -5.63
CA GLY C 115 -5.46 -39.43 -4.87
C GLY C 115 -3.99 -39.76 -4.88
N GLY C 116 -3.27 -39.19 -3.92
CA GLY C 116 -1.84 -39.27 -3.84
C GLY C 116 -1.23 -37.89 -3.72
N GLY C 117 -1.98 -36.95 -3.13
CA GLY C 117 -1.47 -35.62 -2.85
C GLY C 117 -0.97 -34.89 -4.07
N PHE C 118 -1.57 -35.19 -5.24
CA PHE C 118 -1.22 -34.63 -6.56
C PHE C 118 0.19 -35.01 -6.99
N GLN C 119 0.91 -35.85 -6.24
CA GLN C 119 2.24 -36.26 -6.66
C GLN C 119 2.29 -37.70 -7.14
N THR C 120 1.36 -38.56 -6.73
CA THR C 120 1.46 -39.98 -7.02
C THR C 120 0.08 -40.56 -7.28
N GLY C 121 0.05 -41.86 -7.56
CA GLY C 121 -1.18 -42.58 -7.79
C GLY C 121 -1.32 -43.02 -9.23
N THR C 122 -2.27 -43.95 -9.43
CA THR C 122 -2.63 -44.56 -10.70
C THR C 122 -3.93 -45.31 -10.52
N SER C 123 -4.70 -45.40 -11.59
CA SER C 123 -6.04 -46.00 -11.53
C SER C 123 -5.99 -47.52 -11.57
N SER C 124 -4.80 -48.09 -11.70
CA SER C 124 -4.63 -49.51 -11.94
C SER C 124 -4.29 -50.24 -10.66
N LEU C 125 -4.36 -49.54 -9.55
CA LEU C 125 -4.12 -50.13 -8.25
C LEU C 125 -5.21 -51.15 -7.93
N HIS C 126 -4.81 -52.17 -7.15
CA HIS C 126 -5.70 -53.25 -6.75
C HIS C 126 -6.89 -52.71 -5.98
N VAL C 127 -6.64 -51.71 -5.15
CA VAL C 127 -7.62 -51.04 -4.33
C VAL C 127 -8.60 -50.17 -5.12
N TYR C 128 -8.43 -50.05 -6.44
CA TYR C 128 -9.41 -49.34 -7.25
C TYR C 128 -10.16 -50.21 -8.26
N ASP C 129 -10.18 -51.53 -8.09
CA ASP C 129 -10.94 -52.37 -9.00
C ASP C 129 -12.42 -52.11 -8.75
N GLY C 130 -13.14 -51.68 -9.77
CA GLY C 130 -14.53 -51.29 -9.61
C GLY C 130 -15.52 -52.39 -9.87
N LYS C 131 -15.05 -53.63 -10.03
CA LYS C 131 -15.95 -54.75 -10.30
C LYS C 131 -16.92 -55.06 -9.17
N PHE C 132 -16.53 -54.80 -7.92
CA PHE C 132 -17.40 -55.15 -6.80
C PHE C 132 -18.63 -54.28 -6.72
N LEU C 133 -18.46 -52.96 -6.82
CA LEU C 133 -19.59 -52.04 -6.76
C LEU C 133 -20.57 -52.29 -7.89
N ALA C 134 -20.03 -52.63 -9.06
CA ALA C 134 -20.87 -52.91 -10.22
C ALA C 134 -21.64 -54.20 -10.02
N ARG C 135 -20.96 -55.21 -9.47
CA ARG C 135 -21.62 -56.48 -9.20
C ARG C 135 -22.73 -56.33 -8.18
N VAL C 136 -22.44 -55.65 -7.07
CA VAL C 136 -23.37 -55.70 -5.95
C VAL C 136 -24.47 -54.67 -6.09
N GLU C 137 -24.16 -53.47 -6.55
CA GLU C 137 -25.18 -52.43 -6.61
C GLU C 137 -25.65 -52.05 -8.00
N ARG C 138 -25.07 -52.65 -9.05
CA ARG C 138 -25.35 -52.31 -10.45
C ARG C 138 -25.13 -50.82 -10.72
N VAL C 139 -23.87 -50.41 -10.58
CA VAL C 139 -23.46 -49.05 -10.88
C VAL C 139 -22.46 -49.13 -12.03
N ILE C 140 -22.29 -48.03 -12.73
CA ILE C 140 -21.26 -47.97 -13.76
C ILE C 140 -20.00 -47.44 -13.09
N VAL C 141 -18.84 -48.03 -13.35
CA VAL C 141 -17.64 -47.48 -12.74
C VAL C 141 -16.69 -47.02 -13.84
N VAL C 142 -16.24 -45.77 -13.76
CA VAL C 142 -15.23 -45.27 -14.69
C VAL C 142 -14.04 -44.76 -13.88
N SER C 143 -12.82 -45.04 -14.33
CA SER C 143 -11.66 -44.39 -13.74
C SER C 143 -10.65 -43.97 -14.81
N MET C 144 -9.95 -42.86 -14.57
CA MET C 144 -9.00 -42.36 -15.53
C MET C 144 -7.66 -42.03 -14.88
N ASN C 145 -6.59 -42.11 -15.67
CA ASN C 145 -5.32 -41.51 -15.30
C ASN C 145 -5.28 -40.05 -15.74
N TYR C 146 -4.82 -39.18 -14.86
CA TYR C 146 -4.59 -37.77 -15.16
C TYR C 146 -3.19 -37.35 -14.76
N ARG C 147 -2.63 -36.43 -15.55
CA ARG C 147 -1.28 -35.92 -15.32
C ARG C 147 -1.15 -35.29 -13.93
N VAL C 148 -0.09 -35.67 -13.22
CA VAL C 148 0.24 -35.12 -11.92
C VAL C 148 1.55 -34.35 -12.00
N GLY C 149 1.87 -33.66 -10.92
CA GLY C 149 3.08 -32.84 -10.83
C GLY C 149 3.09 -31.72 -11.84
N ALA C 150 4.31 -31.31 -12.21
CA ALA C 150 4.52 -30.26 -13.20
C ALA C 150 3.81 -30.60 -14.50
N LEU C 151 3.83 -31.88 -14.86
CA LEU C 151 3.14 -32.40 -16.05
C LEU C 151 1.66 -32.15 -15.97
N GLY C 152 1.13 -32.06 -14.75
CA GLY C 152 -0.26 -31.82 -14.52
C GLY C 152 -0.47 -30.36 -14.24
N PHE C 153 0.56 -29.69 -13.68
CA PHE C 153 0.31 -28.35 -13.15
C PHE C 153 1.36 -27.28 -13.42
N LEU C 154 2.28 -27.44 -14.36
CA LEU C 154 3.12 -26.30 -14.72
C LEU C 154 2.25 -25.14 -15.19
N ALA C 155 2.50 -23.95 -14.66
CA ALA C 155 1.65 -22.79 -14.92
C ALA C 155 2.47 -21.56 -15.28
N LEU C 156 2.18 -20.98 -16.43
CA LEU C 156 2.58 -19.63 -16.80
C LEU C 156 1.34 -18.95 -17.37
N PRO C 157 0.48 -18.38 -16.52
CA PRO C 157 -0.86 -17.97 -16.95
C PRO C 157 -0.82 -16.85 -17.98
N GLY C 158 -1.70 -16.98 -18.97
CA GLY C 158 -1.77 -16.10 -20.12
C GLY C 158 -1.14 -16.73 -21.35
N ASN C 159 -0.27 -17.72 -21.13
CA ASN C 159 0.41 -18.42 -22.19
C ASN C 159 -0.34 -19.70 -22.47
N PRO C 160 -0.92 -19.88 -23.66
CA PRO C 160 -1.75 -21.07 -23.93
C PRO C 160 -0.94 -22.37 -24.04
N GLU C 161 0.39 -22.28 -24.02
CA GLU C 161 1.27 -23.43 -24.08
C GLU C 161 1.36 -24.16 -22.75
N ALA C 162 1.10 -23.48 -21.63
CA ALA C 162 1.11 -24.10 -20.30
C ALA C 162 0.33 -23.29 -19.26
N PRO C 163 -1.00 -23.22 -19.37
CA PRO C 163 -1.76 -22.24 -18.58
C PRO C 163 -1.94 -22.64 -17.14
N GLY C 164 -1.59 -23.86 -16.75
CA GLY C 164 -1.92 -24.31 -15.41
C GLY C 164 -3.21 -25.12 -15.42
N ASN C 165 -3.37 -25.93 -14.36
CA ASN C 165 -4.57 -26.74 -14.09
C ASN C 165 -4.91 -27.71 -15.23
N MET C 166 -3.86 -28.15 -15.96
CA MET C 166 -4.04 -29.07 -17.08
C MET C 166 -4.68 -30.38 -16.64
N GLY C 167 -4.25 -30.93 -15.50
CA GLY C 167 -4.88 -32.14 -14.95
C GLY C 167 -6.37 -31.98 -14.74
N LEU C 168 -6.78 -30.81 -14.23
CA LEU C 168 -8.21 -30.53 -14.08
C LEU C 168 -8.90 -30.50 -15.43
N PHE C 169 -8.27 -29.89 -16.43
CA PHE C 169 -8.84 -29.89 -17.77
C PHE C 169 -8.86 -31.29 -18.37
N ASP C 170 -7.99 -32.19 -17.90
CA ASP C 170 -8.02 -33.57 -18.34
C ASP C 170 -9.27 -34.22 -17.79
N GLN C 171 -9.49 -34.01 -16.48
CA GLN C 171 -10.69 -34.47 -15.79
C GLN C 171 -11.93 -33.95 -16.49
N GLN C 172 -11.92 -32.67 -16.86
CA GLN C 172 -13.07 -32.03 -17.49
C GLN C 172 -13.36 -32.67 -18.83
N LEU C 173 -12.30 -32.91 -19.61
CA LEU C 173 -12.45 -33.54 -20.91
C LEU C 173 -13.01 -34.94 -20.75
N ALA C 174 -12.57 -35.63 -19.70
CA ALA C 174 -13.12 -36.95 -19.39
C ALA C 174 -14.59 -36.89 -19.04
N LEU C 175 -15.01 -35.86 -18.29
CA LEU C 175 -16.43 -35.68 -17.99
C LEU C 175 -17.22 -35.48 -19.27
N GLN C 176 -16.69 -34.65 -20.17
CA GLN C 176 -17.31 -34.42 -21.46
C GLN C 176 -17.42 -35.73 -22.24
N TRP C 177 -16.37 -36.55 -22.20
CA TRP C 177 -16.38 -37.86 -22.84
C TRP C 177 -17.47 -38.75 -22.25
N VAL C 178 -17.70 -38.63 -20.94
CA VAL C 178 -18.74 -39.42 -20.29
C VAL C 178 -20.10 -38.97 -20.76
N GLN C 179 -20.30 -37.66 -20.81
CA GLN C 179 -21.51 -37.05 -21.35
C GLN C 179 -21.77 -37.50 -22.78
N LYS C 180 -20.69 -37.54 -23.55
CA LYS C 180 -20.74 -37.89 -24.95
C LYS C 180 -21.02 -39.38 -25.17
N ASN C 181 -20.59 -40.25 -24.25
CA ASN C 181 -20.56 -41.66 -24.58
C ASN C 181 -21.39 -42.57 -23.69
N ILE C 182 -21.69 -42.16 -22.46
CA ILE C 182 -22.31 -43.03 -21.45
C ILE C 182 -23.65 -43.61 -21.89
N ALA C 183 -24.43 -42.87 -22.70
CA ALA C 183 -25.69 -43.38 -23.22
C ALA C 183 -25.49 -44.66 -24.02
N ALA C 184 -24.36 -44.78 -24.72
CA ALA C 184 -24.08 -45.98 -25.49
C ALA C 184 -23.77 -47.15 -24.57
N PHE C 185 -23.37 -46.85 -23.34
CA PHE C 185 -23.15 -47.85 -22.33
C PHE C 185 -24.37 -48.09 -21.47
N GLY C 186 -25.49 -47.44 -21.75
CA GLY C 186 -26.64 -47.60 -20.90
C GLY C 186 -26.64 -46.65 -19.73
N GLY C 187 -25.89 -45.57 -19.81
CA GLY C 187 -25.77 -44.65 -18.70
C GLY C 187 -26.73 -43.47 -18.76
N ASN C 188 -26.95 -42.90 -17.58
CA ASN C 188 -27.80 -41.74 -17.40
C ASN C 188 -26.92 -40.52 -17.21
N PRO C 189 -26.81 -39.63 -18.21
CA PRO C 189 -25.95 -38.44 -18.07
C PRO C 189 -26.46 -37.46 -17.03
N LYS C 190 -27.67 -37.64 -16.53
CA LYS C 190 -28.24 -36.77 -15.54
C LYS C 190 -28.07 -37.33 -14.14
N SER C 191 -27.42 -38.50 -14.01
CA SER C 191 -27.07 -39.07 -12.70
C SER C 191 -25.58 -39.46 -12.70
N VAL C 192 -24.69 -38.50 -12.52
CA VAL C 192 -23.26 -38.76 -12.55
C VAL C 192 -22.66 -38.31 -11.22
N THR C 193 -21.99 -39.21 -10.51
CA THR C 193 -21.39 -38.87 -9.24
C THR C 193 -19.87 -39.00 -9.25
N LEU C 194 -19.19 -37.93 -8.86
CA LEU C 194 -17.73 -37.90 -8.73
C LEU C 194 -17.29 -38.33 -7.33
N PHE C 195 -16.22 -39.13 -7.23
CA PHE C 195 -15.64 -39.27 -5.91
C PHE C 195 -14.12 -39.43 -5.98
N GLY C 196 -13.45 -39.00 -4.90
CA GLY C 196 -12.01 -39.10 -4.80
C GLY C 196 -11.56 -38.80 -3.38
N GLU C 197 -10.30 -39.13 -3.10
CA GLU C 197 -9.77 -38.95 -1.76
C GLU C 197 -8.45 -38.19 -1.74
N SER C 198 -8.29 -37.34 -0.73
CA SER C 198 -7.14 -36.48 -0.39
C SER C 198 -6.72 -35.45 -1.42
N ALA C 199 -6.95 -35.73 -2.67
CA ALA C 199 -6.69 -34.86 -3.79
C ALA C 199 -7.76 -35.05 -4.83
N GLY C 200 -8.36 -36.23 -4.85
CA GLY C 200 -9.53 -36.47 -5.66
C GLY C 200 -10.70 -35.65 -5.19
N ALA C 201 -10.89 -35.56 -3.87
CA ALA C 201 -11.97 -34.74 -3.33
C ALA C 201 -11.70 -33.26 -3.55
N ALA C 202 -10.47 -32.83 -3.33
CA ALA C 202 -10.06 -31.47 -3.69
C ALA C 202 -10.34 -31.18 -5.16
N SER C 203 -10.03 -32.14 -6.03
CA SER C 203 -10.32 -32.01 -7.44
C SER C 203 -11.81 -31.86 -7.70
N VAL C 204 -12.62 -32.75 -7.11
CA VAL C 204 -14.08 -32.73 -7.24
C VAL C 204 -14.61 -31.38 -6.81
N SER C 205 -14.08 -30.88 -5.70
CA SER C 205 -14.53 -29.61 -5.17
C SER C 205 -14.13 -28.47 -6.11
N LEU C 206 -13.04 -28.66 -6.84
CA LEU C 206 -12.67 -27.61 -7.76
C LEU C 206 -13.58 -27.66 -8.97
N HIS C 207 -14.02 -28.86 -9.35
CA HIS C 207 -15.04 -28.96 -10.39
C HIS C 207 -16.37 -28.42 -9.89
N LEU C 208 -16.59 -28.47 -8.57
CA LEU C 208 -17.74 -27.81 -7.97
C LEU C 208 -17.64 -26.31 -8.14
N LEU C 209 -16.42 -25.79 -8.23
CA LEU C 209 -16.29 -24.35 -8.36
C LEU C 209 -16.28 -23.82 -9.77
N SER C 210 -15.89 -24.59 -10.78
CA SER C 210 -15.77 -24.02 -12.13
C SER C 210 -17.11 -24.09 -12.84
N PRO C 211 -17.73 -22.94 -13.16
CA PRO C 211 -19.06 -22.92 -13.82
C PRO C 211 -19.18 -23.72 -15.11
N GLY C 212 -18.10 -23.77 -15.90
CA GLY C 212 -18.11 -24.54 -17.13
C GLY C 212 -18.17 -26.03 -16.91
N SER C 213 -17.82 -26.49 -15.74
CA SER C 213 -17.88 -27.90 -15.47
C SER C 213 -19.21 -28.25 -14.81
N HIS C 214 -19.98 -27.20 -14.50
CA HIS C 214 -21.09 -27.28 -13.55
C HIS C 214 -22.18 -28.22 -14.01
N SER C 215 -22.36 -28.35 -15.32
CA SER C 215 -23.41 -29.18 -15.89
C SER C 215 -22.93 -30.55 -16.31
N LEU C 216 -21.77 -30.99 -15.83
CA LEU C 216 -21.28 -32.28 -16.28
C LEU C 216 -21.35 -33.39 -15.23
N PHE C 217 -21.91 -33.15 -14.05
CA PHE C 217 -22.10 -34.21 -13.08
C PHE C 217 -23.26 -33.81 -12.17
N THR C 218 -23.66 -34.76 -11.33
CA THR C 218 -24.81 -34.60 -10.45
C THR C 218 -24.45 -34.46 -8.98
N ARG C 219 -23.62 -35.34 -8.42
CA ARG C 219 -23.40 -35.33 -6.98
C ARG C 219 -21.92 -35.60 -6.70
N ALA C 220 -21.57 -35.63 -5.42
CA ALA C 220 -20.16 -35.56 -5.02
C ALA C 220 -19.92 -36.21 -3.66
N ILE C 221 -18.90 -37.07 -3.62
CA ILE C 221 -18.49 -37.73 -2.39
C ILE C 221 -17.05 -37.30 -2.11
N LEU C 222 -16.78 -36.81 -0.90
CA LEU C 222 -15.50 -36.25 -0.56
C LEU C 222 -14.87 -36.98 0.62
N GLN C 223 -13.88 -37.81 0.37
CA GLN C 223 -13.23 -38.55 1.45
C GLN C 223 -11.94 -37.84 1.83
N SER C 224 -11.91 -37.33 3.07
CA SER C 224 -10.74 -36.69 3.69
C SER C 224 -10.10 -35.58 2.86
N GLY C 225 -10.87 -34.54 2.53
CA GLY C 225 -10.27 -33.48 1.73
C GLY C 225 -11.16 -32.41 1.14
N SER C 226 -10.59 -31.22 0.98
CA SER C 226 -11.22 -30.07 0.35
C SER C 226 -10.16 -28.99 0.10
N PHE C 227 -10.47 -28.14 -0.87
CA PHE C 227 -9.58 -27.12 -1.40
C PHE C 227 -9.12 -26.10 -0.38
N ASN C 228 -9.82 -25.96 0.73
CA ASN C 228 -9.51 -24.90 1.68
C ASN C 228 -8.49 -25.33 2.69
N ALA C 229 -7.99 -26.55 2.58
CA ALA C 229 -6.88 -26.95 3.39
C ALA C 229 -5.65 -26.15 2.98
N PRO C 230 -4.76 -25.82 3.92
CA PRO C 230 -3.64 -24.91 3.62
C PRO C 230 -2.69 -25.41 2.55
N TRP C 231 -2.64 -26.72 2.35
CA TRP C 231 -1.73 -27.34 1.42
C TRP C 231 -2.35 -27.55 0.06
N ALA C 232 -3.64 -27.27 -0.11
CA ALA C 232 -4.31 -27.75 -1.30
C ALA C 232 -3.99 -26.91 -2.54
N VAL C 233 -4.03 -25.59 -2.42
CA VAL C 233 -3.90 -24.71 -3.57
C VAL C 233 -2.78 -23.72 -3.31
N THR C 234 -1.91 -23.52 -4.30
CA THR C 234 -0.81 -22.56 -4.22
C THR C 234 -1.26 -21.29 -4.91
N SER C 235 -0.91 -20.15 -4.31
CA SER C 235 -1.13 -18.85 -4.93
C SER C 235 -0.43 -18.73 -6.29
N LEU C 236 -1.03 -17.87 -7.12
CA LEU C 236 -0.59 -17.62 -8.49
C LEU C 236 0.90 -17.25 -8.58
N TYR C 237 1.36 -16.37 -7.70
CA TYR C 237 2.73 -15.95 -7.81
C TYR C 237 3.68 -16.85 -7.06
N GLU C 238 3.18 -17.65 -6.12
CA GLU C 238 4.00 -18.68 -5.51
C GLU C 238 4.24 -19.79 -6.53
N ALA C 239 3.19 -20.08 -7.30
CA ALA C 239 3.27 -21.02 -8.41
C ALA C 239 4.31 -20.56 -9.43
N ARG C 240 4.17 -19.31 -9.89
CA ARG C 240 5.15 -18.73 -10.80
C ARG C 240 6.58 -18.79 -10.26
N ASN C 241 6.76 -18.46 -8.97
CA ASN C 241 8.07 -18.54 -8.32
C ASN C 241 8.63 -19.95 -8.42
N ARG C 242 7.79 -20.95 -8.13
CA ARG C 242 8.19 -22.36 -8.22
C ARG C 242 8.57 -22.76 -9.64
N THR C 243 7.79 -22.28 -10.62
CA THR C 243 8.09 -22.51 -12.03
C THR C 243 9.45 -21.95 -12.39
N LEU C 244 9.68 -20.67 -12.05
CA LEU C 244 10.97 -20.02 -12.24
C LEU C 244 12.10 -20.80 -11.58
N ASN C 245 11.83 -21.40 -10.42
CA ASN C 245 12.88 -22.12 -9.71
C ASN C 245 13.20 -23.43 -10.43
N LEU C 246 12.16 -24.13 -10.91
CA LEU C 246 12.37 -25.34 -11.72
C LEU C 246 13.16 -25.02 -12.98
N ALA C 247 12.81 -23.90 -13.64
CA ALA C 247 13.55 -23.38 -14.79
C ALA C 247 15.02 -23.16 -14.48
N LYS C 248 15.31 -22.56 -13.32
CA LYS C 248 16.69 -22.33 -12.92
C LYS C 248 17.41 -23.66 -12.73
N LEU C 249 16.80 -24.54 -11.94
CA LEU C 249 17.34 -25.87 -11.65
C LEU C 249 17.60 -26.71 -12.90
N THR C 250 16.84 -26.49 -13.97
CA THR C 250 16.96 -27.32 -15.16
C THR C 250 17.68 -26.63 -16.31
N GLY C 251 18.14 -25.40 -16.11
CA GLY C 251 18.80 -24.64 -17.16
C GLY C 251 17.95 -24.13 -18.30
N CYS C 252 16.71 -23.76 -18.03
CA CYS C 252 15.80 -23.26 -19.07
C CYS C 252 15.41 -21.80 -18.84
N SER C 253 16.08 -21.13 -17.89
CA SER C 253 15.84 -19.71 -17.67
C SER C 253 16.23 -18.92 -18.91
N ARG C 254 15.27 -18.17 -19.45
CA ARG C 254 15.46 -17.43 -20.68
C ARG C 254 14.88 -16.04 -20.45
N GLU C 255 15.09 -15.15 -21.42
CA GLU C 255 14.47 -13.83 -21.47
C GLU C 255 12.96 -13.89 -21.20
N ASN C 256 12.20 -14.38 -22.16
CA ASN C 256 10.75 -14.44 -22.04
C ASN C 256 10.29 -15.87 -21.73
N GLU C 257 8.99 -15.98 -21.47
CA GLU C 257 8.39 -17.22 -21.00
C GLU C 257 8.34 -18.30 -22.07
N THR C 258 8.00 -17.93 -23.32
CA THR C 258 7.85 -18.94 -24.37
C THR C 258 9.17 -19.58 -24.77
N GLU C 259 10.28 -18.92 -24.52
CA GLU C 259 11.58 -19.55 -24.77
C GLU C 259 11.91 -20.52 -23.65
N ILE C 260 11.54 -20.15 -22.42
CA ILE C 260 11.69 -21.03 -21.26
C ILE C 260 10.92 -22.34 -21.50
N ILE C 261 9.64 -22.24 -21.89
CA ILE C 261 8.85 -23.45 -22.16
C ILE C 261 9.44 -24.22 -23.33
N LYS C 262 9.93 -23.52 -24.37
CA LYS C 262 10.58 -24.19 -25.50
C LYS C 262 11.74 -25.06 -25.01
N CYS C 263 12.54 -24.53 -24.08
CA CYS C 263 13.65 -25.32 -23.54
C CYS C 263 13.14 -26.44 -22.64
N LEU C 264 12.09 -26.17 -21.87
CA LEU C 264 11.53 -27.18 -20.97
C LEU C 264 10.89 -28.34 -21.71
N ARG C 265 10.42 -28.11 -22.94
CA ARG C 265 9.89 -29.19 -23.74
C ARG C 265 10.98 -30.13 -24.24
N ASN C 266 12.24 -29.71 -24.16
CA ASN C 266 13.34 -30.54 -24.58
C ASN C 266 13.93 -31.35 -23.44
N LYS C 267 13.49 -31.14 -22.20
CA LYS C 267 14.06 -31.93 -21.12
C LYS C 267 13.41 -33.30 -21.05
N ASP C 268 14.21 -34.28 -20.67
CA ASP C 268 13.71 -35.61 -20.38
C ASP C 268 12.75 -35.58 -19.19
N PRO C 269 11.71 -36.43 -19.21
CA PRO C 269 10.80 -36.53 -18.05
C PRO C 269 11.53 -36.85 -16.76
N GLN C 270 12.54 -37.71 -16.85
CA GLN C 270 13.31 -38.15 -15.68
C GLN C 270 14.04 -36.98 -15.01
N GLU C 271 14.56 -36.04 -15.81
CA GLU C 271 15.28 -34.89 -15.29
C GLU C 271 14.35 -33.99 -14.47
N ILE C 272 13.13 -33.77 -14.99
CA ILE C 272 12.12 -32.99 -14.29
C ILE C 272 11.72 -33.70 -13.01
N LEU C 273 11.51 -35.03 -13.09
CA LEU C 273 11.07 -35.79 -11.93
C LEU C 273 12.13 -35.74 -10.84
N LEU C 274 13.39 -35.89 -11.22
CA LEU C 274 14.45 -35.86 -10.24
C LEU C 274 14.73 -34.44 -9.73
N ASN C 275 14.20 -33.40 -10.40
CA ASN C 275 14.47 -32.05 -9.94
C ASN C 275 13.29 -31.43 -9.19
N GLU C 276 12.09 -32.02 -9.31
CA GLU C 276 10.87 -31.51 -8.68
C GLU C 276 10.99 -31.24 -7.18
N ALA C 277 11.77 -32.02 -6.44
CA ALA C 277 11.79 -31.93 -4.99
C ALA C 277 12.60 -30.76 -4.45
N PHE C 278 13.19 -29.93 -5.30
CA PHE C 278 14.03 -28.84 -4.84
C PHE C 278 13.47 -27.47 -5.18
N VAL C 279 12.29 -27.39 -5.79
CA VAL C 279 11.66 -26.12 -6.16
C VAL C 279 11.09 -25.40 -4.95
N VAL C 280 11.00 -26.08 -3.81
CA VAL C 280 10.46 -25.52 -2.57
C VAL C 280 11.57 -25.56 -1.53
N PRO C 281 11.90 -24.43 -0.90
CA PRO C 281 13.06 -24.40 0.01
C PRO C 281 12.91 -25.23 1.27
N TYR C 282 11.71 -25.37 1.82
CA TYR C 282 11.53 -26.10 3.08
C TYR C 282 10.19 -26.82 3.01
N GLY C 283 10.21 -28.02 2.45
CA GLY C 283 9.00 -28.73 2.20
C GLY C 283 8.62 -29.67 3.33
N THR C 284 7.38 -30.09 3.32
CA THR C 284 6.81 -31.02 4.28
C THR C 284 6.47 -32.33 3.59
N PRO C 285 6.20 -33.40 4.36
CA PRO C 285 5.71 -34.64 3.71
C PRO C 285 4.40 -34.46 2.95
N LEU C 286 3.71 -33.34 3.13
CA LEU C 286 2.47 -33.01 2.45
C LEU C 286 2.69 -31.90 1.45
N SER C 287 3.93 -31.67 1.03
CA SER C 287 4.23 -30.55 0.16
C SER C 287 3.85 -30.88 -1.27
N VAL C 288 3.12 -29.96 -1.88
CA VAL C 288 2.72 -30.03 -3.28
C VAL C 288 3.63 -29.09 -4.06
N ASN C 289 4.64 -29.69 -4.68
CA ASN C 289 5.60 -28.93 -5.47
C ASN C 289 4.92 -28.21 -6.62
N PHE C 290 4.19 -28.95 -7.44
CA PHE C 290 3.41 -28.36 -8.53
C PHE C 290 1.94 -28.76 -8.38
N GLY C 291 1.08 -27.78 -8.11
CA GLY C 291 -0.32 -28.07 -7.92
C GLY C 291 -1.29 -27.02 -8.40
N PRO C 292 -2.56 -27.17 -8.03
CA PRO C 292 -3.61 -26.23 -8.48
C PRO C 292 -3.35 -24.78 -8.15
N THR C 293 -3.84 -23.90 -9.02
CA THR C 293 -3.73 -22.48 -8.84
C THR C 293 -4.89 -21.76 -9.50
N VAL C 294 -4.95 -20.45 -9.26
CA VAL C 294 -5.90 -19.52 -9.85
C VAL C 294 -5.49 -19.24 -11.28
N ASP C 295 -6.04 -19.99 -12.22
CA ASP C 295 -5.63 -19.90 -13.62
C ASP C 295 -6.42 -18.83 -14.39
N GLY C 296 -7.50 -18.32 -13.81
CA GLY C 296 -8.36 -17.35 -14.44
C GLY C 296 -9.41 -17.92 -15.35
N ASP C 297 -9.29 -19.18 -15.77
CA ASP C 297 -10.26 -19.81 -16.65
C ASP C 297 -11.07 -20.78 -15.80
N PHE C 298 -10.46 -21.89 -15.38
CA PHE C 298 -11.11 -22.82 -14.48
C PHE C 298 -11.39 -22.17 -13.14
N LEU C 299 -10.40 -21.50 -12.57
CA LEU C 299 -10.55 -20.82 -11.29
C LEU C 299 -10.29 -19.35 -11.50
N THR C 300 -11.35 -18.55 -11.36
CA THR C 300 -11.23 -17.12 -11.59
C THR C 300 -10.75 -16.33 -10.39
N ASP C 301 -10.51 -16.97 -9.24
CA ASP C 301 -10.12 -16.27 -8.01
C ASP C 301 -9.77 -17.37 -7.01
N MET C 302 -9.19 -16.94 -5.88
CA MET C 302 -8.85 -17.85 -4.80
C MET C 302 -10.12 -18.51 -4.27
N PRO C 303 -10.13 -19.84 -4.11
CA PRO C 303 -11.37 -20.60 -3.89
C PRO C 303 -12.22 -20.25 -2.69
N ASP C 304 -11.60 -19.83 -1.57
CA ASP C 304 -12.37 -19.48 -0.38
C ASP C 304 -13.30 -18.31 -0.66
N ILE C 305 -12.88 -17.42 -1.54
CA ILE C 305 -13.71 -16.28 -1.91
C ILE C 305 -14.93 -16.77 -2.68
N LEU C 306 -14.72 -17.65 -3.66
CA LEU C 306 -15.82 -18.25 -4.43
C LEU C 306 -16.78 -18.96 -3.49
N LEU C 307 -16.23 -19.64 -2.49
CA LEU C 307 -17.04 -20.35 -1.51
C LEU C 307 -17.88 -19.35 -0.74
N GLU C 308 -17.23 -18.29 -0.26
CA GLU C 308 -17.89 -17.20 0.44
C GLU C 308 -19.02 -16.61 -0.37
N LEU C 309 -18.89 -16.61 -1.69
CA LEU C 309 -19.85 -15.94 -2.54
C LEU C 309 -20.94 -16.87 -3.05
N GLY C 310 -20.92 -18.14 -2.67
CA GLY C 310 -21.98 -19.04 -3.10
C GLY C 310 -21.92 -19.40 -4.57
N GLN C 311 -20.78 -19.19 -5.22
CA GLN C 311 -20.64 -19.47 -6.65
C GLN C 311 -20.17 -20.91 -6.89
N PHE C 312 -21.09 -21.85 -6.72
CA PHE C 312 -20.79 -23.25 -6.94
C PHE C 312 -22.07 -24.00 -7.20
N LYS C 313 -21.91 -25.24 -7.65
CA LYS C 313 -23.04 -26.12 -7.94
C LYS C 313 -23.84 -26.38 -6.67
N LYS C 314 -25.11 -26.05 -6.70
CA LYS C 314 -25.97 -26.21 -5.54
C LYS C 314 -26.58 -27.61 -5.50
N THR C 315 -25.93 -28.55 -4.81
CA THR C 315 -26.43 -29.92 -4.79
C THR C 315 -26.06 -30.55 -3.45
N GLN C 316 -26.47 -31.80 -3.25
CA GLN C 316 -26.17 -32.51 -2.01
C GLN C 316 -24.77 -33.13 -2.11
N ILE C 317 -24.07 -33.15 -0.98
CA ILE C 317 -22.74 -33.76 -0.87
C ILE C 317 -22.62 -34.70 0.32
N LEU C 318 -21.71 -35.68 0.19
CA LEU C 318 -21.39 -36.57 1.30
C LEU C 318 -19.89 -36.48 1.50
N VAL C 319 -19.49 -36.12 2.71
CA VAL C 319 -18.12 -35.83 3.08
C VAL C 319 -17.77 -36.57 4.37
N GLY C 320 -16.55 -37.13 4.45
CA GLY C 320 -16.17 -37.65 5.75
C GLY C 320 -14.69 -37.91 5.90
N VAL C 321 -14.30 -38.24 7.13
CA VAL C 321 -12.88 -38.47 7.42
C VAL C 321 -12.63 -39.63 8.39
N ASN C 322 -11.39 -40.14 8.36
CA ASN C 322 -10.91 -41.15 9.31
C ASN C 322 -10.23 -40.44 10.48
N LYS C 323 -10.20 -41.12 11.63
CA LYS C 323 -9.63 -40.53 12.83
C LYS C 323 -8.13 -40.23 12.72
N ASP C 324 -7.37 -41.13 12.10
CA ASP C 324 -5.93 -40.90 12.12
C ASP C 324 -5.27 -40.78 10.75
N GLU C 325 -5.75 -39.80 9.99
CA GLU C 325 -5.27 -39.52 8.65
C GLU C 325 -3.77 -39.20 8.61
N GLY C 326 -3.26 -38.57 9.65
CA GLY C 326 -1.93 -38.01 9.66
C GLY C 326 -0.78 -38.88 10.08
N THR C 327 -1.02 -40.05 10.69
CA THR C 327 0.04 -40.82 11.32
C THR C 327 1.08 -41.31 10.32
N ALA C 328 0.62 -41.62 9.11
CA ALA C 328 1.45 -42.18 8.03
C ALA C 328 2.64 -41.29 7.71
N PHE C 329 2.51 -39.99 7.91
CA PHE C 329 3.48 -39.05 7.43
C PHE C 329 4.63 -38.87 8.41
N LEU C 330 4.44 -39.24 9.68
CA LEU C 330 5.49 -39.05 10.68
C LEU C 330 6.71 -39.91 10.38
N VAL C 331 6.51 -41.10 9.81
CA VAL C 331 7.64 -41.98 9.52
C VAL C 331 8.36 -41.52 8.26
N TYR C 332 7.90 -40.42 7.64
CA TYR C 332 8.47 -39.86 6.43
C TYR C 332 9.24 -38.57 6.69
N GLY C 333 9.66 -38.34 7.93
CA GLY C 333 10.43 -37.14 8.19
C GLY C 333 10.60 -36.80 9.66
N ALA C 334 9.62 -37.12 10.49
CA ALA C 334 9.72 -36.77 11.90
C ALA C 334 10.74 -37.67 12.59
N PRO C 335 11.66 -37.10 13.38
CA PRO C 335 12.66 -37.92 14.08
C PRO C 335 12.04 -38.78 15.18
N GLY C 336 12.55 -39.99 15.31
CA GLY C 336 12.09 -40.90 16.32
C GLY C 336 11.09 -41.93 15.84
N PHE C 337 10.46 -41.68 14.70
CA PHE C 337 9.40 -42.57 14.25
C PHE C 337 9.94 -43.63 13.30
N SER C 338 9.31 -44.80 13.39
CA SER C 338 9.68 -45.98 12.64
C SER C 338 8.51 -46.94 12.67
N LYS C 339 8.25 -47.60 11.54
CA LYS C 339 7.16 -48.59 11.49
C LYS C 339 7.53 -49.87 12.22
N ASP C 340 8.78 -49.98 12.67
CA ASP C 340 9.32 -51.09 13.43
C ASP C 340 9.65 -50.66 14.86
N ASN C 341 9.17 -49.50 15.28
CA ASN C 341 9.33 -48.96 16.62
C ASN C 341 7.98 -48.79 17.29
N ASN C 342 8.01 -48.61 18.61
CA ASN C 342 6.81 -48.16 19.30
C ASN C 342 6.72 -46.64 19.33
N SER C 343 7.77 -45.96 18.82
CA SER C 343 7.84 -44.53 18.52
C SER C 343 7.47 -43.63 19.70
N ILE C 344 7.88 -44.01 20.91
CA ILE C 344 7.79 -43.10 22.06
C ILE C 344 8.76 -41.94 21.86
N ILE C 345 8.22 -40.72 21.83
CA ILE C 345 9.07 -39.55 21.63
C ILE C 345 8.95 -38.64 22.84
N THR C 346 9.91 -37.73 22.94
CA THR C 346 9.93 -36.78 24.04
C THR C 346 9.23 -35.49 23.63
N ARG C 347 9.18 -34.56 24.59
CA ARG C 347 8.66 -33.23 24.32
C ARG C 347 9.56 -32.49 23.33
N LYS C 348 10.88 -32.67 23.47
CA LYS C 348 11.81 -31.99 22.57
C LYS C 348 11.74 -32.56 21.16
N GLU C 349 11.51 -33.88 21.06
CA GLU C 349 11.35 -34.50 19.74
C GLU C 349 10.07 -34.01 19.09
N PHE C 350 9.02 -33.90 19.90
CA PHE C 350 7.78 -33.28 19.50
C PHE C 350 8.00 -31.89 18.94
N GLN C 351 8.71 -31.05 19.69
CA GLN C 351 9.05 -29.69 19.27
C GLN C 351 9.85 -29.66 17.97
N GLU C 352 10.70 -30.65 17.76
CA GLU C 352 11.46 -30.69 16.52
C GLU C 352 10.55 -31.08 15.36
N GLY C 353 9.60 -31.99 15.63
CA GLY C 353 8.59 -32.32 14.66
C GLY C 353 7.78 -31.11 14.28
N LEU C 354 7.42 -30.31 15.28
CA LEU C 354 6.71 -29.05 15.06
C LEU C 354 7.49 -28.14 14.13
N LYS C 355 8.82 -28.08 14.32
CA LYS C 355 9.63 -27.26 13.43
C LYS C 355 9.70 -27.83 12.03
N ILE C 356 9.60 -29.16 11.90
CA ILE C 356 9.59 -29.80 10.59
C ILE C 356 8.31 -29.49 9.83
N PHE C 357 7.18 -29.63 10.47
CA PHE C 357 5.91 -29.48 9.78
C PHE C 357 5.43 -28.05 9.71
N PHE C 358 5.99 -27.15 10.51
CA PHE C 358 5.57 -25.76 10.50
C PHE C 358 6.75 -24.79 10.40
N PRO C 359 7.47 -24.81 9.27
CA PRO C 359 8.74 -24.06 9.19
C PRO C 359 8.66 -22.56 9.43
N GLY C 360 7.66 -21.87 8.87
CA GLY C 360 7.73 -20.42 8.99
C GLY C 360 7.01 -19.70 10.13
N VAL C 361 6.40 -20.40 11.04
CA VAL C 361 5.63 -19.78 12.12
C VAL C 361 6.59 -19.49 13.26
N SER C 362 6.44 -18.34 13.90
CA SER C 362 7.28 -17.95 15.03
C SER C 362 7.16 -18.96 16.17
N GLU C 363 8.12 -18.86 17.09
CA GLU C 363 8.26 -19.79 18.21
C GLU C 363 7.04 -19.80 19.11
N PHE C 364 6.39 -18.65 19.28
CA PHE C 364 5.22 -18.60 20.15
C PHE C 364 4.03 -19.27 19.52
N GLY C 365 3.96 -19.25 18.19
CA GLY C 365 2.91 -20.00 17.51
C GLY C 365 3.05 -21.47 17.78
N LYS C 366 4.29 -21.97 17.75
CA LYS C 366 4.53 -23.39 17.94
C LYS C 366 4.27 -23.76 19.40
N GLU C 367 4.72 -22.89 20.30
CA GLU C 367 4.49 -23.05 21.72
C GLU C 367 3.00 -23.11 22.02
N SER C 368 2.22 -22.34 21.28
CA SER C 368 0.78 -22.33 21.46
C SER C 368 0.13 -23.57 20.89
N ILE C 369 0.70 -24.12 19.82
CA ILE C 369 0.25 -25.42 19.34
C ILE C 369 0.49 -26.48 20.40
N LEU C 370 1.67 -26.40 21.03
CA LEU C 370 2.01 -27.31 22.11
C LEU C 370 1.03 -27.18 23.26
N PHE C 371 0.78 -25.94 23.68
CA PHE C 371 -0.14 -25.66 24.79
C PHE C 371 -1.53 -26.17 24.50
N HIS C 372 -2.02 -25.92 23.31
CA HIS C 372 -3.37 -26.33 22.98
C HIS C 372 -3.46 -27.84 22.91
N TYR C 373 -2.35 -28.51 22.61
CA TYR C 373 -2.39 -29.94 22.42
C TYR C 373 -1.81 -30.75 23.56
N THR C 374 -1.52 -30.14 24.72
CA THR C 374 -0.87 -30.90 25.78
C THR C 374 -1.70 -30.91 27.04
N ASP C 375 -2.96 -30.49 26.95
CA ASP C 375 -3.88 -30.59 28.08
C ASP C 375 -4.25 -32.05 28.30
N TRP C 376 -3.35 -32.76 28.96
CA TRP C 376 -3.48 -34.20 29.08
C TRP C 376 -4.64 -34.55 29.99
N VAL C 377 -5.42 -35.53 29.58
CA VAL C 377 -6.37 -36.16 30.49
C VAL C 377 -5.62 -36.88 31.59
N ASP C 378 -4.60 -37.67 31.22
CA ASP C 378 -3.84 -38.51 32.13
C ASP C 378 -2.38 -38.44 31.77
N ASP C 379 -1.53 -38.32 32.79
CA ASP C 379 -0.08 -38.39 32.63
C ASP C 379 0.47 -39.39 33.65
N GLN C 380 1.76 -39.82 33.58
CA GLN C 380 2.82 -39.52 32.59
C GLN C 380 2.56 -40.05 31.19
N ARG C 381 1.80 -41.16 31.09
CA ARG C 381 1.36 -41.92 29.91
C ARG C 381 2.26 -41.77 28.68
N PRO C 382 3.29 -42.63 28.51
CA PRO C 382 4.40 -42.39 27.56
C PRO C 382 4.00 -42.00 26.13
N GLU C 383 2.86 -42.48 25.65
CA GLU C 383 2.44 -42.29 24.27
C GLU C 383 1.72 -40.97 24.04
N ASN C 384 1.61 -40.13 25.08
CA ASN C 384 0.90 -38.84 24.98
C ASN C 384 1.40 -37.97 23.84
N TYR C 385 2.70 -37.70 23.79
CA TYR C 385 3.23 -36.74 22.82
C TYR C 385 3.15 -37.24 21.39
N ARG C 386 3.40 -38.55 21.20
CA ARG C 386 3.33 -39.19 19.89
C ARG C 386 1.98 -39.04 19.23
N GLU C 387 0.93 -39.39 19.97
CA GLU C 387 -0.43 -39.28 19.48
C GLU C 387 -0.77 -37.83 19.25
N ALA C 388 -0.26 -36.97 20.14
CA ALA C 388 -0.47 -35.55 20.07
C ALA C 388 0.04 -34.98 18.76
N LEU C 389 1.24 -35.41 18.35
CA LEU C 389 1.79 -34.83 17.13
C LEU C 389 1.00 -35.26 15.93
N GLY C 390 0.53 -36.52 15.96
CA GLY C 390 -0.32 -37.01 14.91
C GLY C 390 -1.62 -36.26 14.91
N ASP C 391 -2.11 -36.01 16.12
CA ASP C 391 -3.35 -35.29 16.31
C ASP C 391 -3.21 -33.88 15.80
N VAL C 392 -2.04 -33.28 16.00
CA VAL C 392 -1.82 -31.94 15.50
C VAL C 392 -1.93 -31.86 13.98
N VAL C 393 -1.18 -32.72 13.27
CA VAL C 393 -1.13 -32.64 11.79
C VAL C 393 -2.48 -32.90 11.16
N GLY C 394 -3.14 -33.96 11.61
CA GLY C 394 -4.46 -34.31 11.12
C GLY C 394 -5.45 -33.19 11.35
N ASP C 395 -5.46 -32.61 12.56
CA ASP C 395 -6.39 -31.53 12.82
C ASP C 395 -6.10 -30.34 11.91
N TYR C 396 -4.82 -30.01 11.76
CA TYR C 396 -4.45 -28.80 11.00
C TYR C 396 -4.62 -28.99 9.51
N ASN C 397 -4.25 -30.16 9.03
CA ASN C 397 -4.26 -30.36 7.60
C ASN C 397 -5.56 -30.90 7.08
N PHE C 398 -6.34 -31.62 7.88
CA PHE C 398 -7.46 -32.27 7.22
C PHE C 398 -8.86 -32.03 7.72
N ILE C 399 -9.13 -32.42 8.97
CA ILE C 399 -10.51 -32.47 9.44
C ILE C 399 -11.16 -31.09 9.55
N CYS C 400 -10.51 -30.15 10.21
CA CYS C 400 -11.10 -28.83 10.39
C CYS C 400 -11.37 -28.04 9.12
N PRO C 401 -10.49 -27.99 8.11
CA PRO C 401 -10.93 -27.34 6.86
C PRO C 401 -12.13 -28.02 6.23
N ALA C 402 -12.14 -29.35 6.22
CA ALA C 402 -13.31 -30.08 5.74
C ALA C 402 -14.58 -29.69 6.48
N LEU C 403 -14.52 -29.54 7.81
CA LEU C 403 -15.71 -29.14 8.57
C LEU C 403 -16.11 -27.72 8.26
N GLU C 404 -15.15 -26.82 8.12
CA GLU C 404 -15.47 -25.43 7.84
C GLU C 404 -16.13 -25.33 6.47
N PHE C 405 -15.61 -26.12 5.54
CA PHE C 405 -16.20 -26.23 4.21
C PHE C 405 -17.65 -26.68 4.31
N THR C 406 -17.89 -27.74 5.08
CA THR C 406 -19.25 -28.25 5.23
C THR C 406 -20.19 -27.21 5.82
N LYS C 407 -19.79 -26.59 6.92
CA LYS C 407 -20.52 -25.48 7.54
C LYS C 407 -20.88 -24.40 6.53
N LYS C 408 -19.88 -23.94 5.80
CA LYS C 408 -20.07 -22.81 4.91
C LYS C 408 -20.87 -23.21 3.69
N PHE C 409 -20.70 -24.46 3.26
CA PHE C 409 -21.45 -24.99 2.14
C PHE C 409 -22.92 -25.12 2.52
N SER C 410 -23.18 -25.63 3.73
CA SER C 410 -24.55 -25.81 4.19
C SER C 410 -25.24 -24.49 4.47
N GLU C 411 -24.48 -23.41 4.67
CA GLU C 411 -25.13 -22.13 4.91
C GLU C 411 -25.85 -21.60 3.67
N TRP C 412 -25.54 -22.12 2.50
CA TRP C 412 -26.21 -21.69 1.28
C TRP C 412 -27.39 -22.56 0.92
N GLY C 413 -27.74 -23.54 1.76
CA GLY C 413 -29.01 -24.20 1.65
C GLY C 413 -29.01 -25.61 1.10
N ASN C 414 -27.86 -26.20 0.81
CA ASN C 414 -27.88 -27.57 0.30
C ASN C 414 -27.61 -28.58 1.41
N ASN C 415 -28.16 -29.78 1.21
CA ASN C 415 -27.99 -30.86 2.17
C ASN C 415 -26.57 -31.38 2.17
N ALA C 416 -25.94 -31.42 3.33
CA ALA C 416 -24.61 -31.98 3.46
C ALA C 416 -24.61 -33.08 4.52
N PHE C 417 -23.89 -34.17 4.25
CA PHE C 417 -23.84 -35.25 5.22
C PHE C 417 -22.38 -35.60 5.50
N PHE C 418 -22.01 -35.66 6.78
CA PHE C 418 -20.63 -35.88 7.20
C PHE C 418 -20.52 -37.18 7.97
N TYR C 419 -19.50 -37.98 7.64
CA TYR C 419 -19.25 -39.21 8.36
C TYR C 419 -17.88 -39.18 9.04
N TYR C 420 -17.76 -40.02 10.06
CA TYR C 420 -16.51 -40.24 10.79
C TYR C 420 -16.21 -41.73 10.91
N PHE C 421 -15.28 -42.21 10.09
CA PHE C 421 -14.93 -43.62 9.99
C PHE C 421 -13.97 -44.04 11.10
N GLU C 422 -14.37 -45.04 11.90
CA GLU C 422 -13.66 -45.36 13.12
C GLU C 422 -13.15 -46.78 13.26
N HIS C 423 -13.18 -47.59 12.21
CA HIS C 423 -12.75 -48.97 12.34
C HIS C 423 -11.35 -49.16 11.80
N ARG C 424 -10.50 -49.84 12.55
CA ARG C 424 -9.16 -50.18 12.10
C ARG C 424 -9.16 -51.59 11.51
N SER C 425 -8.87 -51.68 10.21
CA SER C 425 -8.81 -52.93 9.48
C SER C 425 -7.90 -53.96 10.14
N SER C 426 -8.40 -55.20 10.23
CA SER C 426 -7.65 -56.30 10.83
C SER C 426 -6.44 -56.73 10.01
N LYS C 427 -6.30 -56.29 8.77
CA LYS C 427 -5.20 -56.66 7.90
C LYS C 427 -4.17 -55.57 7.67
N LEU C 428 -4.30 -54.41 8.31
CA LEU C 428 -3.30 -53.35 8.23
C LEU C 428 -1.90 -53.85 8.56
N PRO C 429 -0.95 -53.73 7.63
CA PRO C 429 0.40 -54.26 7.88
C PRO C 429 1.23 -53.33 8.73
N TRP C 430 0.85 -52.06 8.78
CA TRP C 430 1.51 -51.10 9.62
C TRP C 430 1.16 -51.38 11.09
N PRO C 431 2.03 -50.96 12.03
CA PRO C 431 1.77 -51.21 13.45
C PRO C 431 0.51 -50.57 14.00
N GLU C 432 0.17 -50.97 15.23
CA GLU C 432 -1.05 -50.52 15.89
C GLU C 432 -1.03 -49.03 16.17
N TRP C 433 0.13 -48.47 16.55
CA TRP C 433 0.22 -47.08 16.96
C TRP C 433 -0.18 -46.09 15.87
N MET C 434 -0.21 -46.52 14.62
CA MET C 434 -0.54 -45.65 13.51
C MET C 434 -2.03 -45.59 13.24
N GLY C 435 -2.81 -46.44 13.92
CA GLY C 435 -4.26 -46.39 13.96
C GLY C 435 -4.94 -46.48 12.60
N VAL C 436 -6.01 -45.70 12.45
CA VAL C 436 -6.81 -45.73 11.23
C VAL C 436 -6.18 -44.81 10.19
N MET C 437 -5.30 -45.38 9.37
CA MET C 437 -4.40 -44.60 8.55
C MET C 437 -5.11 -44.04 7.32
N HIS C 438 -4.53 -42.96 6.80
CA HIS C 438 -4.84 -42.41 5.49
C HIS C 438 -4.88 -43.47 4.40
N GLY C 439 -5.95 -43.46 3.63
CA GLY C 439 -6.07 -44.40 2.54
C GLY C 439 -6.49 -45.82 2.91
N TYR C 440 -6.59 -46.18 4.18
CA TYR C 440 -6.89 -47.57 4.48
C TYR C 440 -8.37 -47.81 4.80
N GLU C 441 -9.21 -46.86 4.46
CA GLU C 441 -10.65 -47.04 4.39
C GLU C 441 -11.12 -47.40 2.98
N ILE C 442 -10.28 -47.11 1.98
CA ILE C 442 -10.61 -47.21 0.56
C ILE C 442 -11.03 -48.63 0.17
N GLU C 443 -10.34 -49.66 0.67
CA GLU C 443 -10.69 -51.05 0.38
C GLU C 443 -12.13 -51.37 0.78
N PHE C 444 -12.66 -50.69 1.79
CA PHE C 444 -14.04 -50.88 2.19
C PHE C 444 -14.95 -50.17 1.21
N VAL C 445 -14.54 -48.95 0.84
CA VAL C 445 -15.23 -48.17 -0.18
C VAL C 445 -15.32 -48.97 -1.48
N PHE C 446 -14.27 -49.69 -1.82
CA PHE C 446 -14.20 -50.45 -3.05
C PHE C 446 -14.68 -51.88 -2.89
N GLY C 447 -14.99 -52.30 -1.68
CA GLY C 447 -15.70 -53.54 -1.46
C GLY C 447 -14.84 -54.77 -1.29
N LEU C 448 -13.52 -54.60 -1.13
CA LEU C 448 -12.62 -55.74 -0.91
C LEU C 448 -13.02 -56.68 0.21
N PRO C 449 -13.57 -56.27 1.38
CA PRO C 449 -13.96 -57.28 2.37
C PRO C 449 -15.16 -58.12 1.97
N LEU C 450 -15.82 -57.86 0.85
CA LEU C 450 -16.91 -58.73 0.43
C LEU C 450 -16.38 -60.05 -0.11
N GLU C 451 -15.11 -60.09 -0.48
CA GLU C 451 -14.45 -61.27 -1.03
C GLU C 451 -13.96 -62.16 0.11
N ARG C 452 -14.66 -63.27 0.35
CA ARG C 452 -14.39 -64.11 1.51
C ARG C 452 -13.01 -64.75 1.47
N ARG C 453 -12.43 -64.95 0.27
CA ARG C 453 -11.08 -65.50 0.11
C ARG C 453 -9.95 -64.53 0.50
N ASP C 454 -10.22 -63.40 1.14
CA ASP C 454 -9.25 -62.33 1.29
C ASP C 454 -8.78 -62.13 2.73
N ASN C 455 -9.22 -62.98 3.66
CA ASN C 455 -8.84 -62.99 5.09
C ASN C 455 -9.37 -61.78 5.87
N TYR C 456 -10.38 -61.09 5.35
CA TYR C 456 -11.07 -60.10 6.15
C TYR C 456 -12.06 -60.77 7.10
N THR C 457 -12.47 -60.05 8.13
CA THR C 457 -13.47 -60.60 9.04
C THR C 457 -14.87 -60.42 8.48
N LYS C 458 -15.79 -61.26 8.97
CA LYS C 458 -17.21 -61.18 8.68
C LYS C 458 -17.77 -59.77 8.93
N ALA C 459 -17.39 -59.18 10.06
CA ALA C 459 -17.79 -57.83 10.43
C ALA C 459 -17.33 -56.80 9.42
N GLU C 460 -16.17 -57.02 8.80
CA GLU C 460 -15.65 -56.09 7.81
C GLU C 460 -16.43 -56.19 6.51
N GLU C 461 -16.86 -57.41 6.16
CA GLU C 461 -17.77 -57.60 5.04
C GLU C 461 -19.08 -56.87 5.28
N ILE C 462 -19.64 -57.03 6.48
CA ILE C 462 -20.90 -56.39 6.85
C ILE C 462 -20.81 -54.86 6.77
N LEU C 463 -19.75 -54.30 7.36
CA LEU C 463 -19.51 -52.85 7.28
C LEU C 463 -19.38 -52.35 5.85
N SER C 464 -18.60 -53.06 5.02
CA SER C 464 -18.36 -52.59 3.67
C SER C 464 -19.62 -52.68 2.85
N ARG C 465 -20.40 -53.74 3.05
CA ARG C 465 -21.69 -53.89 2.37
C ARG C 465 -22.65 -52.79 2.78
N SER C 466 -22.64 -52.41 4.05
CA SER C 466 -23.60 -51.41 4.52
C SER C 466 -23.26 -50.02 4.03
N ILE C 467 -21.98 -49.65 4.07
CA ILE C 467 -21.57 -48.34 3.54
C ILE C 467 -21.75 -48.28 2.03
N VAL C 468 -21.44 -49.37 1.33
CA VAL C 468 -21.67 -49.43 -0.11
C VAL C 468 -23.15 -49.28 -0.45
N LYS C 469 -24.01 -49.90 0.35
CA LYS C 469 -25.46 -49.79 0.13
C LYS C 469 -25.91 -48.34 0.33
N ARG C 470 -25.46 -47.69 1.41
CA ARG C 470 -25.89 -46.32 1.68
C ARG C 470 -25.34 -45.36 0.62
N TRP C 471 -24.07 -45.53 0.23
CA TRP C 471 -23.45 -44.75 -0.84
C TRP C 471 -24.20 -44.89 -2.17
N ALA C 472 -24.46 -46.12 -2.58
CA ALA C 472 -25.17 -46.39 -3.83
C ALA C 472 -26.58 -45.81 -3.81
N ASN C 473 -27.27 -45.98 -2.69
CA ASN C 473 -28.58 -45.36 -2.47
C ASN C 473 -28.49 -43.84 -2.57
N PHE C 474 -27.44 -43.24 -2.01
CA PHE C 474 -27.22 -41.81 -2.16
C PHE C 474 -27.03 -41.43 -3.62
N ALA C 475 -26.27 -42.24 -4.34
CA ALA C 475 -25.97 -41.97 -5.74
C ALA C 475 -27.24 -41.97 -6.56
N LYS C 476 -28.06 -43.01 -6.41
CA LYS C 476 -29.30 -43.10 -7.14
C LYS C 476 -30.29 -42.00 -6.73
N TYR C 477 -30.40 -41.70 -5.43
CA TYR C 477 -31.49 -40.87 -4.95
C TYR C 477 -31.11 -39.59 -4.21
N GLY C 478 -29.84 -39.33 -3.92
CA GLY C 478 -29.49 -38.15 -3.15
C GLY C 478 -29.72 -38.21 -1.67
N ASN C 479 -30.04 -39.38 -1.13
CA ASN C 479 -30.31 -39.54 0.28
C ASN C 479 -29.56 -40.81 0.66
N PRO C 480 -28.60 -40.78 1.57
CA PRO C 480 -27.83 -41.99 1.87
C PRO C 480 -28.42 -42.90 2.94
N ASN C 481 -29.69 -43.27 2.76
CA ASN C 481 -30.35 -44.26 3.62
C ASN C 481 -29.91 -45.65 3.20
N GLU C 482 -30.17 -46.64 4.04
CA GLU C 482 -29.86 -48.02 3.71
C GLU C 482 -31.16 -48.76 3.47
N THR C 483 -31.92 -49.03 4.53
CA THR C 483 -33.27 -49.54 4.43
C THR C 483 -34.16 -48.72 5.36
N GLN C 484 -35.45 -48.74 5.10
CA GLN C 484 -36.40 -48.32 6.11
C GLN C 484 -36.60 -49.53 7.02
N ASN C 485 -36.58 -49.28 8.35
CA ASN C 485 -36.68 -50.27 9.44
C ASN C 485 -35.34 -50.97 9.70
N ASN C 486 -34.93 -50.97 10.98
CA ASN C 486 -33.68 -51.52 11.51
C ASN C 486 -32.41 -50.87 10.94
N SER C 487 -32.51 -49.65 10.41
CA SER C 487 -31.36 -48.97 9.85
C SER C 487 -31.25 -47.60 10.51
N THR C 488 -30.03 -47.23 10.89
CA THR C 488 -29.77 -45.89 11.39
C THR C 488 -29.93 -44.83 10.31
N SER C 489 -30.82 -43.87 10.57
CA SER C 489 -31.03 -42.75 9.67
C SER C 489 -29.89 -41.76 9.77
N TRP C 490 -29.46 -41.24 8.62
CA TRP C 490 -28.41 -40.23 8.56
C TRP C 490 -29.06 -38.85 8.47
N PRO C 491 -29.08 -38.07 9.54
CA PRO C 491 -29.70 -36.74 9.47
C PRO C 491 -28.78 -35.77 8.76
N VAL C 492 -29.36 -34.66 8.31
CA VAL C 492 -28.57 -33.64 7.62
C VAL C 492 -27.65 -32.93 8.61
N PHE C 493 -26.53 -32.44 8.11
CA PHE C 493 -25.58 -31.66 8.88
C PHE C 493 -26.00 -30.20 8.88
N LYS C 494 -26.36 -29.70 10.05
CA LYS C 494 -26.73 -28.31 10.23
C LYS C 494 -25.74 -27.67 11.18
N SER C 495 -25.46 -26.39 10.93
CA SER C 495 -24.41 -25.65 11.65
C SER C 495 -24.69 -25.56 13.15
N THR C 496 -25.95 -25.67 13.56
CA THR C 496 -26.27 -25.73 14.96
C THR C 496 -25.89 -27.06 15.59
N GLU C 497 -26.55 -28.16 15.22
CA GLU C 497 -26.26 -29.42 15.90
C GLU C 497 -24.98 -30.11 15.44
N GLN C 498 -24.62 -29.99 14.15
CA GLN C 498 -23.41 -30.59 13.57
C GLN C 498 -23.30 -32.09 13.87
N LYS C 499 -24.39 -32.79 13.64
CA LYS C 499 -24.44 -34.24 13.79
C LYS C 499 -23.61 -34.93 12.71
N TYR C 500 -22.92 -36.00 13.11
CA TYR C 500 -22.17 -36.87 12.22
C TYR C 500 -22.35 -38.33 12.61
N LEU C 501 -21.92 -39.22 11.71
CA LEU C 501 -22.06 -40.66 11.88
C LEU C 501 -20.74 -41.37 12.09
N THR C 502 -20.69 -42.19 13.15
CA THR C 502 -19.52 -43.02 13.43
C THR C 502 -19.60 -44.29 12.61
N LEU C 503 -18.45 -44.75 12.13
CA LEU C 503 -18.39 -45.97 11.33
C LEU C 503 -17.44 -46.95 11.97
N ASN C 504 -17.98 -48.04 12.52
CA ASN C 504 -17.14 -49.09 13.10
C ASN C 504 -17.94 -50.37 13.22
N THR C 505 -17.28 -51.41 13.73
CA THR C 505 -17.92 -52.70 13.77
C THR C 505 -18.77 -52.91 15.01
N GLU C 506 -18.44 -52.22 16.08
CA GLU C 506 -19.18 -52.30 17.33
C GLU C 506 -20.57 -51.73 17.14
N SER C 507 -20.64 -50.41 16.94
CA SER C 507 -21.91 -49.75 16.72
C SER C 507 -21.71 -48.41 16.04
N THR C 508 -22.56 -48.13 15.06
CA THR C 508 -22.56 -46.86 14.37
C THR C 508 -23.54 -45.96 15.11
N ARG C 509 -23.14 -44.72 15.39
CA ARG C 509 -23.99 -43.84 16.17
C ARG C 509 -23.81 -42.39 15.74
N ILE C 510 -24.73 -41.55 16.21
CA ILE C 510 -24.78 -40.15 15.83
C ILE C 510 -24.10 -39.36 16.93
N MET C 511 -23.13 -38.52 16.57
CA MET C 511 -22.47 -37.70 17.56
C MET C 511 -22.48 -36.26 17.03
N THR C 512 -22.01 -35.31 17.83
CA THR C 512 -22.05 -33.90 17.45
C THR C 512 -20.70 -33.24 17.68
N LYS C 513 -20.41 -32.27 16.82
CA LYS C 513 -19.31 -31.31 16.93
C LYS C 513 -17.95 -31.98 17.18
N LEU C 514 -17.55 -32.79 16.22
CA LEU C 514 -16.28 -33.51 16.26
C LEU C 514 -15.12 -32.54 16.39
N ARG C 515 -14.27 -32.73 17.40
CA ARG C 515 -13.09 -31.93 17.71
C ARG C 515 -13.30 -30.43 17.62
N ALA C 516 -14.47 -29.99 18.13
CA ALA C 516 -14.92 -28.61 18.00
C ALA C 516 -13.95 -27.60 18.62
N GLN C 517 -13.27 -27.98 19.68
CA GLN C 517 -12.36 -27.04 20.33
C GLN C 517 -11.11 -26.87 19.49
N GLN C 518 -10.66 -27.97 18.89
CA GLN C 518 -9.52 -27.90 17.99
C GLN C 518 -9.87 -27.17 16.71
N CYS C 519 -11.05 -27.43 16.14
CA CYS C 519 -11.33 -26.76 14.89
C CYS C 519 -11.63 -25.31 15.11
N ARG C 520 -12.22 -24.98 16.26
CA ARG C 520 -12.41 -23.59 16.62
C ARG C 520 -11.07 -22.89 16.63
N PHE C 521 -10.04 -23.59 17.14
CA PHE C 521 -8.70 -23.02 17.13
C PHE C 521 -8.16 -22.83 15.72
N TRP C 522 -8.35 -23.82 14.87
CA TRP C 522 -7.71 -23.72 13.56
C TRP C 522 -8.43 -22.77 12.61
N THR C 523 -9.72 -22.56 12.79
CA THR C 523 -10.39 -21.64 11.91
C THR C 523 -10.44 -20.24 12.47
N SER C 524 -10.42 -20.08 13.79
CA SER C 524 -10.66 -18.77 14.34
C SER C 524 -9.51 -18.19 15.14
N PHE C 525 -8.45 -18.93 15.44
CA PHE C 525 -7.32 -18.28 16.10
C PHE C 525 -6.04 -18.33 15.30
N PHE C 526 -5.64 -19.54 14.90
CA PHE C 526 -4.42 -19.78 14.12
C PHE C 526 -4.21 -18.86 12.91
N PRO C 527 -5.23 -18.55 12.07
CA PRO C 527 -4.99 -17.60 10.96
C PRO C 527 -4.48 -16.27 11.46
N LYS C 528 -4.97 -15.80 12.60
CA LYS C 528 -4.48 -14.52 13.07
C LYS C 528 -3.10 -14.63 13.68
N VAL C 529 -2.59 -15.85 13.81
CA VAL C 529 -1.28 -16.09 14.38
C VAL C 529 -0.26 -16.07 13.26
N LEU C 530 -0.70 -16.63 12.13
CA LEU C 530 0.01 -16.47 10.88
C LEU C 530 0.03 -15.03 10.38
N GLU C 531 -0.82 -14.17 10.93
CA GLU C 531 -0.91 -12.77 10.51
C GLU C 531 0.30 -11.94 10.91
N MET C 532 1.27 -12.49 11.63
CA MET C 532 2.40 -11.69 12.06
C MET C 532 3.75 -12.17 11.55
N THR C 533 4.01 -13.48 11.59
CA THR C 533 5.35 -13.99 11.32
C THR C 533 5.65 -13.90 9.84
N GLY C 534 6.62 -13.08 9.48
CA GLY C 534 7.00 -12.91 8.09
C GLY C 534 6.08 -11.95 7.38
N ASN C 535 6.67 -10.98 6.69
CA ASN C 535 5.90 -10.01 5.92
C ASN C 535 6.70 -9.68 4.68
N ILE C 536 6.16 -10.02 3.52
CA ILE C 536 6.83 -9.86 2.24
C ILE C 536 5.77 -9.52 1.21
N ASP C 537 6.18 -9.30 -0.04
CA ASP C 537 5.37 -8.79 -1.14
C ASP C 537 4.22 -9.70 -1.56
N GLU C 538 4.01 -10.84 -0.90
CA GLU C 538 2.82 -11.65 -1.14
C GLU C 538 1.55 -10.89 -0.82
N ALA C 539 1.60 -9.94 0.12
CA ALA C 539 0.48 -9.04 0.31
C ALA C 539 0.31 -8.12 -0.89
N GLU C 540 1.41 -7.68 -1.48
CA GLU C 540 1.30 -6.86 -2.67
C GLU C 540 0.93 -7.71 -3.88
N TRP C 541 1.31 -8.98 -3.87
CA TRP C 541 0.78 -9.95 -4.82
C TRP C 541 -0.73 -10.04 -4.69
N GLU C 542 -1.22 -10.08 -3.46
CA GLU C 542 -2.65 -10.18 -3.23
C GLU C 542 -3.36 -8.89 -3.57
N TRP C 543 -2.68 -7.75 -3.44
CA TRP C 543 -3.32 -6.53 -3.91
C TRP C 543 -3.36 -6.49 -5.43
N LYS C 544 -2.35 -7.05 -6.08
CA LYS C 544 -2.41 -7.20 -7.54
C LYS C 544 -3.60 -8.06 -7.92
N ALA C 545 -3.82 -9.13 -7.15
CA ALA C 545 -5.01 -9.95 -7.32
C ALA C 545 -6.28 -9.17 -7.04
N GLY C 546 -6.26 -8.26 -6.07
CA GLY C 546 -7.46 -7.48 -5.78
C GLY C 546 -7.73 -6.41 -6.82
N PHE C 547 -6.68 -5.85 -7.41
CA PHE C 547 -6.85 -4.91 -8.49
C PHE C 547 -7.39 -5.62 -9.72
N HIS C 548 -6.93 -6.85 -9.96
CA HIS C 548 -7.52 -7.68 -10.99
C HIS C 548 -8.94 -8.12 -10.61
N ARG C 549 -9.23 -8.18 -9.31
CA ARG C 549 -10.58 -8.45 -8.86
C ARG C 549 -11.48 -7.25 -9.09
N TRP C 550 -10.89 -6.06 -9.14
CA TRP C 550 -11.66 -4.83 -9.14
C TRP C 550 -11.85 -4.21 -10.52
N ASN C 551 -10.88 -4.32 -11.42
CA ASN C 551 -10.89 -3.58 -12.67
C ASN C 551 -12.03 -3.96 -13.61
N ASN C 552 -12.66 -5.11 -13.38
CA ASN C 552 -13.84 -5.51 -14.15
C ASN C 552 -15.06 -4.68 -13.82
N TYR C 553 -15.07 -3.99 -12.68
CA TYR C 553 -16.29 -3.34 -12.22
C TYR C 553 -16.61 -2.05 -12.97
N MET C 554 -15.77 -1.64 -13.91
CA MET C 554 -16.11 -0.51 -14.76
C MET C 554 -17.21 -0.89 -15.75
N MET C 555 -17.15 -2.11 -16.28
CA MET C 555 -18.23 -2.60 -17.12
C MET C 555 -19.49 -2.83 -16.29
N ASP C 556 -19.33 -3.12 -15.01
CA ASP C 556 -20.47 -3.16 -14.11
C ASP C 556 -20.93 -1.77 -13.74
N TRP C 557 -20.05 -0.78 -13.90
CA TRP C 557 -20.46 0.61 -13.82
C TRP C 557 -21.05 1.06 -15.14
N LYS C 558 -20.60 0.47 -16.24
CA LYS C 558 -21.15 0.73 -17.56
C LYS C 558 -22.16 -0.35 -17.95
N ASN C 559 -22.98 -0.76 -16.99
CA ASN C 559 -24.09 -1.67 -17.29
C ASN C 559 -25.08 -1.01 -18.24
N GLN C 560 -25.77 0.02 -17.76
CA GLN C 560 -26.58 0.88 -18.61
C GLN C 560 -25.96 2.25 -18.80
N PHE C 561 -24.95 2.57 -18.00
CA PHE C 561 -24.46 3.92 -17.95
C PHE C 561 -23.03 4.00 -18.48
N ILE D 4 -14.23 -4.88 85.46
CA ILE D 4 -13.51 -5.79 84.58
C ILE D 4 -12.26 -5.08 84.05
N ILE D 5 -11.13 -5.41 84.65
CA ILE D 5 -9.87 -4.70 84.47
C ILE D 5 -8.76 -5.73 84.38
N ILE D 6 -7.94 -5.66 83.33
CA ILE D 6 -6.86 -6.62 83.15
C ILE D 6 -5.55 -5.86 83.15
N ALA D 7 -4.64 -6.27 84.02
CA ALA D 7 -3.28 -5.75 84.11
C ALA D 7 -2.39 -6.33 83.03
N THR D 8 -1.82 -5.45 82.21
CA THR D 8 -0.86 -5.79 81.17
C THR D 8 0.49 -5.20 81.54
N LYS D 9 1.51 -5.56 80.75
CA LYS D 9 2.86 -5.03 80.96
C LYS D 9 2.91 -3.51 80.90
N ASN D 10 2.04 -2.90 80.08
CA ASN D 10 2.05 -1.45 79.95
C ASN D 10 1.12 -0.79 80.94
N GLY D 11 0.26 -1.57 81.61
CA GLY D 11 -0.71 -1.06 82.54
C GLY D 11 -2.04 -1.77 82.50
N LYS D 12 -2.93 -1.41 83.42
CA LYS D 12 -4.28 -1.95 83.47
C LYS D 12 -5.18 -1.33 82.41
N VAL D 13 -6.07 -2.15 81.84
CA VAL D 13 -7.03 -1.70 80.83
C VAL D 13 -8.43 -2.17 81.21
N ARG D 14 -9.40 -1.27 81.05
CA ARG D 14 -10.80 -1.54 81.34
C ARG D 14 -11.56 -1.78 80.04
N GLY D 15 -12.42 -2.80 80.03
CA GLY D 15 -13.25 -3.14 78.88
C GLY D 15 -14.74 -3.07 79.17
N MET D 16 -15.57 -3.62 78.28
CA MET D 16 -17.02 -3.58 78.51
C MET D 16 -17.63 -4.92 78.12
N ASN D 17 -18.70 -5.29 78.80
CA ASN D 17 -19.47 -6.47 78.42
C ASN D 17 -20.54 -6.16 77.37
N LEU D 18 -20.64 -7.05 76.38
CA LEU D 18 -21.71 -7.04 75.40
C LEU D 18 -22.51 -8.33 75.53
N THR D 19 -23.83 -8.22 75.37
CA THR D 19 -24.73 -9.38 75.39
C THR D 19 -24.98 -9.92 73.98
N VAL D 20 -24.47 -11.11 73.71
CA VAL D 20 -24.55 -11.78 72.41
C VAL D 20 -25.15 -13.16 72.64
N PHE D 21 -26.31 -13.42 72.02
CA PHE D 21 -26.99 -14.74 72.06
C PHE D 21 -27.20 -15.24 73.48
N GLY D 22 -27.55 -14.32 74.38
CA GLY D 22 -27.77 -14.67 75.76
C GLY D 22 -26.52 -14.87 76.57
N GLY D 23 -25.36 -14.52 76.02
CA GLY D 23 -24.13 -14.63 76.77
C GLY D 23 -23.41 -13.30 76.81
N THR D 24 -22.17 -13.32 77.29
CA THR D 24 -21.38 -12.10 77.44
C THR D 24 -20.00 -12.23 76.80
N VAL D 25 -19.60 -11.18 76.12
CA VAL D 25 -18.24 -11.01 75.60
C VAL D 25 -17.64 -9.74 76.18
N THR D 26 -16.37 -9.80 76.57
CA THR D 26 -15.65 -8.64 77.07
C THR D 26 -14.81 -8.03 75.94
N ALA D 27 -15.11 -6.79 75.61
CA ALA D 27 -14.48 -6.08 74.50
C ALA D 27 -13.58 -4.98 75.02
N PHE D 28 -12.36 -4.94 74.51
CA PHE D 28 -11.42 -3.85 74.74
C PHE D 28 -11.14 -3.28 73.36
N LEU D 29 -11.72 -2.13 73.07
CA LEU D 29 -11.60 -1.50 71.76
C LEU D 29 -10.57 -0.39 71.82
N GLY D 30 -9.67 -0.35 70.85
CA GLY D 30 -8.77 0.77 70.74
C GLY D 30 -7.65 0.74 71.77
N ILE D 31 -7.00 -0.39 71.92
CA ILE D 31 -5.81 -0.46 72.76
C ILE D 31 -4.61 0.02 71.94
N PRO D 32 -3.84 0.98 72.44
CA PRO D 32 -2.62 1.37 71.71
C PRO D 32 -1.56 0.30 71.79
N TYR D 33 -0.91 0.06 70.66
CA TYR D 33 0.19 -0.90 70.58
C TYR D 33 1.49 -0.32 70.07
N ALA D 34 1.52 0.95 69.72
CA ALA D 34 2.73 1.57 69.22
C ALA D 34 2.69 3.05 69.54
N GLN D 35 3.86 3.67 69.43
CA GLN D 35 3.91 5.12 69.55
C GLN D 35 3.24 5.75 68.33
N PRO D 36 2.47 6.82 68.53
CA PRO D 36 1.79 7.52 67.41
C PRO D 36 2.77 8.00 66.36
N PRO D 37 2.58 7.60 65.10
CA PRO D 37 3.58 7.93 64.06
C PRO D 37 3.43 9.36 63.55
N LEU D 38 3.69 10.30 64.45
CA LEU D 38 3.50 11.71 64.16
C LEU D 38 4.85 12.38 64.06
N GLY D 39 4.87 13.50 63.33
CA GLY D 39 6.05 14.33 63.20
C GLY D 39 7.24 13.57 62.64
N ARG D 40 8.27 13.44 63.47
CA ARG D 40 9.46 12.70 63.10
C ARG D 40 9.21 11.21 63.00
N LEU D 41 8.14 10.70 63.61
CA LEU D 41 7.90 9.27 63.53
C LEU D 41 7.09 8.92 62.30
N ARG D 42 6.57 9.93 61.60
CA ARG D 42 5.86 9.72 60.35
C ARG D 42 6.83 9.19 59.30
N PHE D 43 6.43 8.13 58.60
CA PHE D 43 7.13 7.35 57.58
C PHE D 43 8.20 6.42 58.13
N LYS D 44 8.59 6.54 59.39
CA LYS D 44 9.54 5.61 59.98
C LYS D 44 8.89 4.26 60.27
N LYS D 45 9.75 3.29 60.58
CA LYS D 45 9.32 2.03 61.12
C LYS D 45 8.59 2.25 62.45
N PRO D 46 7.69 1.35 62.84
CA PRO D 46 7.02 1.50 64.13
C PRO D 46 7.97 1.39 65.31
N GLN D 47 7.70 2.21 66.31
CA GLN D 47 8.45 2.22 67.56
C GLN D 47 7.65 1.53 68.65
N SER D 48 8.36 0.75 69.46
CA SER D 48 7.76 0.04 70.59
C SER D 48 7.02 1.00 71.52
N LEU D 49 5.88 0.56 72.01
CA LEU D 49 5.11 1.37 72.95
C LEU D 49 5.79 1.25 74.30
N THR D 50 6.11 2.39 74.91
CA THR D 50 6.74 2.35 76.22
C THR D 50 5.78 2.02 77.36
N LYS D 51 5.04 3.02 77.85
CA LYS D 51 4.09 2.80 78.94
C LYS D 51 2.94 3.77 78.76
N TRP D 52 1.75 3.33 79.16
CA TRP D 52 0.63 4.24 79.30
C TRP D 52 0.40 4.64 80.75
N SER D 53 -0.36 5.71 80.88
CA SER D 53 -0.80 6.38 82.09
C SER D 53 -2.05 5.62 82.50
N ASP D 54 -2.30 5.55 83.83
CA ASP D 54 -3.39 4.88 84.55
C ASP D 54 -4.28 3.88 83.79
N ILE D 55 -5.55 3.70 84.14
CA ILE D 55 -6.32 2.72 83.39
C ILE D 55 -7.12 3.43 82.31
N TRP D 56 -6.81 3.00 81.08
CA TRP D 56 -7.45 3.37 79.83
C TRP D 56 -8.76 2.65 79.68
N ASN D 57 -9.84 3.38 79.42
CA ASN D 57 -11.16 2.79 79.30
C ASN D 57 -11.36 2.43 77.84
N ALA D 58 -11.07 1.17 77.51
CA ALA D 58 -11.22 0.63 76.16
C ALA D 58 -12.66 0.14 75.95
N THR D 59 -13.54 1.13 75.81
CA THR D 59 -14.98 0.92 75.68
C THR D 59 -15.55 1.62 74.44
N LYS D 60 -14.71 2.06 73.51
CA LYS D 60 -15.19 2.60 72.25
C LYS D 60 -14.14 2.41 71.18
N TYR D 61 -14.62 2.27 69.93
CA TYR D 61 -13.72 2.14 68.79
C TYR D 61 -12.88 3.39 68.63
N ALA D 62 -11.67 3.20 68.13
CA ALA D 62 -10.78 4.32 67.95
C ALA D 62 -11.02 4.98 66.60
N ASN D 63 -10.27 6.05 66.35
CA ASN D 63 -10.24 6.72 65.06
C ASN D 63 -9.80 5.73 63.99
N SER D 64 -10.41 5.82 62.81
CA SER D 64 -9.82 5.01 61.76
C SER D 64 -8.63 5.74 61.15
N CYS D 65 -7.74 4.97 60.56
CA CYS D 65 -6.56 5.53 59.96
C CYS D 65 -6.91 6.23 58.65
N CYS D 66 -6.13 7.27 58.32
CA CYS D 66 -6.34 8.07 57.12
C CYS D 66 -6.37 7.23 55.85
N GLN D 67 -7.39 7.48 55.03
CA GLN D 67 -7.65 6.77 53.78
C GLN D 67 -8.65 7.56 52.97
N ASN D 68 -8.67 7.33 51.66
CA ASN D 68 -9.77 7.87 50.87
C ASN D 68 -11.02 7.03 51.08
N ILE D 69 -12.17 7.63 50.81
CA ILE D 69 -13.46 7.02 51.10
C ILE D 69 -14.16 6.69 49.79
N ASP D 70 -14.82 5.55 49.74
CA ASP D 70 -15.63 5.23 48.57
C ASP D 70 -16.90 6.07 48.65
N GLN D 71 -17.11 6.89 47.61
CA GLN D 71 -18.24 7.82 47.56
C GLN D 71 -18.95 7.71 46.22
N SER D 72 -18.72 6.61 45.49
CA SER D 72 -19.31 6.42 44.17
C SER D 72 -20.82 6.24 44.23
N PHE D 73 -21.37 5.78 45.34
CA PHE D 73 -22.81 5.54 45.46
C PHE D 73 -23.28 6.07 46.80
N PRO D 74 -23.58 7.37 46.88
CA PRO D 74 -24.01 8.00 48.14
C PRO D 74 -25.32 7.41 48.65
N GLY D 75 -25.29 6.91 49.88
CA GLY D 75 -26.48 6.38 50.52
C GLY D 75 -26.74 4.92 50.24
N PHE D 76 -25.99 4.31 49.34
CA PHE D 76 -26.16 2.91 49.00
C PHE D 76 -25.40 2.06 50.01
N HIS D 77 -26.13 1.18 50.72
CA HIS D 77 -25.56 0.37 51.79
C HIS D 77 -24.48 -0.58 51.28
N GLY D 78 -24.61 -1.08 50.04
CA GLY D 78 -23.63 -1.99 49.47
C GLY D 78 -22.21 -1.45 49.46
N SER D 79 -22.04 -0.18 49.12
CA SER D 79 -20.70 0.39 49.10
C SER D 79 -20.33 1.03 50.43
N GLU D 80 -21.29 1.70 51.08
CA GLU D 80 -20.99 2.46 52.29
C GLU D 80 -20.73 1.59 53.51
N MET D 81 -21.07 0.30 53.46
CA MET D 81 -20.85 -0.52 54.65
C MET D 81 -19.39 -0.86 54.86
N TRP D 82 -18.54 -0.67 53.84
CA TRP D 82 -17.12 -0.90 54.03
C TRP D 82 -16.34 0.38 54.31
N ASN D 83 -16.92 1.55 54.08
CA ASN D 83 -16.25 2.79 54.43
C ASN D 83 -16.13 2.95 55.94
N PRO D 84 -15.03 3.53 56.43
CA PRO D 84 -14.87 3.77 57.86
C PRO D 84 -15.92 4.74 58.40
N ASN D 85 -16.32 4.52 59.65
CA ASN D 85 -17.43 5.24 60.25
C ASN D 85 -16.97 6.06 61.45
N THR D 86 -15.66 6.31 61.57
CA THR D 86 -15.11 7.26 62.54
C THR D 86 -14.10 8.17 61.86
N ASP D 87 -13.67 9.18 62.61
CA ASP D 87 -12.67 10.16 62.19
C ASP D 87 -11.35 9.54 61.73
N LEU D 88 -10.76 10.21 60.74
CA LEU D 88 -9.46 9.88 60.18
C LEU D 88 -8.33 10.60 60.90
N SER D 89 -7.22 9.90 61.10
CA SER D 89 -6.09 10.48 61.82
C SER D 89 -4.84 9.65 61.57
N GLU D 90 -3.69 10.31 61.69
CA GLU D 90 -2.39 9.66 61.60
C GLU D 90 -2.04 8.84 62.84
N ASP D 91 -2.64 9.16 63.98
CA ASP D 91 -2.45 8.47 65.24
C ASP D 91 -3.48 7.34 65.22
N CYS D 92 -3.09 6.20 64.67
CA CYS D 92 -4.07 5.18 64.34
C CYS D 92 -3.61 3.76 64.65
N LEU D 93 -2.47 3.58 65.30
CA LEU D 93 -1.94 2.25 65.58
C LEU D 93 -2.58 1.71 66.86
N TYR D 94 -3.79 1.19 66.74
CA TYR D 94 -4.55 0.68 67.88
C TYR D 94 -5.13 -0.69 67.55
N LEU D 95 -5.40 -1.51 68.57
CA LEU D 95 -6.08 -2.77 68.31
C LEU D 95 -7.27 -2.97 69.24
N ASN D 96 -8.12 -3.92 68.85
CA ASN D 96 -9.33 -4.31 69.56
C ASN D 96 -9.25 -5.81 69.85
N VAL D 97 -9.69 -6.19 71.04
CA VAL D 97 -9.69 -7.58 71.48
C VAL D 97 -11.07 -7.95 72.04
N TRP D 98 -11.66 -9.04 71.54
CA TRP D 98 -12.90 -9.58 72.07
C TRP D 98 -12.60 -10.93 72.71
N ILE D 99 -13.02 -11.09 73.97
CA ILE D 99 -12.75 -12.29 74.75
C ILE D 99 -14.08 -12.86 75.22
N PRO D 100 -14.28 -14.18 75.17
CA PRO D 100 -15.51 -14.77 75.71
C PRO D 100 -15.60 -14.59 77.21
N ALA D 101 -16.83 -14.54 77.72
CA ALA D 101 -16.90 -14.58 79.16
C ALA D 101 -17.70 -15.80 79.59
N PRO D 102 -17.25 -16.55 80.62
CA PRO D 102 -16.04 -16.35 81.44
C PRO D 102 -14.71 -16.62 80.76
N LYS D 103 -13.65 -16.10 81.38
CA LYS D 103 -12.32 -16.09 80.79
C LYS D 103 -11.80 -17.49 80.50
N PRO D 104 -11.38 -17.78 79.27
CA PRO D 104 -10.75 -19.07 78.98
C PRO D 104 -9.38 -19.16 79.62
N LYS D 105 -8.87 -20.38 79.71
CA LYS D 105 -7.59 -20.56 80.38
C LYS D 105 -6.44 -20.74 79.41
N ASN D 106 -6.69 -21.23 78.19
CA ASN D 106 -5.59 -21.50 77.26
C ASN D 106 -6.18 -21.51 75.85
N ALA D 107 -6.89 -20.45 75.49
CA ALA D 107 -7.63 -20.39 74.23
C ALA D 107 -6.78 -20.14 72.99
N THR D 108 -7.27 -20.66 71.87
CA THR D 108 -6.71 -20.38 70.55
C THR D 108 -7.14 -18.99 70.11
N VAL D 109 -6.22 -18.23 69.52
CA VAL D 109 -6.46 -16.84 69.15
C VAL D 109 -6.60 -16.73 67.63
N LEU D 110 -7.63 -16.01 67.19
CA LEU D 110 -7.81 -15.64 65.79
C LEU D 110 -7.50 -14.16 65.63
N ILE D 111 -6.56 -13.85 64.73
CA ILE D 111 -6.17 -12.48 64.42
C ILE D 111 -6.68 -12.06 63.05
N TRP D 112 -7.53 -11.04 63.03
CA TRP D 112 -8.14 -10.56 61.80
C TRP D 112 -7.31 -9.45 61.19
N ILE D 113 -7.07 -9.57 59.89
CA ILE D 113 -6.38 -8.55 59.11
C ILE D 113 -7.34 -8.08 58.03
N TYR D 114 -7.82 -6.85 58.13
CA TYR D 114 -8.76 -6.35 57.13
C TYR D 114 -8.10 -6.26 55.77
N GLY D 115 -8.94 -6.22 54.73
CA GLY D 115 -8.51 -5.94 53.40
C GLY D 115 -8.94 -4.57 52.91
N GLY D 116 -8.93 -4.41 51.60
CA GLY D 116 -9.15 -3.12 50.97
C GLY D 116 -8.05 -2.77 50.01
N GLY D 117 -7.42 -3.79 49.42
CA GLY D 117 -6.41 -3.60 48.38
C GLY D 117 -5.24 -2.76 48.80
N PHE D 118 -4.88 -2.79 50.09
CA PHE D 118 -3.79 -2.03 50.71
C PHE D 118 -3.98 -0.51 50.65
N GLN D 119 -5.11 -0.02 50.13
CA GLN D 119 -5.33 1.42 50.10
C GLN D 119 -6.37 1.89 51.11
N THR D 120 -7.26 1.00 51.55
CA THR D 120 -8.42 1.38 52.34
C THR D 120 -8.70 0.28 53.37
N GLY D 121 -9.74 0.49 54.16
CA GLY D 121 -10.19 -0.46 55.15
C GLY D 121 -9.96 0.04 56.57
N THR D 122 -10.62 -0.64 57.51
CA THR D 122 -10.58 -0.32 58.94
C THR D 122 -11.18 -1.48 59.73
N SER D 123 -10.69 -1.65 60.97
CA SER D 123 -11.07 -2.80 61.78
C SER D 123 -12.40 -2.55 62.49
N SER D 124 -13.01 -1.38 62.33
CA SER D 124 -14.16 -0.96 63.11
C SER D 124 -15.46 -1.16 62.35
N LEU D 125 -15.39 -1.81 61.21
CA LEU D 125 -16.59 -2.11 60.44
C LEU D 125 -17.45 -3.11 61.21
N HIS D 126 -18.76 -2.99 61.01
CA HIS D 126 -19.73 -3.87 61.68
C HIS D 126 -19.50 -5.31 61.29
N VAL D 127 -19.14 -5.52 60.03
CA VAL D 127 -18.87 -6.82 59.44
C VAL D 127 -17.56 -7.43 59.98
N TYR D 128 -16.82 -6.69 60.80
CA TYR D 128 -15.65 -7.24 61.48
C TYR D 128 -15.83 -7.29 62.99
N ASP D 129 -17.06 -7.20 63.48
CA ASP D 129 -17.30 -7.30 64.91
C ASP D 129 -17.00 -8.74 65.33
N GLY D 130 -16.05 -8.93 66.23
CA GLY D 130 -15.64 -10.27 66.59
C GLY D 130 -16.36 -10.87 67.77
N LYS D 131 -17.42 -10.21 68.25
CA LYS D 131 -18.17 -10.72 69.39
C LYS D 131 -18.86 -12.05 69.09
N PHE D 132 -19.26 -12.27 67.84
CA PHE D 132 -20.00 -13.49 67.50
C PHE D 132 -19.11 -14.72 67.57
N LEU D 133 -17.92 -14.64 66.96
CA LEU D 133 -16.98 -15.76 66.97
C LEU D 133 -16.55 -16.09 68.39
N ALA D 134 -16.40 -15.05 69.21
CA ALA D 134 -16.01 -15.24 70.61
C ALA D 134 -17.12 -15.92 71.38
N ARG D 135 -18.37 -15.50 71.13
CA ARG D 135 -19.51 -16.12 71.79
C ARG D 135 -19.65 -17.59 71.41
N VAL D 136 -19.55 -17.89 70.11
CA VAL D 136 -19.95 -19.20 69.63
C VAL D 136 -18.82 -20.22 69.76
N GLU D 137 -17.57 -19.84 69.51
CA GLU D 137 -16.50 -20.81 69.57
C GLU D 137 -15.55 -20.62 70.74
N ARG D 138 -15.94 -19.79 71.72
CA ARG D 138 -15.24 -19.43 72.96
C ARG D 138 -13.74 -19.15 72.77
N VAL D 139 -13.39 -18.60 71.60
CA VAL D 139 -12.01 -18.23 71.30
C VAL D 139 -11.87 -16.71 71.42
N ILE D 140 -10.63 -16.26 71.58
CA ILE D 140 -10.33 -14.85 71.60
C ILE D 140 -10.00 -14.36 70.19
N VAL D 141 -10.58 -13.21 69.81
CA VAL D 141 -10.33 -12.59 68.52
C VAL D 141 -9.70 -11.23 68.72
N VAL D 142 -8.59 -10.98 68.04
CA VAL D 142 -7.95 -9.67 68.05
C VAL D 142 -7.84 -9.14 66.62
N SER D 143 -8.08 -7.83 66.46
CA SER D 143 -7.83 -7.14 65.21
C SER D 143 -7.19 -5.79 65.48
N MET D 144 -6.35 -5.34 64.55
CA MET D 144 -5.63 -4.09 64.71
C MET D 144 -5.80 -3.22 63.49
N ASN D 145 -5.69 -1.92 63.69
CA ASN D 145 -5.51 -0.99 62.59
C ASN D 145 -4.03 -0.90 62.22
N TYR D 146 -3.76 -0.95 60.93
CA TYR D 146 -2.44 -0.78 60.34
C TYR D 146 -2.45 0.24 59.21
N ARG D 147 -1.35 1.00 59.11
CA ARG D 147 -1.19 2.03 58.08
C ARG D 147 -1.33 1.47 56.68
N VAL D 148 -2.12 2.14 55.86
CA VAL D 148 -2.32 1.81 54.44
C VAL D 148 -1.80 2.95 53.56
N GLY D 149 -1.77 2.67 52.25
CA GLY D 149 -1.31 3.58 51.23
C GLY D 149 0.15 3.94 51.39
N ALA D 150 0.51 5.12 50.87
CA ALA D 150 1.87 5.66 50.93
C ALA D 150 2.37 5.72 52.37
N LEU D 151 1.48 6.09 53.30
CA LEU D 151 1.81 6.15 54.73
C LEU D 151 2.24 4.79 55.26
N GLY D 152 1.77 3.71 54.64
CA GLY D 152 2.08 2.37 55.07
C GLY D 152 3.24 1.81 54.26
N PHE D 153 3.39 2.29 53.02
CA PHE D 153 4.30 1.65 52.06
C PHE D 153 5.15 2.59 51.21
N LEU D 154 5.32 3.87 51.55
CA LEU D 154 6.32 4.70 50.86
C LEU D 154 7.68 4.02 51.01
N ALA D 155 8.42 3.89 49.91
CA ALA D 155 9.64 3.11 49.97
C ALA D 155 10.84 3.81 49.37
N LEU D 156 11.89 3.93 50.18
CA LEU D 156 13.25 4.23 49.75
C LEU D 156 14.12 3.24 50.50
N PRO D 157 14.27 2.02 49.96
CA PRO D 157 14.86 0.91 50.74
C PRO D 157 16.32 1.15 51.08
N GLY D 158 16.68 0.79 52.31
CA GLY D 158 17.99 1.03 52.84
C GLY D 158 18.04 2.22 53.77
N ASN D 159 17.08 3.12 53.65
CA ASN D 159 17.01 4.32 54.45
C ASN D 159 16.04 4.05 55.60
N PRO D 160 16.50 4.05 56.86
CA PRO D 160 15.61 3.68 57.98
C PRO D 160 14.53 4.71 58.27
N GLU D 161 14.58 5.88 57.62
CA GLU D 161 13.57 6.90 57.80
C GLU D 161 12.31 6.55 57.03
N ALA D 162 12.45 5.77 55.95
CA ALA D 162 11.34 5.29 55.13
C ALA D 162 11.70 4.08 54.29
N PRO D 163 11.94 2.92 54.92
CA PRO D 163 12.57 1.80 54.19
C PRO D 163 11.59 1.05 53.30
N GLY D 164 10.30 1.33 53.41
CA GLY D 164 9.31 0.53 52.72
C GLY D 164 8.74 -0.53 53.64
N ASN D 165 7.54 -1.02 53.25
CA ASN D 165 6.84 -2.12 53.93
C ASN D 165 6.56 -1.82 55.41
N MET D 166 6.43 -0.53 55.74
CA MET D 166 6.18 -0.12 57.12
C MET D 166 4.91 -0.73 57.68
N GLY D 167 3.83 -0.73 56.89
CA GLY D 167 2.58 -1.37 57.31
C GLY D 167 2.77 -2.84 57.67
N LEU D 168 3.56 -3.55 56.87
CA LEU D 168 3.88 -4.93 57.17
C LEU D 168 4.66 -5.05 58.48
N PHE D 169 5.63 -4.16 58.68
CA PHE D 169 6.37 -4.14 59.93
C PHE D 169 5.50 -3.75 61.11
N ASP D 170 4.41 -3.03 60.85
CA ASP D 170 3.44 -2.70 61.89
C ASP D 170 2.75 -3.95 62.32
N GLN D 171 2.28 -4.71 61.32
CA GLN D 171 1.66 -6.00 61.55
C GLN D 171 2.56 -6.91 62.37
N GLN D 172 3.84 -6.96 62.00
CA GLN D 172 4.78 -7.85 62.69
C GLN D 172 4.94 -7.43 64.15
N LEU D 173 5.09 -6.11 64.38
CA LEU D 173 5.22 -5.62 65.74
C LEU D 173 3.96 -5.89 66.55
N ALA D 174 2.80 -5.81 65.90
CA ALA D 174 1.55 -6.16 66.56
C ALA D 174 1.53 -7.62 66.96
N LEU D 175 2.07 -8.49 66.09
CA LEU D 175 2.19 -9.91 66.44
C LEU D 175 3.07 -10.06 67.67
N GLN D 176 4.18 -9.32 67.70
CA GLN D 176 5.07 -9.31 68.85
C GLN D 176 4.32 -8.87 70.10
N TRP D 177 3.48 -7.84 69.97
CA TRP D 177 2.66 -7.38 71.10
C TRP D 177 1.72 -8.48 71.57
N VAL D 178 1.21 -9.28 70.63
CA VAL D 178 0.30 -10.37 70.97
C VAL D 178 1.05 -11.44 71.74
N GLN D 179 2.24 -11.79 71.26
CA GLN D 179 3.12 -12.73 71.96
C GLN D 179 3.42 -12.25 73.37
N LYS D 180 3.68 -10.95 73.50
CA LYS D 180 4.03 -10.35 74.79
C LYS D 180 2.85 -10.28 75.75
N ASN D 181 1.63 -10.16 75.23
CA ASN D 181 0.52 -9.77 76.08
C ASN D 181 -0.62 -10.78 76.18
N ILE D 182 -0.76 -11.69 75.22
CA ILE D 182 -1.91 -12.59 75.10
C ILE D 182 -2.11 -13.46 76.36
N ALA D 183 -1.02 -13.82 77.04
CA ALA D 183 -1.13 -14.60 78.29
C ALA D 183 -1.96 -13.88 79.34
N ALA D 184 -1.90 -12.55 79.38
CA ALA D 184 -2.67 -11.77 80.35
C ALA D 184 -4.15 -11.81 80.03
N PHE D 185 -4.50 -12.10 78.79
CA PHE D 185 -5.87 -12.27 78.35
C PHE D 185 -6.34 -13.71 78.43
N GLY D 186 -5.52 -14.63 78.91
CA GLY D 186 -5.92 -16.02 78.94
C GLY D 186 -5.60 -16.75 77.65
N GLY D 187 -4.69 -16.23 76.86
CA GLY D 187 -4.36 -16.80 75.58
C GLY D 187 -3.18 -17.75 75.58
N ASN D 188 -3.16 -18.62 74.58
CA ASN D 188 -2.09 -19.58 74.37
C ASN D 188 -1.20 -19.11 73.25
N PRO D 189 0.02 -18.62 73.54
CA PRO D 189 0.91 -18.11 72.47
C PRO D 189 1.42 -19.21 71.54
N LYS D 190 1.22 -20.48 71.86
CA LYS D 190 1.65 -21.59 71.04
C LYS D 190 0.54 -22.14 70.15
N SER D 191 -0.66 -21.54 70.22
CA SER D 191 -1.80 -21.85 69.34
C SER D 191 -2.31 -20.52 68.81
N VAL D 192 -1.64 -19.97 67.79
CA VAL D 192 -1.99 -18.67 67.24
C VAL D 192 -2.31 -18.79 65.75
N THR D 193 -3.52 -18.37 65.35
CA THR D 193 -3.92 -18.42 63.94
C THR D 193 -4.21 -17.05 63.34
N LEU D 194 -3.52 -16.74 62.24
CA LEU D 194 -3.73 -15.51 61.47
C LEU D 194 -4.78 -15.71 60.38
N PHE D 195 -5.67 -14.74 60.16
CA PHE D 195 -6.46 -14.80 58.94
C PHE D 195 -6.76 -13.41 58.38
N GLY D 196 -6.93 -13.33 57.05
CA GLY D 196 -7.24 -12.07 56.38
C GLY D 196 -7.65 -12.33 54.94
N GLU D 197 -8.19 -11.29 54.31
CA GLU D 197 -8.68 -11.42 52.94
C GLU D 197 -8.14 -10.33 52.00
N SER D 198 -7.83 -10.73 50.76
CA SER D 198 -7.36 -9.95 49.61
C SER D 198 -6.02 -9.23 49.78
N ALA D 199 -5.74 -8.83 50.98
CA ALA D 199 -4.51 -8.19 51.41
C ALA D 199 -4.11 -8.71 52.77
N GLY D 200 -5.10 -9.15 53.54
CA GLY D 200 -4.83 -9.88 54.75
C GLY D 200 -4.18 -11.19 54.45
N ALA D 201 -4.67 -11.87 53.43
CA ALA D 201 -4.08 -13.13 53.01
C ALA D 201 -2.70 -12.93 52.41
N ALA D 202 -2.54 -11.92 51.55
CA ALA D 202 -1.21 -11.56 51.08
C ALA D 202 -0.23 -11.27 52.21
N SER D 203 -0.66 -10.51 53.22
CA SER D 203 0.18 -10.24 54.38
C SER D 203 0.57 -11.49 55.15
N VAL D 204 -0.42 -12.32 55.52
CA VAL D 204 -0.12 -13.57 56.26
C VAL D 204 0.84 -14.43 55.46
N SER D 205 0.61 -14.51 54.14
CA SER D 205 1.44 -15.34 53.29
C SER D 205 2.84 -14.79 53.25
N LEU D 206 2.96 -13.48 53.43
CA LEU D 206 4.28 -12.87 53.50
C LEU D 206 4.92 -13.16 54.86
N HIS D 207 4.10 -13.27 55.91
CA HIS D 207 4.64 -13.69 57.20
C HIS D 207 5.16 -15.12 57.17
N LEU D 208 4.62 -15.96 56.28
CA LEU D 208 5.24 -17.28 56.11
C LEU D 208 6.65 -17.16 55.57
N LEU D 209 6.92 -16.12 54.79
CA LEU D 209 8.24 -15.93 54.19
C LEU D 209 9.16 -15.07 55.05
N SER D 210 8.64 -14.23 55.93
CA SER D 210 9.47 -13.28 56.66
C SER D 210 10.10 -13.88 57.90
N PRO D 211 11.44 -13.99 57.95
CA PRO D 211 12.15 -14.58 59.10
C PRO D 211 11.81 -13.98 60.44
N GLY D 212 11.50 -12.68 60.48
CA GLY D 212 11.07 -12.06 61.72
C GLY D 212 9.73 -12.56 62.19
N SER D 213 8.93 -13.13 61.31
CA SER D 213 7.62 -13.65 61.65
C SER D 213 7.64 -15.14 61.98
N HIS D 214 8.83 -15.73 62.08
CA HIS D 214 8.99 -17.18 61.94
C HIS D 214 8.50 -17.97 63.15
N SER D 215 8.16 -17.33 64.25
CA SER D 215 7.89 -18.10 65.46
C SER D 215 6.74 -17.54 66.27
N LEU D 216 5.92 -16.67 65.70
CA LEU D 216 4.84 -16.06 66.44
C LEU D 216 3.44 -16.55 66.09
N PHE D 217 3.30 -17.55 65.23
CA PHE D 217 1.97 -18.08 64.99
C PHE D 217 2.06 -19.53 64.54
N THR D 218 0.90 -20.16 64.47
CA THR D 218 0.81 -21.58 64.16
C THR D 218 0.24 -21.87 62.78
N ARG D 219 -0.89 -21.28 62.41
CA ARG D 219 -1.56 -21.63 61.16
C ARG D 219 -2.11 -20.39 60.52
N ALA D 220 -2.75 -20.56 59.36
CA ALA D 220 -3.04 -19.45 58.48
C ALA D 220 -4.24 -19.73 57.58
N ILE D 221 -5.17 -18.79 57.52
CA ILE D 221 -6.32 -18.89 56.63
C ILE D 221 -6.25 -17.72 55.65
N LEU D 222 -6.35 -18.04 54.37
CA LEU D 222 -6.15 -17.12 53.25
C LEU D 222 -7.40 -17.06 52.40
N GLN D 223 -8.15 -15.97 52.50
CA GLN D 223 -9.36 -15.82 51.74
C GLN D 223 -9.10 -14.96 50.52
N SER D 224 -9.24 -15.55 49.32
CA SER D 224 -9.12 -14.85 48.03
C SER D 224 -7.86 -14.00 47.85
N GLY D 225 -6.69 -14.61 47.94
CA GLY D 225 -5.51 -13.79 47.81
C GLY D 225 -4.17 -14.42 48.13
N SER D 226 -3.12 -13.93 47.46
CA SER D 226 -1.74 -14.34 47.71
C SER D 226 -0.80 -13.39 46.99
N PHE D 227 0.43 -13.32 47.50
CA PHE D 227 1.47 -12.39 47.09
C PHE D 227 1.87 -12.52 45.63
N ASN D 228 1.59 -13.63 45.00
CA ASN D 228 2.05 -13.87 43.65
C ASN D 228 1.08 -13.36 42.62
N ALA D 229 0.00 -12.74 43.06
CA ALA D 229 -0.88 -12.05 42.13
C ALA D 229 -0.14 -10.86 41.53
N PRO D 230 -0.41 -10.52 40.26
CA PRO D 230 0.39 -9.48 39.59
C PRO D 230 0.29 -8.10 40.21
N TRP D 231 -0.78 -7.85 40.96
CA TRP D 231 -1.01 -6.55 41.55
C TRP D 231 -0.50 -6.50 42.97
N ALA D 232 -0.05 -7.64 43.50
CA ALA D 232 0.17 -7.75 44.93
C ALA D 232 1.47 -7.07 45.34
N VAL D 233 2.55 -7.31 44.60
CA VAL D 233 3.87 -6.83 44.97
C VAL D 233 4.43 -6.03 43.80
N THR D 234 5.00 -4.87 44.10
CA THR D 234 5.62 -4.00 43.12
C THR D 234 7.12 -4.25 43.16
N SER D 235 7.74 -4.29 41.98
CA SER D 235 9.20 -4.36 41.91
C SER D 235 9.86 -3.18 42.63
N LEU D 236 11.08 -3.46 43.11
CA LEU D 236 11.88 -2.50 43.88
C LEU D 236 12.05 -1.15 43.17
N TYR D 237 12.34 -1.17 41.88
CA TYR D 237 12.61 0.10 41.21
C TYR D 237 11.35 0.76 40.69
N GLU D 238 10.26 -0.01 40.54
CA GLU D 238 8.98 0.62 40.23
C GLU D 238 8.45 1.34 41.46
N ALA D 239 8.63 0.72 42.63
CA ALA D 239 8.27 1.33 43.90
C ALA D 239 9.05 2.63 44.13
N ARG D 240 10.38 2.55 44.06
CA ARG D 240 11.22 3.75 44.19
C ARG D 240 10.83 4.83 43.19
N ASN D 241 10.61 4.46 41.91
CA ASN D 241 10.17 5.40 40.89
C ASN D 241 8.88 6.10 41.31
N ARG D 242 7.92 5.32 41.81
CA ARG D 242 6.64 5.86 42.27
C ARG D 242 6.84 6.82 43.44
N THR D 243 7.75 6.46 44.36
CA THR D 243 8.09 7.33 45.48
C THR D 243 8.64 8.66 44.97
N LEU D 244 9.63 8.60 44.07
CA LEU D 244 10.18 9.80 43.43
C LEU D 244 9.10 10.62 42.73
N ASN D 245 8.11 9.96 42.12
CA ASN D 245 7.06 10.68 41.42
C ASN D 245 6.11 11.37 42.39
N LEU D 246 5.75 10.68 43.48
CA LEU D 246 4.93 11.29 44.54
C LEU D 246 5.62 12.52 45.11
N ALA D 247 6.93 12.39 45.36
CA ALA D 247 7.78 13.52 45.78
C ALA D 247 7.70 14.68 44.79
N LYS D 248 7.75 14.37 43.49
CA LYS D 248 7.65 15.39 42.45
C LYS D 248 6.30 16.08 42.50
N LEU D 249 5.21 15.29 42.54
CA LEU D 249 3.84 15.80 42.62
C LEU D 249 3.59 16.71 43.83
N THR D 250 4.33 16.51 44.91
CA THR D 250 4.14 17.19 46.19
C THR D 250 5.19 18.26 46.45
N GLY D 251 6.10 18.50 45.51
CA GLY D 251 7.17 19.46 45.68
C GLY D 251 8.29 19.05 46.62
N CYS D 252 8.60 17.76 46.66
CA CYS D 252 9.65 17.18 47.49
C CYS D 252 10.78 16.57 46.70
N SER D 253 10.83 16.77 45.38
CA SER D 253 11.99 16.28 44.64
C SER D 253 13.23 17.04 45.12
N ARG D 254 14.22 16.32 45.64
CA ARG D 254 15.39 16.96 46.20
C ARG D 254 16.62 16.19 45.75
N GLU D 255 17.79 16.77 46.03
CA GLU D 255 19.09 16.13 45.86
C GLU D 255 19.10 14.71 46.44
N ASN D 256 19.13 14.63 47.77
CA ASN D 256 19.20 13.37 48.49
C ASN D 256 17.86 12.97 49.08
N GLU D 257 17.84 11.77 49.64
CA GLU D 257 16.61 11.16 50.13
C GLU D 257 16.10 11.86 51.37
N THR D 258 17.00 12.21 52.29
CA THR D 258 16.57 12.78 53.55
C THR D 258 15.96 14.18 53.41
N GLU D 259 16.27 14.92 52.37
CA GLU D 259 15.61 16.21 52.18
C GLU D 259 14.20 16.02 51.66
N ILE D 260 14.05 15.02 50.79
CA ILE D 260 12.75 14.61 50.27
C ILE D 260 11.84 14.24 51.43
N ILE D 261 12.33 13.37 52.32
CA ILE D 261 11.55 12.97 53.48
C ILE D 261 11.27 14.14 54.42
N LYS D 262 12.26 15.04 54.64
CA LYS D 262 12.01 16.21 55.50
C LYS D 262 10.81 17.02 55.02
N CYS D 263 10.73 17.30 53.72
CA CYS D 263 9.56 18.05 53.26
C CYS D 263 8.30 17.18 53.30
N LEU D 264 8.43 15.89 52.96
CA LEU D 264 7.25 15.01 52.98
C LEU D 264 6.69 14.77 54.38
N ARG D 265 7.51 14.89 55.42
CA ARG D 265 7.00 14.77 56.79
C ARG D 265 6.18 15.96 57.21
N ASN D 266 6.29 17.08 56.49
CA ASN D 266 5.51 18.26 56.80
C ASN D 266 4.22 18.36 56.01
N LYS D 267 3.97 17.45 55.07
CA LYS D 267 2.74 17.57 54.31
C LYS D 267 1.56 17.00 55.09
N ASP D 268 0.41 17.61 54.88
CA ASP D 268 -0.85 17.11 55.40
C ASP D 268 -1.18 15.74 54.79
N PRO D 269 -1.83 14.85 55.56
CA PRO D 269 -2.25 13.55 55.00
C PRO D 269 -3.12 13.68 53.75
N GLN D 270 -3.98 14.70 53.72
CA GLN D 270 -4.89 14.93 52.59
C GLN D 270 -4.12 15.21 51.31
N GLU D 271 -3.01 15.93 51.40
CA GLU D 271 -2.19 16.24 50.22
C GLU D 271 -1.62 14.98 49.60
N ILE D 272 -1.16 14.06 50.45
CA ILE D 272 -0.67 12.76 50.02
C ILE D 272 -1.81 11.98 49.39
N LEU D 273 -2.98 11.99 50.04
CA LEU D 273 -4.11 11.21 49.53
C LEU D 273 -4.52 11.71 48.15
N LEU D 274 -4.56 13.04 47.98
CA LEU D 274 -4.95 13.58 46.69
C LEU D 274 -3.85 13.42 45.65
N ASN D 275 -2.62 13.09 46.06
CA ASN D 275 -1.57 12.94 45.05
C ASN D 275 -1.25 11.50 44.73
N GLU D 276 -1.72 10.56 45.57
CA GLU D 276 -1.48 9.13 45.39
C GLU D 276 -1.86 8.58 44.01
N ALA D 277 -2.91 9.12 43.39
CA ALA D 277 -3.47 8.58 42.15
C ALA D 277 -2.71 8.96 40.89
N PHE D 278 -1.62 9.70 40.98
CA PHE D 278 -0.94 10.12 39.77
C PHE D 278 0.46 9.55 39.60
N VAL D 279 0.92 8.71 40.53
CA VAL D 279 2.26 8.13 40.41
C VAL D 279 2.36 7.02 39.39
N VAL D 280 1.23 6.50 38.91
CA VAL D 280 1.19 5.42 37.93
C VAL D 280 0.49 5.91 36.68
N PRO D 281 1.12 5.82 35.50
CA PRO D 281 0.52 6.40 34.29
C PRO D 281 -0.76 5.71 33.84
N TYR D 282 -0.91 4.40 34.05
CA TYR D 282 -2.07 3.66 33.55
C TYR D 282 -2.48 2.60 34.56
N GLY D 283 -3.32 3.00 35.52
CA GLY D 283 -3.67 2.13 36.61
C GLY D 283 -4.96 1.36 36.33
N THR D 284 -5.17 0.32 37.10
CA THR D 284 -6.36 -0.51 37.03
C THR D 284 -7.18 -0.33 38.29
N PRO D 285 -8.45 -0.78 38.31
CA PRO D 285 -9.21 -0.74 39.57
C PRO D 285 -8.58 -1.55 40.71
N LEU D 286 -7.60 -2.40 40.42
CA LEU D 286 -6.90 -3.17 41.44
C LEU D 286 -5.46 -2.68 41.57
N SER D 287 -5.18 -1.45 41.12
CA SER D 287 -3.79 -0.97 41.13
C SER D 287 -3.43 -0.53 42.55
N VAL D 288 -2.30 -1.04 43.02
CA VAL D 288 -1.72 -0.71 44.30
C VAL D 288 -0.54 0.24 44.10
N ASN D 289 -0.78 1.54 44.29
CA ASN D 289 0.28 2.54 44.12
C ASN D 289 1.44 2.29 45.07
N PHE D 290 1.15 2.18 46.37
CA PHE D 290 2.18 1.84 47.35
C PHE D 290 1.81 0.57 48.10
N GLY D 291 2.59 -0.48 47.87
CA GLY D 291 2.38 -1.76 48.49
C GLY D 291 3.70 -2.47 48.75
N PRO D 292 3.61 -3.76 49.08
CA PRO D 292 4.81 -4.55 49.39
C PRO D 292 5.84 -4.56 48.26
N THR D 293 7.11 -4.65 48.67
CA THR D 293 8.22 -4.76 47.73
C THR D 293 9.36 -5.52 48.39
N VAL D 294 10.37 -5.83 47.58
CA VAL D 294 11.59 -6.47 48.07
C VAL D 294 12.44 -5.41 48.77
N ASP D 295 12.26 -5.28 50.08
CA ASP D 295 12.90 -4.26 50.89
C ASP D 295 14.25 -4.70 51.45
N GLY D 296 14.59 -6.00 51.36
CA GLY D 296 15.79 -6.56 51.92
C GLY D 296 15.67 -6.96 53.37
N ASP D 297 14.65 -6.48 54.07
CA ASP D 297 14.42 -6.81 55.47
C ASP D 297 13.23 -7.78 55.49
N PHE D 298 12.04 -7.28 55.22
CA PHE D 298 10.88 -8.16 55.13
C PHE D 298 11.04 -9.14 53.97
N LEU D 299 11.41 -8.67 52.78
CA LEU D 299 11.60 -9.59 51.67
C LEU D 299 13.05 -9.49 51.25
N THR D 300 13.82 -10.55 51.49
CA THR D 300 15.24 -10.53 51.17
C THR D 300 15.49 -10.88 49.71
N ASP D 301 14.42 -11.15 48.97
CA ASP D 301 14.47 -11.59 47.57
C ASP D 301 13.05 -11.62 47.03
N MET D 302 12.95 -11.79 45.71
CA MET D 302 11.67 -11.91 45.03
C MET D 302 10.91 -13.11 45.58
N PRO D 303 9.62 -12.97 45.92
CA PRO D 303 8.90 -14.01 46.68
C PRO D 303 8.82 -15.37 46.01
N ASP D 304 8.74 -15.39 44.69
CA ASP D 304 8.67 -16.65 43.95
C ASP D 304 9.94 -17.46 44.14
N ILE D 305 11.07 -16.79 44.24
CA ILE D 305 12.36 -17.46 44.43
C ILE D 305 12.44 -18.07 45.82
N LEU D 306 12.07 -17.28 46.84
CA LEU D 306 12.04 -17.75 48.22
C LEU D 306 11.09 -18.93 48.36
N LEU D 307 9.95 -18.84 47.68
CA LEU D 307 8.93 -19.87 47.69
C LEU D 307 9.47 -21.16 47.09
N GLU D 308 10.09 -21.05 45.91
CA GLU D 308 10.71 -22.17 45.19
C GLU D 308 11.70 -22.94 46.04
N LEU D 309 12.39 -22.27 46.97
CA LEU D 309 13.45 -22.93 47.70
C LEU D 309 12.97 -23.53 49.01
N GLY D 310 11.68 -23.45 49.32
CA GLY D 310 11.16 -24.05 50.54
C GLY D 310 11.55 -23.36 51.82
N GLN D 311 12.01 -22.12 51.75
CA GLN D 311 12.45 -21.39 52.94
C GLN D 311 11.29 -20.60 53.52
N PHE D 312 10.38 -21.32 54.18
CA PHE D 312 9.23 -20.69 54.81
C PHE D 312 8.71 -21.61 55.91
N LYS D 313 7.80 -21.05 56.71
CA LYS D 313 7.20 -21.80 57.81
C LYS D 313 6.40 -22.98 57.29
N LYS D 314 6.76 -24.17 57.77
CA LYS D 314 6.14 -25.42 57.39
C LYS D 314 4.93 -25.70 58.28
N THR D 315 3.74 -25.31 57.84
CA THR D 315 2.56 -25.46 58.69
C THR D 315 1.34 -25.69 57.81
N GLN D 316 0.20 -25.88 58.46
CA GLN D 316 -1.05 -26.12 57.75
C GLN D 316 -1.66 -24.80 57.30
N ILE D 317 -2.29 -24.82 56.12
CA ILE D 317 -2.98 -23.65 55.61
C ILE D 317 -4.40 -23.99 55.17
N LEU D 318 -5.24 -22.96 55.24
CA LEU D 318 -6.62 -23.01 54.78
C LEU D 318 -6.83 -21.87 53.81
N VAL D 319 -7.25 -22.19 52.60
CA VAL D 319 -7.35 -21.24 51.50
C VAL D 319 -8.70 -21.36 50.81
N GLY D 320 -9.28 -20.22 50.44
CA GLY D 320 -10.47 -20.35 49.60
C GLY D 320 -10.87 -19.07 48.90
N VAL D 321 -11.86 -19.22 48.02
CA VAL D 321 -12.38 -18.12 47.21
C VAL D 321 -13.89 -18.16 47.07
N ASN D 322 -14.45 -17.02 46.69
CA ASN D 322 -15.87 -16.87 46.37
C ASN D 322 -16.08 -17.10 44.89
N LYS D 323 -17.32 -17.48 44.55
CA LYS D 323 -17.66 -17.80 43.16
C LYS D 323 -17.50 -16.62 42.20
N ASP D 324 -17.88 -15.41 42.61
CA ASP D 324 -17.84 -14.28 41.68
C ASP D 324 -16.94 -13.14 42.16
N GLU D 325 -15.67 -13.46 42.34
CA GLU D 325 -14.64 -12.54 42.82
C GLU D 325 -14.49 -11.30 41.94
N GLY D 326 -14.72 -11.41 40.64
CA GLY D 326 -14.39 -10.34 39.71
C GLY D 326 -15.44 -9.29 39.46
N THR D 327 -16.68 -9.55 39.89
CA THR D 327 -17.81 -8.71 39.52
C THR D 327 -17.72 -7.29 40.07
N ALA D 328 -17.14 -7.11 41.24
CA ALA D 328 -17.08 -5.80 41.89
C ALA D 328 -16.40 -4.69 41.06
N PHE D 329 -15.43 -5.03 40.22
CA PHE D 329 -14.62 -3.95 39.62
C PHE D 329 -15.15 -3.34 38.33
N LEU D 330 -16.03 -4.02 37.59
CA LEU D 330 -16.51 -3.50 36.31
C LEU D 330 -17.33 -2.24 36.49
N VAL D 331 -18.08 -2.12 37.58
CA VAL D 331 -18.91 -0.95 37.82
C VAL D 331 -18.10 0.24 38.29
N TYR D 332 -16.77 0.11 38.41
CA TYR D 332 -15.91 1.18 38.87
C TYR D 332 -15.06 1.79 37.75
N GLY D 333 -15.49 1.64 36.50
CA GLY D 333 -14.74 2.25 35.41
C GLY D 333 -15.11 1.81 34.01
N ALA D 334 -15.52 0.57 33.83
CA ALA D 334 -15.84 0.07 32.50
C ALA D 334 -17.15 0.66 32.00
N PRO D 335 -17.20 1.17 30.77
CA PRO D 335 -18.44 1.73 30.22
C PRO D 335 -19.49 0.67 29.99
N GLY D 336 -20.74 1.03 30.27
CA GLY D 336 -21.85 0.14 30.08
C GLY D 336 -22.33 -0.54 31.34
N PHE D 337 -21.49 -0.62 32.37
CA PHE D 337 -21.91 -1.36 33.54
C PHE D 337 -22.54 -0.42 34.55
N SER D 338 -23.53 -0.95 35.26
CA SER D 338 -24.29 -0.17 36.22
C SER D 338 -25.03 -1.13 37.14
N LYS D 339 -25.10 -0.77 38.43
CA LYS D 339 -25.84 -1.62 39.38
C LYS D 339 -27.35 -1.49 39.22
N ASP D 340 -27.81 -0.58 38.37
CA ASP D 340 -29.23 -0.39 38.07
C ASP D 340 -29.53 -0.80 36.63
N ASN D 341 -28.58 -1.48 35.99
CA ASN D 341 -28.69 -2.01 34.64
C ASN D 341 -28.58 -3.52 34.68
N ASN D 342 -28.97 -4.16 33.58
CA ASN D 342 -28.65 -5.56 33.40
C ASN D 342 -27.30 -5.77 32.72
N SER D 343 -26.66 -4.66 32.31
CA SER D 343 -25.26 -4.58 31.86
C SER D 343 -24.94 -5.54 30.70
N ILE D 344 -25.90 -5.71 29.79
CA ILE D 344 -25.62 -6.39 28.53
C ILE D 344 -24.65 -5.56 27.69
N ILE D 345 -23.49 -6.12 27.37
CA ILE D 345 -22.50 -5.40 26.59
C ILE D 345 -22.23 -6.13 25.28
N THR D 346 -21.62 -5.41 24.36
CA THR D 346 -21.28 -5.94 23.06
C THR D 346 -19.86 -6.47 23.05
N ARG D 347 -19.46 -7.01 21.90
CA ARG D 347 -18.09 -7.45 21.71
C ARG D 347 -17.12 -6.28 21.79
N LYS D 348 -17.49 -5.13 21.22
CA LYS D 348 -16.59 -3.99 21.24
C LYS D 348 -16.49 -3.41 22.64
N GLU D 349 -17.58 -3.46 23.41
CA GLU D 349 -17.55 -2.99 24.78
C GLU D 349 -16.68 -3.92 25.62
N PHE D 350 -16.83 -5.21 25.40
CA PHE D 350 -15.96 -6.22 25.99
C PHE D 350 -14.49 -5.93 25.71
N GLN D 351 -14.15 -5.73 24.44
CA GLN D 351 -12.77 -5.42 24.04
C GLN D 351 -12.25 -4.13 24.67
N GLU D 352 -13.13 -3.16 24.87
CA GLU D 352 -12.70 -1.93 25.52
C GLU D 352 -12.46 -2.17 27.00
N GLY D 353 -13.31 -3.00 27.62
CA GLY D 353 -13.09 -3.42 29.00
C GLY D 353 -11.75 -4.12 29.14
N LEU D 354 -11.43 -4.99 28.18
CA LEU D 354 -10.15 -5.68 28.14
C LEU D 354 -9.01 -4.67 28.11
N LYS D 355 -9.17 -3.61 27.32
CA LYS D 355 -8.13 -2.59 27.26
C LYS D 355 -8.02 -1.82 28.57
N ILE D 356 -9.14 -1.68 29.29
CA ILE D 356 -9.13 -1.01 30.59
C ILE D 356 -8.38 -1.83 31.63
N PHE D 357 -8.68 -3.12 31.69
CA PHE D 357 -8.08 -3.93 32.74
C PHE D 357 -6.72 -4.45 32.35
N PHE D 358 -6.38 -4.40 31.08
CA PHE D 358 -5.07 -4.86 30.61
C PHE D 358 -4.42 -3.83 29.70
N PRO D 359 -4.09 -2.64 30.23
CA PRO D 359 -3.64 -1.53 29.39
C PRO D 359 -2.39 -1.80 28.56
N GLY D 360 -1.39 -2.44 29.16
CA GLY D 360 -0.10 -2.65 28.57
C GLY D 360 0.10 -3.93 27.80
N VAL D 361 -0.93 -4.72 27.65
CA VAL D 361 -0.81 -6.03 27.02
C VAL D 361 -0.93 -5.86 25.51
N SER D 362 -0.08 -6.60 24.80
CA SER D 362 -0.05 -6.59 23.35
C SER D 362 -1.39 -7.02 22.74
N GLU D 363 -1.52 -6.70 21.46
CA GLU D 363 -2.73 -6.92 20.69
C GLU D 363 -3.05 -8.40 20.58
N PHE D 364 -2.01 -9.23 20.50
CA PHE D 364 -2.21 -10.67 20.37
C PHE D 364 -2.67 -11.25 21.68
N GLY D 365 -2.25 -10.62 22.78
CA GLY D 365 -2.73 -11.03 24.08
C GLY D 365 -4.22 -10.80 24.19
N LYS D 366 -4.70 -9.68 23.66
CA LYS D 366 -6.11 -9.38 23.77
C LYS D 366 -6.90 -10.31 22.88
N GLU D 367 -6.40 -10.54 21.67
CA GLU D 367 -7.03 -11.48 20.76
C GLU D 367 -7.10 -12.88 21.36
N SER D 368 -6.04 -13.28 22.06
CA SER D 368 -6.06 -14.62 22.65
C SER D 368 -6.89 -14.78 23.90
N ILE D 369 -6.96 -13.77 24.76
CA ILE D 369 -7.92 -13.84 25.86
C ILE D 369 -9.33 -13.86 25.33
N LEU D 370 -9.60 -13.02 24.31
CA LEU D 370 -10.91 -13.00 23.69
C LEU D 370 -11.26 -14.36 23.10
N PHE D 371 -10.35 -14.94 22.32
CA PHE D 371 -10.58 -16.25 21.74
C PHE D 371 -10.79 -17.30 22.81
N HIS D 372 -9.95 -17.28 23.83
CA HIS D 372 -9.96 -18.29 24.87
C HIS D 372 -11.22 -18.24 25.71
N TYR D 373 -11.87 -17.08 25.79
CA TYR D 373 -13.01 -16.95 26.67
C TYR D 373 -14.35 -16.96 25.96
N THR D 374 -14.39 -17.32 24.68
CA THR D 374 -15.62 -17.26 23.90
C THR D 374 -16.02 -18.62 23.34
N ASP D 375 -15.42 -19.70 23.82
CA ASP D 375 -15.82 -21.06 23.47
C ASP D 375 -17.15 -21.35 24.15
N TRP D 376 -18.23 -20.86 23.52
CA TRP D 376 -19.55 -20.85 24.13
C TRP D 376 -20.10 -22.25 24.29
N VAL D 377 -20.69 -22.51 25.46
CA VAL D 377 -21.53 -23.69 25.62
C VAL D 377 -22.75 -23.58 24.73
N ASP D 378 -23.41 -22.42 24.80
CA ASP D 378 -24.64 -22.11 24.09
C ASP D 378 -24.52 -20.67 23.60
N ASP D 379 -24.92 -20.43 22.35
CA ASP D 379 -25.01 -19.07 21.85
C ASP D 379 -26.39 -18.88 21.21
N GLN D 380 -26.82 -17.64 20.87
CA GLN D 380 -26.22 -16.30 21.05
C GLN D 380 -26.07 -15.85 22.50
N ARG D 381 -26.96 -16.35 23.37
CA ARG D 381 -27.11 -16.15 24.83
C ARG D 381 -26.57 -14.83 25.37
N PRO D 382 -27.40 -13.76 25.42
CA PRO D 382 -26.95 -12.36 25.60
C PRO D 382 -25.96 -12.08 26.72
N GLU D 383 -25.99 -12.83 27.81
CA GLU D 383 -25.20 -12.55 28.99
C GLU D 383 -23.78 -13.07 28.88
N ASN D 384 -23.42 -13.67 27.74
CA ASN D 384 -22.10 -14.24 27.51
C ASN D 384 -20.93 -13.31 27.79
N TYR D 385 -20.92 -12.13 27.16
CA TYR D 385 -19.73 -11.26 27.24
C TYR D 385 -19.54 -10.67 28.63
N ARG D 386 -20.64 -10.28 29.27
CA ARG D 386 -20.61 -9.70 30.61
C ARG D 386 -19.98 -10.63 31.63
N GLU D 387 -20.47 -11.87 31.68
CA GLU D 387 -19.94 -12.85 32.61
C GLU D 387 -18.51 -13.17 32.28
N ALA D 388 -18.22 -13.21 30.97
CA ALA D 388 -16.88 -13.51 30.49
C ALA D 388 -15.89 -12.50 31.01
N LEU D 389 -16.24 -11.21 30.96
CA LEU D 389 -15.27 -10.21 31.37
C LEU D 389 -15.03 -10.30 32.86
N GLY D 390 -16.10 -10.58 33.62
CA GLY D 390 -15.95 -10.77 35.04
C GLY D 390 -15.12 -12.00 35.31
N ASP D 391 -15.40 -13.03 34.52
CA ASP D 391 -14.68 -14.29 34.64
C ASP D 391 -13.23 -14.08 34.27
N VAL D 392 -12.97 -13.22 33.28
CA VAL D 392 -11.59 -12.94 32.91
C VAL D 392 -10.80 -12.33 34.05
N VAL D 393 -11.33 -11.26 34.67
CA VAL D 393 -10.56 -10.53 35.69
C VAL D 393 -10.26 -11.40 36.91
N GLY D 394 -11.29 -12.09 37.42
CA GLY D 394 -11.11 -12.99 38.54
C GLY D 394 -10.10 -14.08 38.25
N ASP D 395 -10.22 -14.71 37.07
CA ASP D 395 -9.30 -15.78 36.68
C ASP D 395 -7.89 -15.24 36.62
N TYR D 396 -7.74 -14.03 36.07
CA TYR D 396 -6.42 -13.47 35.91
C TYR D 396 -5.89 -13.04 37.25
N ASN D 397 -6.76 -12.47 38.06
CA ASN D 397 -6.27 -11.93 39.30
C ASN D 397 -6.29 -12.89 40.46
N PHE D 398 -7.17 -13.89 40.48
CA PHE D 398 -7.24 -14.57 41.76
C PHE D 398 -7.07 -16.06 41.94
N ILE D 399 -7.94 -16.86 41.33
CA ILE D 399 -8.02 -18.27 41.71
C ILE D 399 -6.77 -19.07 41.36
N CYS D 400 -6.32 -19.05 40.11
CA CYS D 400 -5.14 -19.83 39.76
C CYS D 400 -3.84 -19.45 40.46
N PRO D 401 -3.49 -18.16 40.66
CA PRO D 401 -2.32 -17.92 41.50
C PRO D 401 -2.48 -18.47 42.90
N ALA D 402 -3.66 -18.29 43.51
CA ALA D 402 -3.91 -18.89 44.82
C ALA D 402 -3.74 -20.40 44.80
N LEU D 403 -4.22 -21.06 43.74
CA LEU D 403 -4.08 -22.51 43.61
C LEU D 403 -2.65 -22.92 43.37
N GLU D 404 -1.91 -22.16 42.56
CA GLU D 404 -0.53 -22.50 42.26
C GLU D 404 0.30 -22.36 43.52
N PHE D 405 -0.03 -21.35 44.32
CA PHE D 405 0.60 -21.17 45.62
C PHE D 405 0.33 -22.40 46.48
N THR D 406 -0.92 -22.83 46.54
CA THR D 406 -1.27 -24.01 47.33
C THR D 406 -0.52 -25.24 46.84
N LYS D 407 -0.56 -25.47 45.53
CA LYS D 407 0.20 -26.53 44.87
C LYS D 407 1.65 -26.54 45.27
N LYS D 408 2.30 -25.38 45.19
CA LYS D 408 3.73 -25.30 45.42
C LYS D 408 4.03 -25.43 46.90
N PHE D 409 3.12 -24.94 47.74
CA PHE D 409 3.27 -25.07 49.18
C PHE D 409 3.12 -26.52 49.57
N SER D 410 2.14 -27.20 48.99
CA SER D 410 1.88 -28.59 49.29
C SER D 410 2.98 -29.50 48.75
N GLU D 411 3.76 -29.02 47.76
CA GLU D 411 4.84 -29.85 47.25
C GLU D 411 5.94 -30.06 48.28
N TRP D 412 5.96 -29.22 49.31
CA TRP D 412 6.94 -29.35 50.37
C TRP D 412 6.39 -30.14 51.53
N GLY D 413 5.17 -30.68 51.41
CA GLY D 413 4.70 -31.69 52.33
C GLY D 413 3.66 -31.25 53.35
N ASN D 414 3.19 -30.00 53.33
CA ASN D 414 2.20 -29.61 54.32
C ASN D 414 0.76 -29.67 53.80
N ASN D 415 -0.16 -29.88 54.74
CA ASN D 415 -1.58 -30.00 54.46
C ASN D 415 -2.21 -28.67 54.09
N ALA D 416 -2.89 -28.63 52.95
CA ALA D 416 -3.63 -27.45 52.51
C ALA D 416 -5.09 -27.79 52.26
N PHE D 417 -6.01 -26.90 52.65
CA PHE D 417 -7.42 -27.17 52.41
C PHE D 417 -8.05 -25.99 51.70
N PHE D 418 -8.74 -26.25 50.59
CA PHE D 418 -9.32 -25.19 49.75
C PHE D 418 -10.84 -25.26 49.69
N TYR D 419 -11.47 -24.10 49.83
CA TYR D 419 -12.91 -24.02 49.69
C TYR D 419 -13.31 -23.10 48.53
N TYR D 420 -14.53 -23.35 48.04
CA TYR D 420 -15.17 -22.54 47.00
C TYR D 420 -16.59 -22.15 47.44
N PHE D 421 -16.75 -20.91 47.88
CA PHE D 421 -18.01 -20.43 48.42
C PHE D 421 -18.95 -20.05 47.29
N GLU D 422 -20.14 -20.69 47.25
CA GLU D 422 -21.04 -20.61 46.11
C GLU D 422 -22.44 -20.10 46.44
N HIS D 423 -22.67 -19.58 47.63
CA HIS D 423 -24.01 -19.16 48.02
C HIS D 423 -24.14 -17.65 47.88
N ARG D 424 -25.23 -17.21 47.26
CA ARG D 424 -25.51 -15.79 47.15
C ARG D 424 -26.45 -15.35 48.27
N SER D 425 -25.93 -14.44 49.11
CA SER D 425 -26.64 -13.88 50.27
C SER D 425 -28.01 -13.30 49.92
N SER D 426 -29.00 -13.62 50.76
CA SER D 426 -30.38 -13.16 50.61
C SER D 426 -30.56 -11.67 50.87
N LYS D 427 -29.57 -11.00 51.46
CA LYS D 427 -29.63 -9.59 51.79
C LYS D 427 -28.76 -8.70 50.90
N LEU D 428 -28.13 -9.26 49.89
CA LEU D 428 -27.33 -8.52 48.93
C LEU D 428 -28.06 -7.35 48.27
N PRO D 429 -27.57 -6.12 48.44
CA PRO D 429 -28.26 -4.95 47.87
C PRO D 429 -27.94 -4.74 46.41
N TRP D 430 -26.82 -5.27 45.94
CA TRP D 430 -26.42 -5.23 44.55
C TRP D 430 -27.30 -6.15 43.71
N PRO D 431 -27.42 -5.89 42.40
CA PRO D 431 -28.28 -6.72 41.54
C PRO D 431 -27.87 -8.19 41.48
N GLU D 432 -28.76 -8.98 40.87
CA GLU D 432 -28.58 -10.42 40.78
C GLU D 432 -27.37 -10.80 39.92
N TRP D 433 -27.14 -10.05 38.84
CA TRP D 433 -26.08 -10.40 37.88
C TRP D 433 -24.68 -10.37 38.48
N MET D 434 -24.49 -9.75 39.64
CA MET D 434 -23.17 -9.67 40.24
C MET D 434 -22.86 -10.85 41.14
N GLY D 435 -23.86 -11.70 41.41
CA GLY D 435 -23.68 -12.99 42.08
C GLY D 435 -23.03 -12.93 43.45
N VAL D 436 -22.16 -13.92 43.71
CA VAL D 436 -21.49 -14.08 45.01
C VAL D 436 -20.25 -13.20 44.97
N MET D 437 -20.40 -11.95 45.39
CA MET D 437 -19.37 -10.98 45.10
C MET D 437 -18.17 -11.11 46.03
N HIS D 438 -17.04 -10.61 45.51
CA HIS D 438 -15.83 -10.33 46.28
C HIS D 438 -16.10 -9.60 47.59
N GLY D 439 -15.54 -10.11 48.68
CA GLY D 439 -15.71 -9.49 49.98
C GLY D 439 -17.02 -9.76 50.67
N TYR D 440 -17.99 -10.39 50.03
CA TYR D 440 -19.31 -10.57 50.63
C TYR D 440 -19.48 -11.96 51.23
N GLU D 441 -18.38 -12.66 51.43
CA GLU D 441 -18.37 -13.85 52.27
C GLU D 441 -17.98 -13.55 53.70
N ILE D 442 -17.33 -12.40 53.95
CA ILE D 442 -16.77 -12.07 55.25
C ILE D 442 -17.85 -12.04 56.33
N GLU D 443 -19.01 -11.46 56.03
CA GLU D 443 -20.13 -11.45 56.96
C GLU D 443 -20.55 -12.85 57.36
N PHE D 444 -20.34 -13.82 56.47
CA PHE D 444 -20.62 -15.21 56.77
C PHE D 444 -19.48 -15.76 57.62
N VAL D 445 -18.25 -15.37 57.27
CA VAL D 445 -17.06 -15.70 58.05
C VAL D 445 -17.22 -15.20 59.48
N PHE D 446 -17.84 -14.05 59.66
CA PHE D 446 -18.00 -13.45 60.98
C PHE D 446 -19.28 -13.88 61.67
N GLY D 447 -20.15 -14.65 61.00
CA GLY D 447 -21.23 -15.31 61.69
C GLY D 447 -22.54 -14.56 61.79
N LEU D 448 -22.69 -13.46 61.05
CA LEU D 448 -23.94 -12.68 61.05
C LEU D 448 -25.22 -13.46 60.79
N PRO D 449 -25.31 -14.50 59.93
CA PRO D 449 -26.61 -15.19 59.81
C PRO D 449 -27.01 -16.02 61.02
N LEU D 450 -26.16 -16.15 62.06
CA LEU D 450 -26.61 -16.87 63.24
C LEU D 450 -27.57 -16.02 64.06
N GLU D 451 -27.56 -14.71 63.82
CA GLU D 451 -28.39 -13.72 64.51
C GLU D 451 -29.75 -13.65 63.83
N ARG D 452 -30.78 -14.20 64.48
CA ARG D 452 -32.08 -14.32 63.83
C ARG D 452 -32.72 -12.97 63.53
N ARG D 453 -32.37 -11.91 64.29
CA ARG D 453 -32.84 -10.55 64.06
C ARG D 453 -32.23 -9.87 62.81
N ASP D 454 -31.52 -10.56 61.93
CA ASP D 454 -30.70 -9.91 60.91
C ASP D 454 -31.30 -10.12 59.52
N ASN D 455 -32.45 -10.78 59.42
CA ASN D 455 -33.21 -11.03 58.19
C ASN D 455 -32.52 -12.01 57.24
N TYR D 456 -31.56 -12.78 57.74
CA TYR D 456 -31.02 -13.88 56.96
C TYR D 456 -31.96 -15.09 57.02
N THR D 457 -31.79 -15.99 56.07
CA THR D 457 -32.57 -17.21 56.06
C THR D 457 -32.00 -18.26 57.02
N LYS D 458 -32.88 -19.18 57.42
CA LYS D 458 -32.50 -20.36 58.21
C LYS D 458 -31.34 -21.12 57.59
N ALA D 459 -31.39 -21.32 56.27
CA ALA D 459 -30.33 -21.99 55.53
C ALA D 459 -29.01 -21.25 55.65
N GLU D 460 -29.04 -19.92 55.74
CA GLU D 460 -27.82 -19.15 55.89
C GLU D 460 -27.26 -19.31 57.30
N GLU D 461 -28.14 -19.41 58.30
CA GLU D 461 -27.71 -19.74 59.66
C GLU D 461 -27.03 -21.10 59.70
N ILE D 462 -27.63 -22.11 59.04
CA ILE D 462 -27.09 -23.45 59.00
C ILE D 462 -25.71 -23.47 58.34
N LEU D 463 -25.61 -22.80 57.18
CA LEU D 463 -24.33 -22.65 56.49
C LEU D 463 -23.27 -22.00 57.36
N SER D 464 -23.64 -20.90 58.04
CA SER D 464 -22.66 -20.17 58.82
C SER D 464 -22.20 -20.96 60.03
N ARG D 465 -23.13 -21.71 60.63
CA ARG D 465 -22.77 -22.65 61.69
C ARG D 465 -21.79 -23.70 61.20
N SER D 466 -21.99 -24.19 59.97
CA SER D 466 -21.13 -25.28 59.50
C SER D 466 -19.72 -24.81 59.15
N ILE D 467 -19.60 -23.66 58.49
CA ILE D 467 -18.28 -23.12 58.18
C ILE D 467 -17.55 -22.67 59.44
N VAL D 468 -18.27 -22.06 60.40
CA VAL D 468 -17.67 -21.67 61.67
C VAL D 468 -17.18 -22.89 62.46
N LYS D 469 -17.96 -23.99 62.46
CA LYS D 469 -17.55 -25.21 63.15
C LYS D 469 -16.29 -25.80 62.54
N ARG D 470 -16.25 -25.89 61.20
CA ARG D 470 -15.08 -26.47 60.53
C ARG D 470 -13.86 -25.58 60.71
N TRP D 471 -14.04 -24.26 60.63
CA TRP D 471 -12.99 -23.28 60.87
C TRP D 471 -12.40 -23.42 62.26
N ALA D 472 -13.25 -23.47 63.27
CA ALA D 472 -12.81 -23.61 64.64
C ALA D 472 -12.04 -24.91 64.85
N ASN D 473 -12.57 -26.01 64.29
CA ASN D 473 -11.84 -27.27 64.29
C ASN D 473 -10.49 -27.19 63.60
N PHE D 474 -10.41 -26.50 62.45
CA PHE D 474 -9.12 -26.30 61.81
C PHE D 474 -8.16 -25.53 62.70
N ALA D 475 -8.67 -24.49 63.36
CA ALA D 475 -7.84 -23.65 64.22
C ALA D 475 -7.29 -24.47 65.37
N LYS D 476 -8.17 -25.18 66.07
CA LYS D 476 -7.79 -26.00 67.21
C LYS D 476 -6.89 -27.16 66.82
N TYR D 477 -7.19 -27.83 65.70
CA TYR D 477 -6.55 -29.10 65.40
C TYR D 477 -5.79 -29.19 64.09
N GLY D 478 -5.85 -28.17 63.23
CA GLY D 478 -5.20 -28.30 61.94
C GLY D 478 -5.98 -29.13 60.94
N ASN D 479 -7.22 -29.48 61.26
CA ASN D 479 -8.06 -30.31 60.42
C ASN D 479 -9.44 -29.66 60.42
N PRO D 480 -9.97 -29.24 59.27
CA PRO D 480 -11.26 -28.55 59.25
C PRO D 480 -12.44 -29.51 59.14
N ASN D 481 -12.50 -30.48 60.04
CA ASN D 481 -13.63 -31.38 60.13
C ASN D 481 -14.80 -30.67 60.80
N GLU D 482 -15.99 -31.24 60.67
CA GLU D 482 -17.17 -30.71 61.34
C GLU D 482 -17.60 -31.66 62.45
N THR D 483 -18.16 -32.80 62.10
CA THR D 483 -18.42 -33.88 63.05
C THR D 483 -17.94 -35.18 62.44
N GLN D 484 -17.69 -36.16 63.29
CA GLN D 484 -17.59 -37.54 62.82
C GLN D 484 -19.00 -38.09 62.70
N ASN D 485 -19.29 -38.77 61.57
CA ASN D 485 -20.59 -39.36 61.19
C ASN D 485 -21.56 -38.32 60.63
N ASN D 486 -22.13 -38.62 59.45
CA ASN D 486 -23.07 -37.79 58.67
C ASN D 486 -22.51 -36.42 58.25
N SER D 487 -21.19 -36.27 58.20
CA SER D 487 -20.55 -35.02 57.82
C SER D 487 -19.59 -35.32 56.68
N THR D 488 -19.62 -34.46 55.66
CA THR D 488 -18.65 -34.54 54.58
C THR D 488 -17.24 -34.22 55.05
N SER D 489 -16.33 -35.17 54.85
CA SER D 489 -14.92 -34.98 55.19
C SER D 489 -14.26 -34.05 54.19
N TRP D 490 -13.40 -33.17 54.71
CA TRP D 490 -12.64 -32.25 53.89
C TRP D 490 -11.26 -32.84 53.66
N PRO D 491 -10.98 -33.38 52.48
CA PRO D 491 -9.68 -33.98 52.22
C PRO D 491 -8.62 -32.93 51.96
N VAL D 492 -7.36 -33.36 52.07
CA VAL D 492 -6.24 -32.47 51.83
C VAL D 492 -6.16 -32.16 50.34
N PHE D 493 -5.63 -30.99 50.02
CA PHE D 493 -5.39 -30.60 48.64
C PHE D 493 -4.03 -31.14 48.24
N LYS D 494 -4.03 -32.08 47.30
CA LYS D 494 -2.80 -32.65 46.80
C LYS D 494 -2.66 -32.29 45.34
N SER D 495 -1.42 -32.07 44.91
CA SER D 495 -1.13 -31.57 43.57
C SER D 495 -1.60 -32.52 42.47
N THR D 496 -1.73 -33.80 42.78
CA THR D 496 -2.28 -34.77 41.86
C THR D 496 -3.80 -34.64 41.71
N GLU D 497 -4.54 -34.93 42.79
CA GLU D 497 -6.00 -34.93 42.69
C GLU D 497 -6.62 -33.54 42.71
N GLN D 498 -6.03 -32.60 43.44
CA GLN D 498 -6.51 -31.21 43.56
C GLN D 498 -7.98 -31.13 43.95
N LYS D 499 -8.32 -31.92 44.95
CA LYS D 499 -9.66 -31.90 45.51
C LYS D 499 -9.92 -30.59 46.26
N TYR D 500 -11.13 -30.06 46.12
CA TYR D 500 -11.58 -28.91 46.87
C TYR D 500 -13.02 -29.13 47.30
N LEU D 501 -13.48 -28.28 48.21
CA LEU D 501 -14.81 -28.37 48.78
C LEU D 501 -15.70 -27.22 48.31
N THR D 502 -16.87 -27.57 47.82
CA THR D 502 -17.85 -26.59 47.41
C THR D 502 -18.62 -26.12 48.64
N LEU D 503 -18.94 -24.84 48.69
CA LEU D 503 -19.65 -24.26 49.81
C LEU D 503 -20.94 -23.57 49.38
N ASN D 504 -22.07 -24.15 49.77
CA ASN D 504 -23.38 -23.55 49.51
C ASN D 504 -24.38 -24.17 50.48
N THR D 505 -25.63 -23.71 50.39
CA THR D 505 -26.63 -24.13 51.36
C THR D 505 -27.32 -25.43 51.00
N GLU D 506 -27.37 -25.76 49.71
CA GLU D 506 -27.97 -26.98 49.22
C GLU D 506 -27.16 -28.19 49.71
N SER D 507 -25.94 -28.34 49.19
CA SER D 507 -25.09 -29.44 49.61
C SER D 507 -23.64 -29.11 49.30
N THR D 508 -22.78 -29.40 50.27
CA THR D 508 -21.35 -29.23 50.11
C THR D 508 -20.77 -30.54 49.59
N ARG D 509 -19.91 -30.46 48.59
CA ARG D 509 -19.36 -31.66 47.98
C ARG D 509 -17.94 -31.39 47.48
N ILE D 510 -17.25 -32.47 47.17
CA ILE D 510 -15.85 -32.44 46.78
C ILE D 510 -15.76 -32.47 45.27
N MET D 511 -15.04 -31.52 44.69
CA MET D 511 -14.84 -31.48 43.25
C MET D 511 -13.33 -31.32 43.02
N THR D 512 -12.87 -31.37 41.77
CA THR D 512 -11.45 -31.29 41.49
C THR D 512 -11.20 -30.28 40.37
N LYS D 513 -10.05 -29.61 40.46
CA LYS D 513 -9.46 -28.75 39.42
C LYS D 513 -10.44 -27.71 38.87
N LEU D 514 -10.90 -26.84 39.76
CA LEU D 514 -11.82 -25.77 39.40
C LEU D 514 -11.23 -24.89 38.31
N ARG D 515 -11.95 -24.76 37.18
CA ARG D 515 -11.58 -23.96 36.00
C ARG D 515 -10.12 -24.09 35.60
N ALA D 516 -9.62 -25.33 35.68
CA ALA D 516 -8.21 -25.65 35.48
C ALA D 516 -7.70 -25.22 34.10
N GLN D 517 -8.55 -25.29 33.09
CA GLN D 517 -8.12 -24.95 31.74
C GLN D 517 -7.93 -23.46 31.56
N GLN D 518 -8.81 -22.67 32.15
CA GLN D 518 -8.65 -21.21 32.09
C GLN D 518 -7.48 -20.74 32.92
N CYS D 519 -7.33 -21.30 34.12
CA CYS D 519 -6.25 -20.80 34.95
C CYS D 519 -4.93 -21.29 34.41
N ARG D 520 -4.97 -22.48 33.79
CA ARG D 520 -3.83 -23.02 33.07
C ARG D 520 -3.38 -22.07 31.99
N PHE D 521 -4.35 -21.42 31.34
CA PHE D 521 -4.04 -20.44 30.32
C PHE D 521 -3.33 -19.27 30.94
N TRP D 522 -3.79 -18.83 32.10
CA TRP D 522 -3.20 -17.62 32.69
C TRP D 522 -1.84 -17.87 33.30
N THR D 523 -1.55 -19.07 33.76
CA THR D 523 -0.23 -19.31 34.36
C THR D 523 0.79 -19.85 33.39
N SER D 524 0.37 -20.55 32.36
CA SER D 524 1.32 -21.25 31.52
C SER D 524 1.33 -20.75 30.10
N PHE D 525 0.40 -19.90 29.70
CA PHE D 525 0.47 -19.30 28.38
C PHE D 525 0.65 -17.80 28.47
N PHE D 526 -0.25 -17.13 29.21
CA PHE D 526 -0.22 -15.69 29.40
C PHE D 526 1.15 -15.10 29.75
N PRO D 527 1.99 -15.68 30.64
CA PRO D 527 3.33 -15.10 30.86
C PRO D 527 4.14 -14.99 29.59
N LYS D 528 4.02 -15.98 28.72
CA LYS D 528 4.77 -16.01 27.48
C LYS D 528 4.25 -15.04 26.45
N VAL D 529 3.15 -14.34 26.73
CA VAL D 529 2.57 -13.45 25.75
C VAL D 529 3.17 -12.05 25.85
N LEU D 530 3.55 -11.61 27.05
CA LEU D 530 4.29 -10.36 27.16
C LEU D 530 5.69 -10.46 26.57
N GLU D 531 6.19 -11.66 26.34
CA GLU D 531 7.47 -11.84 25.65
C GLU D 531 7.36 -11.68 24.14
N MET D 532 6.19 -11.29 23.62
CA MET D 532 6.00 -11.11 22.19
C MET D 532 6.93 -10.05 21.63
N THR D 533 6.90 -8.84 22.22
CA THR D 533 7.79 -7.68 22.05
C THR D 533 8.06 -7.27 20.60
N GLY D 534 7.30 -7.79 19.64
CA GLY D 534 7.55 -7.48 18.27
C GLY D 534 6.69 -6.33 17.79
N ASN D 535 7.24 -5.12 17.84
CA ASN D 535 6.59 -3.98 17.22
C ASN D 535 6.96 -4.00 15.74
N ILE D 536 5.96 -4.17 14.90
CA ILE D 536 6.19 -4.33 13.47
C ILE D 536 5.76 -3.01 12.84
N ASP D 537 5.95 -2.87 11.53
CA ASP D 537 5.58 -1.66 10.80
C ASP D 537 4.10 -1.33 10.91
N GLU D 538 3.26 -2.37 11.15
CA GLU D 538 1.82 -2.30 11.45
C GLU D 538 1.02 -1.95 10.21
N ALA D 539 1.71 -1.61 9.13
CA ALA D 539 1.05 -1.17 7.91
C ALA D 539 0.48 -2.35 7.14
N GLU D 540 1.18 -3.48 7.14
CA GLU D 540 0.59 -4.68 6.56
C GLU D 540 -0.50 -5.21 7.48
N TRP D 541 -0.38 -4.99 8.79
CA TRP D 541 -1.41 -5.38 9.72
C TRP D 541 -2.66 -4.55 9.53
N GLU D 542 -2.51 -3.22 9.47
CA GLU D 542 -3.64 -2.35 9.20
C GLU D 542 -4.15 -2.55 7.79
N TRP D 543 -3.27 -2.97 6.88
CA TRP D 543 -3.69 -3.29 5.52
C TRP D 543 -4.59 -4.51 5.52
N LYS D 544 -4.25 -5.53 6.30
CA LYS D 544 -5.13 -6.68 6.44
C LYS D 544 -6.43 -6.27 7.10
N ALA D 545 -6.36 -5.33 8.04
CA ALA D 545 -7.55 -4.84 8.74
C ALA D 545 -8.51 -4.17 7.76
N GLY D 546 -8.00 -3.29 6.91
CA GLY D 546 -8.82 -2.77 5.84
C GLY D 546 -9.11 -3.76 4.74
N PHE D 547 -8.30 -4.81 4.63
CA PHE D 547 -8.41 -5.72 3.52
C PHE D 547 -9.55 -6.70 3.72
N HIS D 548 -9.76 -7.11 4.96
CA HIS D 548 -10.87 -8.02 5.23
C HIS D 548 -12.20 -7.30 5.11
N ARG D 549 -12.24 -6.02 5.52
CA ARG D 549 -13.45 -5.26 5.28
C ARG D 549 -13.59 -4.93 3.81
N TRP D 550 -12.49 -4.85 3.08
CA TRP D 550 -12.58 -4.72 1.64
C TRP D 550 -13.19 -5.96 1.02
N ASN D 551 -12.83 -7.12 1.58
CA ASN D 551 -13.36 -8.39 1.10
C ASN D 551 -14.86 -8.47 1.32
N ASN D 552 -15.31 -8.18 2.54
CA ASN D 552 -16.73 -8.41 2.79
C ASN D 552 -17.60 -7.28 2.22
N TYR D 553 -17.08 -6.06 2.18
CA TYR D 553 -17.78 -5.00 1.47
C TYR D 553 -17.78 -5.27 -0.02
N MET D 554 -16.80 -6.01 -0.53
CA MET D 554 -16.88 -6.46 -1.91
C MET D 554 -17.90 -7.58 -2.07
N MET D 555 -18.05 -8.40 -1.04
CA MET D 555 -19.05 -9.46 -1.08
C MET D 555 -20.45 -8.88 -1.17
N ASP D 556 -20.67 -7.75 -0.50
CA ASP D 556 -22.00 -7.15 -0.40
C ASP D 556 -22.59 -6.74 -1.75
N TRP D 557 -21.75 -6.52 -2.75
CA TRP D 557 -22.21 -5.97 -4.02
C TRP D 557 -23.02 -6.97 -4.82
N LYS D 558 -22.42 -8.10 -5.13
CA LYS D 558 -23.09 -9.04 -6.02
C LYS D 558 -24.15 -9.86 -5.33
N ASN D 559 -24.40 -9.60 -4.05
CA ASN D 559 -25.56 -10.18 -3.38
C ASN D 559 -26.85 -9.76 -4.05
N GLN D 560 -26.91 -8.52 -4.51
CA GLN D 560 -28.10 -8.04 -5.18
C GLN D 560 -27.76 -7.36 -6.51
N PHE D 561 -26.48 -7.34 -6.91
CA PHE D 561 -26.17 -6.93 -8.27
C PHE D 561 -26.77 -7.90 -9.28
N ASN D 562 -26.71 -9.18 -8.97
CA ASN D 562 -27.37 -10.20 -9.79
C ASN D 562 -28.88 -10.01 -9.82
N ASP D 563 -29.46 -9.50 -8.75
CA ASP D 563 -30.90 -9.31 -8.73
C ASP D 563 -31.31 -8.06 -9.48
N TYR D 564 -30.55 -6.97 -9.32
CA TYR D 564 -30.86 -5.69 -9.98
C TYR D 564 -30.46 -5.84 -11.45
N THR D 565 -31.34 -6.48 -12.19
CA THR D 565 -31.08 -6.80 -13.59
C THR D 565 -32.36 -6.59 -14.40
N PRO E 1 -26.85 0.16 -5.51
CA PRO E 1 -26.01 1.10 -6.26
C PRO E 1 -24.73 0.45 -6.73
N PRO E 2 -23.99 1.13 -7.60
CA PRO E 2 -22.60 0.81 -7.79
C PRO E 2 -21.85 0.84 -6.47
N PRO E 3 -20.93 -0.09 -6.28
CA PRO E 3 -20.52 -0.46 -4.93
C PRO E 3 -19.44 0.46 -4.41
N PRO E 4 -19.08 0.33 -3.14
CA PRO E 4 -17.91 1.02 -2.60
C PRO E 4 -16.63 0.61 -3.32
N PRO E 5 -15.67 1.53 -3.43
CA PRO E 5 -14.45 1.26 -4.15
C PRO E 5 -13.44 0.54 -3.27
N PRO E 6 -12.39 -0.02 -3.86
CA PRO E 6 -11.35 -0.63 -3.07
C PRO E 6 -10.42 0.41 -2.49
N PRO E 7 -9.70 0.06 -1.44
CA PRO E 7 -8.60 0.88 -0.99
C PRO E 7 -7.27 0.33 -1.49
N PRO E 8 -6.36 1.21 -1.88
CA PRO E 8 -5.01 0.79 -2.30
C PRO E 8 -4.14 0.48 -1.09
N PRO E 9 -2.97 -0.14 -1.28
CA PRO E 9 -2.14 -0.45 -0.14
C PRO E 9 -1.11 0.63 0.12
N PRO E 10 -0.63 0.73 1.35
CA PRO E 10 0.67 1.34 1.57
C PRO E 10 1.77 0.29 1.53
N PRO E 11 2.67 0.37 0.56
CA PRO E 11 3.88 -0.47 0.60
C PRO E 11 5.05 0.30 1.18
N PRO E 12 6.05 -0.39 1.76
CA PRO E 12 7.21 0.29 2.34
C PRO E 12 8.44 0.32 1.43
C1 NAG F . -5.46 0.32 -40.69
C2 NAG F . -7.01 0.31 -40.49
C3 NAG F . -7.52 -0.95 -39.77
C4 NAG F . -6.87 -2.22 -40.29
C5 NAG F . -5.36 -2.07 -40.24
C6 NAG F . -4.63 -3.30 -40.72
C7 NAG F . -8.12 2.51 -40.35
C8 NAG F . -8.46 2.37 -41.80
N2 NAG F . -7.43 1.51 -39.79
O3 NAG F . -8.93 -1.02 -39.91
O4 NAG F . -7.25 -3.32 -39.46
O5 NAG F . -4.99 -1.00 -41.10
O6 NAG F . -3.22 -3.11 -40.65
O7 NAG F . -8.45 3.51 -39.71
C1 NAG G . -23.67 64.35 8.63
C2 NAG G . -24.02 65.35 9.72
C3 NAG G . -25.53 65.46 9.86
C4 NAG G . -26.16 65.83 8.53
C5 NAG G . -25.73 64.85 7.44
C6 NAG G . -26.18 65.26 6.06
C7 NAG G . -22.34 65.59 11.53
C8 NAG G . -21.77 66.76 10.76
N2 NAG G . -23.41 64.99 10.99
O3 NAG G . -25.85 66.44 10.84
O4 NAG G . -27.58 65.79 8.63
O5 NAG G . -24.29 64.75 7.39
O6 NAG G . -27.24 66.20 6.11
O7 NAG G . -21.87 65.24 12.60
C1 NAG H . 23.53 44.20 -6.50
C2 NAG H . 24.82 44.67 -7.14
C3 NAG H . 25.96 43.74 -6.75
C4 NAG H . 26.03 43.55 -5.23
C5 NAG H . 24.66 43.18 -4.67
C6 NAG H . 24.62 43.13 -3.16
C7 NAG H . 24.70 45.88 -9.30
C8 NAG H . 24.92 47.15 -8.54
N2 NAG H . 24.68 44.74 -8.58
O3 NAG H . 27.19 44.28 -7.22
O4 NAG H . 26.94 42.50 -4.93
O5 NAG H . 23.68 44.15 -5.08
O6 NAG H . 23.39 43.64 -2.67
O7 NAG H . 24.58 45.87 -10.52
C1 NAG I . -25.12 46.61 -18.59
C2 NAG I . -26.16 47.62 -19.17
C3 NAG I . -27.59 47.36 -18.68
C4 NAG I . -27.97 45.88 -18.70
C5 NAG I . -26.92 45.11 -17.94
C6 NAG I . -27.20 43.63 -17.91
C7 NAG I . -25.62 49.94 -19.80
C8 NAG I . -25.23 51.30 -19.30
N2 NAG I . -25.77 48.99 -18.87
O3 NAG I . -28.51 48.10 -19.49
O4 NAG I . -29.24 45.69 -18.10
O5 NAG I . -25.66 45.27 -18.60
O6 NAG I . -26.69 43.03 -16.72
O7 NAG I . -25.77 49.70 -20.99
C1 NAG J . -19.48 -62.67 -21.63
C2 NAG J . -19.24 -63.66 -22.75
C3 NAG J . -20.43 -63.66 -23.70
C4 NAG J . -21.72 -63.97 -22.93
C5 NAG J . -21.87 -63.00 -21.75
C6 NAG J . -23.03 -63.37 -20.85
C7 NAG J . -16.86 -64.04 -23.36
C8 NAG J . -16.88 -65.23 -22.43
N2 NAG J . -18.01 -63.36 -23.47
O3 NAG J . -20.23 -64.63 -24.72
O4 NAG J . -22.83 -63.84 -23.79
O5 NAG J . -20.69 -63.01 -20.94
O6 NAG J . -23.95 -64.24 -21.51
O7 NAG J . -15.86 -63.73 -23.99
C1 NAG K . 13.06 -45.63 17.28
C2 NAG K . 13.76 -46.19 18.50
C3 NAG K . 14.99 -45.34 18.83
C4 NAG K . 15.89 -45.17 17.60
C5 NAG K . 15.08 -44.71 16.38
C6 NAG K . 15.86 -44.69 15.10
C7 NAG K . 12.41 -47.35 20.22
C8 NAG K . 12.94 -48.64 19.67
N2 NAG K . 12.86 -46.22 19.63
O3 NAG K . 15.73 -45.95 19.87
O4 NAG K . 16.89 -44.20 17.86
O5 NAG K . 13.97 -45.60 16.17
O6 NAG K . 15.07 -45.11 14.00
O7 NAG K . 11.64 -47.31 21.17
C1 NAG L . -34.35 -44.49 0.87
C2 NAG L . -35.60 -45.41 0.76
C3 NAG L . -36.51 -45.06 -0.42
C4 NAG L . -36.74 -43.56 -0.56
C5 NAG L . -35.40 -42.87 -0.62
C6 NAG L . -35.52 -41.37 -0.76
C7 NAG L . -35.64 -47.74 1.52
C8 NAG L . -35.14 -49.14 1.28
N2 NAG L . -35.20 -46.81 0.68
O3 NAG L . -37.76 -45.72 -0.27
O4 NAG L . -37.46 -43.29 -1.76
O5 NAG L . -34.71 -43.11 0.61
O6 NAG L . -34.40 -40.83 -1.46
O7 NAG L . -36.41 -47.49 2.45
C1 NAG M . -26.75 0.94 31.07
C2 NAG M . -27.93 1.06 30.05
C3 NAG M . -27.87 2.32 29.19
C4 NAG M . -27.53 3.56 30.01
C5 NAG M . -26.26 3.31 30.79
C6 NAG M . -25.82 4.49 31.63
C7 NAG M . -28.94 -1.08 29.28
C8 NAG M . -30.01 -0.87 30.31
N2 NAG M . -27.98 -0.13 29.21
O3 NAG M . -29.13 2.51 28.55
O4 NAG M . -27.31 4.66 29.14
O5 NAG M . -26.49 2.23 31.69
O6 NAG M . -24.62 4.21 32.34
O7 NAG M . -28.92 -2.05 28.53
#